data_2RR4
#
_entry.id   2RR4
#
loop_
_entity.id
_entity.type
_entity.pdbx_description
1 polymer 'Zinc finger CW-type PWWP domain protein 1'
2 polymer 'Histone H3'
3 non-polymer 'ZINC ION'
#
loop_
_entity_poly.entity_id
_entity_poly.type
_entity_poly.pdbx_seq_one_letter_code
_entity_poly.pdbx_strand_id
1 'polypeptide(L)' GSSGSSGEISGFGQCLVWVQCSFPNCGKWRRLCGNIDPSVLPDNWSCDQNTDVQYNRCDIPEETWTGLE A
2 'polypeptide(L)' ART(M3L)QTARKS B
#
# COMPACT_ATOMS: atom_id res chain seq x y z
N GLY A 1 -6.20 21.70 -9.07
CA GLY A 1 -5.48 20.82 -10.01
C GLY A 1 -5.64 21.31 -11.44
N SER A 2 -5.84 20.39 -12.39
CA SER A 2 -6.24 20.69 -13.79
C SER A 2 -5.16 21.47 -14.59
N SER A 3 -3.87 21.28 -14.26
CA SER A 3 -2.74 22.01 -14.85
C SER A 3 -1.46 21.16 -14.85
N GLY A 4 -0.56 21.41 -15.83
CA GLY A 4 0.66 20.64 -16.07
C GLY A 4 1.80 21.07 -15.15
N SER A 5 1.89 20.47 -13.96
CA SER A 5 2.92 20.74 -12.94
C SER A 5 3.24 19.46 -12.15
N SER A 6 4.50 19.25 -11.79
CA SER A 6 4.96 18.14 -10.93
C SER A 6 4.67 18.40 -9.43
N GLY A 7 4.41 17.33 -8.67
CA GLY A 7 4.12 17.40 -7.23
C GLY A 7 2.69 17.89 -6.96
N GLU A 8 1.70 17.07 -7.33
CA GLU A 8 0.27 17.39 -7.14
C GLU A 8 -0.13 17.22 -5.66
N ILE A 9 -0.27 18.34 -4.94
CA ILE A 9 -0.63 18.42 -3.52
C ILE A 9 -1.66 19.54 -3.31
N SER A 10 -2.80 19.24 -2.70
CA SER A 10 -3.90 20.18 -2.45
C SER A 10 -4.91 19.60 -1.43
N GLY A 11 -5.82 20.43 -0.91
CA GLY A 11 -6.85 20.02 0.04
C GLY A 11 -7.82 19.00 -0.58
N PHE A 12 -8.08 17.90 0.15
CA PHE A 12 -8.84 16.70 -0.26
C PHE A 12 -8.12 15.83 -1.33
N GLY A 13 -7.08 16.34 -1.98
CA GLY A 13 -6.29 15.65 -3.01
C GLY A 13 -5.19 14.79 -2.41
N GLN A 14 -5.56 13.79 -1.60
CA GLN A 14 -4.64 12.88 -0.93
C GLN A 14 -4.19 11.74 -1.85
N CYS A 15 -2.88 11.48 -1.86
CA CYS A 15 -2.27 10.30 -2.50
C CYS A 15 -2.31 9.07 -1.58
N LEU A 16 -1.93 7.92 -2.14
CA LEU A 16 -1.83 6.62 -1.46
C LEU A 16 -0.63 5.85 -2.02
N VAL A 17 -0.05 4.93 -1.23
CA VAL A 17 1.09 4.07 -1.63
C VAL A 17 0.70 2.61 -1.42
N TRP A 18 1.08 1.77 -2.38
CA TRP A 18 0.84 0.33 -2.37
C TRP A 18 2.13 -0.44 -2.68
N VAL A 19 2.26 -1.62 -2.07
CA VAL A 19 3.43 -2.52 -2.18
C VAL A 19 2.98 -3.94 -2.52
N GLN A 20 3.61 -4.53 -3.54
CA GLN A 20 3.33 -5.92 -3.96
C GLN A 20 4.24 -6.90 -3.21
N CYS A 21 3.64 -7.96 -2.68
CA CYS A 21 4.31 -9.09 -2.04
C CYS A 21 5.38 -9.74 -2.94
N SER A 22 6.55 -10.04 -2.37
CA SER A 22 7.69 -10.64 -3.07
C SER A 22 7.44 -12.08 -3.55
N PHE A 23 6.49 -12.81 -2.95
CA PHE A 23 6.14 -14.17 -3.37
C PHE A 23 5.24 -14.18 -4.61
N PRO A 24 5.53 -15.04 -5.60
CA PRO A 24 4.77 -15.16 -6.84
C PRO A 24 3.40 -15.82 -6.60
N ASN A 25 3.30 -16.71 -5.61
CA ASN A 25 2.05 -17.33 -5.16
C ASN A 25 1.15 -16.37 -4.33
N CYS A 26 1.65 -15.17 -4.00
CA CYS A 26 0.91 -14.08 -3.37
C CYS A 26 0.56 -13.04 -4.43
N GLY A 27 1.54 -12.18 -4.78
CA GLY A 27 1.37 -11.05 -5.69
C GLY A 27 0.40 -9.99 -5.17
N LYS A 28 0.05 -10.05 -3.88
CA LYS A 28 -0.95 -9.19 -3.25
C LYS A 28 -0.42 -7.76 -3.05
N TRP A 29 -1.29 -6.76 -3.19
CA TRP A 29 -0.95 -5.36 -2.98
C TRP A 29 -1.54 -4.88 -1.64
N ARG A 30 -0.69 -4.51 -0.68
CA ARG A 30 -1.13 -3.95 0.61
C ARG A 30 -0.93 -2.42 0.61
N ARG A 31 -1.84 -1.70 1.26
CA ARG A 31 -1.74 -0.25 1.51
C ARG A 31 -0.67 0.07 2.55
N LEU A 32 -0.14 1.30 2.50
CA LEU A 32 0.82 1.86 3.45
C LEU A 32 0.40 3.26 3.94
N CYS A 33 1.03 3.72 5.01
CA CYS A 33 0.82 5.04 5.61
C CYS A 33 1.42 6.15 4.72
N GLY A 34 0.75 7.31 4.63
CA GLY A 34 1.13 8.42 3.73
C GLY A 34 2.47 9.11 4.05
N ASN A 35 3.07 8.82 5.22
CA ASN A 35 4.41 9.26 5.60
C ASN A 35 5.54 8.37 5.01
N ILE A 36 5.20 7.19 4.46
CA ILE A 36 6.15 6.23 3.87
C ILE A 36 6.27 6.49 2.36
N ASP A 37 7.46 6.26 1.80
CA ASP A 37 7.78 6.49 0.39
C ASP A 37 8.36 5.21 -0.25
N PRO A 38 7.90 4.81 -1.46
CA PRO A 38 8.36 3.59 -2.10
C PRO A 38 9.85 3.58 -2.47
N SER A 39 10.54 4.73 -2.49
CA SER A 39 12.00 4.81 -2.67
C SER A 39 12.81 4.48 -1.40
N VAL A 40 12.15 4.26 -0.24
CA VAL A 40 12.80 3.81 1.02
C VAL A 40 12.30 2.43 1.51
N LEU A 41 11.78 1.60 0.59
CA LEU A 41 11.28 0.24 0.88
C LEU A 41 12.16 -0.86 0.25
N PRO A 42 12.18 -2.07 0.86
CA PRO A 42 13.07 -3.17 0.49
C PRO A 42 12.66 -3.86 -0.79
N ASP A 43 13.63 -4.38 -1.54
CA ASP A 43 13.41 -5.16 -2.79
C ASP A 43 12.78 -6.54 -2.55
N ASN A 44 12.72 -6.98 -1.29
CA ASN A 44 12.15 -8.27 -0.84
C ASN A 44 10.96 -8.05 0.11
N TRP A 45 10.26 -6.91 0.01
CA TRP A 45 9.03 -6.62 0.74
C TRP A 45 7.96 -7.72 0.56
N SER A 46 7.29 -8.12 1.63
CA SER A 46 6.24 -9.15 1.64
C SER A 46 5.11 -8.76 2.62
N CYS A 47 3.99 -9.48 2.61
CA CYS A 47 2.88 -9.25 3.54
C CYS A 47 3.34 -9.18 5.02
N ASP A 48 4.38 -9.94 5.40
CA ASP A 48 4.99 -9.94 6.74
C ASP A 48 5.65 -8.61 7.13
N GLN A 49 5.89 -7.72 6.17
CA GLN A 49 6.52 -6.40 6.30
C GLN A 49 5.48 -5.26 6.23
N ASN A 50 4.18 -5.58 6.31
CA ASN A 50 3.09 -4.60 6.30
C ASN A 50 2.96 -3.81 7.63
N THR A 51 2.38 -2.61 7.54
CA THR A 51 2.13 -1.71 8.69
C THR A 51 0.79 -1.99 9.38
N ASP A 52 -0.11 -2.72 8.72
CA ASP A 52 -1.48 -2.97 9.17
C ASP A 52 -1.71 -4.46 9.49
N VAL A 53 -1.99 -4.75 10.76
CA VAL A 53 -2.11 -6.13 11.31
C VAL A 53 -3.28 -6.92 10.73
N GLN A 54 -4.25 -6.21 10.13
CA GLN A 54 -5.40 -6.78 9.43
C GLN A 54 -5.02 -7.46 8.11
N TYR A 55 -3.83 -7.20 7.57
CA TYR A 55 -3.33 -7.79 6.31
C TYR A 55 -1.81 -8.09 6.34
N ASN A 56 -1.24 -8.31 7.54
CA ASN A 56 0.21 -8.50 7.75
C ASN A 56 0.70 -9.96 7.54
N ARG A 57 -0.07 -10.77 6.82
CA ARG A 57 0.22 -12.19 6.53
C ARG A 57 -0.20 -12.59 5.12
N CYS A 58 0.64 -13.41 4.49
CA CYS A 58 0.42 -14.01 3.17
C CYS A 58 -0.79 -14.96 3.08
N ASP A 59 -1.31 -15.40 4.22
CA ASP A 59 -2.47 -16.29 4.33
C ASP A 59 -3.78 -15.49 4.46
N ILE A 60 -3.68 -14.15 4.44
CA ILE A 60 -4.80 -13.23 4.46
C ILE A 60 -5.09 -12.76 3.02
N PRO A 61 -6.36 -12.81 2.59
CA PRO A 61 -6.77 -12.40 1.25
C PRO A 61 -6.55 -10.90 1.00
N GLU A 62 -6.54 -10.51 -0.27
CA GLU A 62 -6.45 -9.12 -0.70
C GLU A 62 -7.76 -8.35 -0.40
N GLU A 63 -7.65 -7.07 -0.08
CA GLU A 63 -8.75 -6.18 0.34
C GLU A 63 -9.64 -5.77 -0.85
N THR A 64 -10.94 -5.56 -0.58
CA THR A 64 -11.89 -4.96 -1.53
C THR A 64 -11.68 -3.44 -1.52
N TRP A 65 -10.96 -2.94 -2.54
CA TRP A 65 -10.60 -1.52 -2.70
C TRP A 65 -11.38 -0.83 -3.85
N THR A 66 -12.39 -1.52 -4.38
CA THR A 66 -13.15 -1.20 -5.60
C THR A 66 -14.02 0.06 -5.47
N GLY A 67 -14.31 0.52 -4.25
CA GLY A 67 -15.12 1.69 -3.96
C GLY A 67 -15.45 1.81 -2.47
N LEU A 68 -16.74 1.68 -2.13
CA LEU A 68 -17.25 1.64 -0.76
C LEU A 68 -18.38 0.59 -0.67
N GLU A 69 -18.21 -0.38 0.22
CA GLU A 69 -19.03 -1.61 0.36
C GLU A 69 -19.42 -1.90 1.81
N ALA B 1 10.40 -6.29 -5.43
CA ALA B 1 9.11 -5.82 -4.84
C ALA B 1 8.56 -4.65 -5.66
N ARG B 2 7.44 -4.85 -6.39
CA ARG B 2 6.79 -3.75 -7.12
C ARG B 2 6.10 -2.76 -6.17
N THR B 3 6.03 -1.51 -6.62
CA THR B 3 5.41 -0.37 -5.95
C THR B 3 4.58 0.44 -6.94
N GLN B 5 1.24 3.91 -6.82
CA GLN B 5 0.37 4.85 -6.13
C GLN B 5 -0.98 4.93 -6.84
N THR B 6 -2.05 5.19 -6.07
CA THR B 6 -3.41 5.43 -6.58
C THR B 6 -4.00 6.68 -5.93
N ALA B 7 -5.09 7.21 -6.50
CA ALA B 7 -5.88 8.27 -5.88
C ALA B 7 -6.95 7.67 -4.95
N ARG B 8 -7.23 8.32 -3.81
CA ARG B 8 -8.29 7.92 -2.87
C ARG B 8 -9.66 8.30 -3.45
N LYS B 9 -10.22 7.40 -4.28
CA LYS B 9 -11.42 7.61 -5.12
C LYS B 9 -12.29 6.33 -5.23
N SER B 10 -13.52 6.48 -5.74
CA SER B 10 -14.50 5.41 -6.02
C SER B 10 -15.09 5.56 -7.44
N GLY A 1 -4.07 -7.33 -14.47
CA GLY A 1 -3.23 -6.47 -15.33
C GLY A 1 -3.96 -5.19 -15.72
N SER A 2 -3.65 -4.64 -16.90
CA SER A 2 -4.38 -3.52 -17.54
C SER A 2 -4.25 -2.16 -16.80
N SER A 3 -3.27 -2.01 -15.91
CA SER A 3 -3.09 -0.85 -15.02
C SER A 3 -2.43 0.37 -15.68
N GLY A 4 -1.90 0.24 -16.90
CA GLY A 4 -1.23 1.32 -17.64
C GLY A 4 -0.59 0.87 -18.94
N SER A 5 -1.40 0.46 -19.92
CA SER A 5 -0.92 0.01 -21.24
C SER A 5 -0.74 1.17 -22.24
N SER A 6 -1.65 2.16 -22.23
CA SER A 6 -1.64 3.34 -23.11
C SER A 6 -1.48 4.68 -22.33
N GLY A 7 -1.46 4.62 -21.00
CA GLY A 7 -1.25 5.74 -20.07
C GLY A 7 -0.54 5.32 -18.78
N GLU A 8 -0.40 6.25 -17.84
CA GLU A 8 0.31 6.06 -16.57
C GLU A 8 -0.35 6.87 -15.44
N ILE A 9 -0.10 6.46 -14.19
CA ILE A 9 -0.56 7.13 -12.96
C ILE A 9 0.67 7.52 -12.13
N SER A 10 0.78 8.80 -11.78
CA SER A 10 1.95 9.39 -11.12
C SER A 10 1.62 10.76 -10.48
N GLY A 11 2.42 11.17 -9.49
CA GLY A 11 2.24 12.44 -8.76
C GLY A 11 3.30 12.70 -7.70
N PHE A 12 2.96 13.53 -6.71
CA PHE A 12 3.84 13.93 -5.61
C PHE A 12 3.85 12.87 -4.48
N GLY A 13 4.95 12.81 -3.71
CA GLY A 13 5.17 11.85 -2.62
C GLY A 13 4.42 12.20 -1.33
N GLN A 14 3.09 12.16 -1.40
CA GLN A 14 2.15 12.59 -0.36
C GLN A 14 0.75 11.97 -0.55
N CYS A 15 0.72 10.72 -1.03
CA CYS A 15 -0.48 10.00 -1.49
C CYS A 15 -0.51 8.53 -1.00
N LEU A 16 -1.52 7.77 -1.44
CA LEU A 16 -1.65 6.34 -1.14
C LEU A 16 -0.60 5.56 -1.94
N VAL A 17 0.33 4.91 -1.23
CA VAL A 17 1.35 3.98 -1.77
C VAL A 17 0.89 2.53 -1.54
N TRP A 18 0.91 1.72 -2.60
CA TRP A 18 0.71 0.27 -2.52
C TRP A 18 2.03 -0.48 -2.77
N VAL A 19 2.20 -1.62 -2.10
CA VAL A 19 3.37 -2.53 -2.20
C VAL A 19 2.93 -3.95 -2.52
N GLN A 20 3.57 -4.57 -3.51
CA GLN A 20 3.28 -5.95 -3.93
C GLN A 20 4.22 -6.94 -3.23
N CYS A 21 3.64 -8.01 -2.70
CA CYS A 21 4.33 -9.12 -2.06
C CYS A 21 5.43 -9.76 -2.96
N SER A 22 6.59 -10.06 -2.39
CA SER A 22 7.73 -10.66 -3.09
C SER A 22 7.48 -12.10 -3.58
N PHE A 23 6.52 -12.83 -2.98
CA PHE A 23 6.20 -14.19 -3.40
C PHE A 23 5.28 -14.21 -4.64
N PRO A 24 5.59 -15.07 -5.64
CA PRO A 24 4.76 -15.27 -6.82
C PRO A 24 3.44 -15.98 -6.49
N ASN A 25 3.43 -16.79 -5.41
CA ASN A 25 2.25 -17.44 -4.86
C ASN A 25 1.25 -16.45 -4.21
N CYS A 26 1.70 -15.22 -3.96
CA CYS A 26 0.94 -14.12 -3.37
C CYS A 26 0.57 -13.10 -4.46
N GLY A 27 1.54 -12.23 -4.82
CA GLY A 27 1.34 -11.10 -5.72
C GLY A 27 0.34 -10.08 -5.21
N LYS A 28 -0.01 -10.12 -3.92
CA LYS A 28 -1.01 -9.24 -3.31
C LYS A 28 -0.47 -7.84 -3.10
N TRP A 29 -1.33 -6.82 -3.23
CA TRP A 29 -1.01 -5.43 -2.95
C TRP A 29 -1.53 -5.06 -1.55
N ARG A 30 -0.65 -4.56 -0.69
CA ARG A 30 -1.02 -4.00 0.63
C ARG A 30 -0.82 -2.49 0.64
N ARG A 31 -1.65 -1.81 1.44
CA ARG A 31 -1.83 -0.36 1.50
C ARG A 31 -1.00 0.25 2.64
N LEU A 32 -0.21 1.30 2.33
CA LEU A 32 0.70 1.96 3.28
C LEU A 32 0.24 3.39 3.63
N CYS A 33 0.83 3.92 4.70
CA CYS A 33 0.59 5.27 5.23
C CYS A 33 1.20 6.37 4.32
N GLY A 34 0.54 7.54 4.25
CA GLY A 34 0.91 8.63 3.33
C GLY A 34 2.24 9.34 3.63
N ASN A 35 2.86 9.04 4.77
CA ASN A 35 4.21 9.48 5.15
C ASN A 35 5.34 8.52 4.71
N ILE A 36 5.00 7.37 4.10
CA ILE A 36 5.95 6.35 3.60
C ILE A 36 6.13 6.54 2.07
N ASP A 37 7.32 6.21 1.55
CA ASP A 37 7.70 6.40 0.15
C ASP A 37 8.35 5.12 -0.43
N PRO A 38 7.97 4.67 -1.64
CA PRO A 38 8.50 3.44 -2.23
C PRO A 38 9.99 3.49 -2.57
N SER A 39 10.63 4.68 -2.55
CA SER A 39 12.09 4.82 -2.69
C SER A 39 12.87 4.42 -1.40
N VAL A 40 12.18 4.25 -0.26
CA VAL A 40 12.78 3.84 1.04
C VAL A 40 12.27 2.47 1.54
N LEU A 41 11.78 1.61 0.62
CA LEU A 41 11.28 0.26 0.93
C LEU A 41 12.17 -0.85 0.33
N PRO A 42 12.21 -2.04 0.96
CA PRO A 42 13.14 -3.13 0.63
C PRO A 42 12.75 -3.85 -0.66
N ASP A 43 13.76 -4.40 -1.35
CA ASP A 43 13.61 -5.14 -2.61
C ASP A 43 12.96 -6.52 -2.44
N ASN A 44 12.81 -7.00 -1.20
CA ASN A 44 12.20 -8.28 -0.83
C ASN A 44 11.00 -8.08 0.12
N TRP A 45 10.32 -6.93 0.02
CA TRP A 45 9.09 -6.64 0.75
C TRP A 45 8.02 -7.73 0.54
N SER A 46 7.33 -8.13 1.61
CA SER A 46 6.28 -9.16 1.63
C SER A 46 5.16 -8.78 2.59
N CYS A 47 4.03 -9.50 2.58
CA CYS A 47 2.92 -9.25 3.50
C CYS A 47 3.36 -9.20 4.99
N ASP A 48 4.40 -9.95 5.36
CA ASP A 48 5.00 -9.97 6.70
C ASP A 48 5.68 -8.65 7.10
N GLN A 49 5.91 -7.76 6.14
CA GLN A 49 6.53 -6.44 6.30
C GLN A 49 5.50 -5.29 6.21
N ASN A 50 4.20 -5.61 6.29
CA ASN A 50 3.12 -4.62 6.26
C ASN A 50 2.99 -3.80 7.55
N THR A 51 2.50 -2.56 7.41
CA THR A 51 2.19 -1.65 8.52
C THR A 51 0.85 -1.95 9.19
N ASP A 52 -0.08 -2.61 8.48
CA ASP A 52 -1.42 -2.89 8.97
C ASP A 52 -1.59 -4.36 9.38
N VAL A 53 -1.95 -4.59 10.65
CA VAL A 53 -2.05 -5.94 11.26
C VAL A 53 -3.21 -6.77 10.69
N GLN A 54 -4.20 -6.11 10.08
CA GLN A 54 -5.33 -6.77 9.41
C GLN A 54 -4.96 -7.45 8.09
N TYR A 55 -3.79 -7.14 7.53
CA TYR A 55 -3.29 -7.73 6.27
C TYR A 55 -1.77 -8.02 6.31
N ASN A 56 -1.22 -8.28 7.51
CA ASN A 56 0.22 -8.51 7.73
C ASN A 56 0.68 -9.96 7.51
N ARG A 57 -0.11 -10.77 6.79
CA ARG A 57 0.17 -12.18 6.48
C ARG A 57 -0.25 -12.55 5.06
N CYS A 58 0.57 -13.36 4.42
CA CYS A 58 0.36 -13.94 3.09
C CYS A 58 -0.86 -14.86 2.97
N ASP A 59 -1.40 -15.33 4.09
CA ASP A 59 -2.57 -16.21 4.17
C ASP A 59 -3.88 -15.40 4.29
N ILE A 60 -3.76 -14.07 4.31
CA ILE A 60 -4.88 -13.13 4.34
C ILE A 60 -5.16 -12.63 2.92
N PRO A 61 -6.43 -12.63 2.48
CA PRO A 61 -6.84 -12.23 1.15
C PRO A 61 -6.53 -10.75 0.85
N GLU A 62 -6.46 -10.39 -0.43
CA GLU A 62 -6.30 -9.03 -0.91
C GLU A 62 -7.53 -8.16 -0.55
N GLU A 63 -7.33 -6.85 -0.38
CA GLU A 63 -8.31 -5.89 0.13
C GLU A 63 -9.30 -5.43 -0.98
N THR A 64 -10.46 -4.87 -0.59
CA THR A 64 -11.40 -4.20 -1.51
C THR A 64 -11.04 -2.73 -1.62
N TRP A 65 -10.69 -2.29 -2.84
CA TRP A 65 -10.23 -0.92 -3.15
C TRP A 65 -10.90 -0.30 -4.40
N THR A 66 -11.99 -0.93 -4.87
CA THR A 66 -12.76 -0.61 -6.10
C THR A 66 -13.71 0.59 -5.95
N GLY A 67 -13.34 1.57 -5.10
CA GLY A 67 -14.15 2.76 -4.77
C GLY A 67 -14.04 3.91 -5.78
N LEU A 68 -13.50 3.68 -6.98
CA LEU A 68 -13.37 4.67 -8.04
C LEU A 68 -14.73 4.99 -8.69
N GLU A 69 -15.01 6.28 -8.88
CA GLU A 69 -16.26 6.83 -9.48
C GLU A 69 -15.99 8.12 -10.27
N ALA B 1 10.76 -6.08 -5.43
CA ALA B 1 9.45 -5.73 -4.85
C ALA B 1 8.75 -4.68 -5.72
N ARG B 2 7.58 -4.99 -6.28
CA ARG B 2 6.78 -4.03 -7.06
C ARG B 2 6.11 -3.00 -6.14
N THR B 3 5.92 -1.81 -6.71
CA THR B 3 5.39 -0.60 -6.07
C THR B 3 4.54 0.18 -7.06
N GLN B 5 1.38 3.85 -6.91
CA GLN B 5 0.64 4.91 -6.24
C GLN B 5 -0.75 5.02 -6.90
N THR B 6 -1.78 5.36 -6.11
CA THR B 6 -3.16 5.51 -6.60
C THR B 6 -3.77 6.83 -6.13
N ALA B 7 -4.40 7.56 -7.04
CA ALA B 7 -5.09 8.81 -6.75
C ALA B 7 -6.44 8.54 -6.07
N ARG B 8 -6.48 8.66 -4.74
CA ARG B 8 -7.69 8.47 -3.93
C ARG B 8 -8.74 9.57 -4.17
N LYS B 9 -10.01 9.20 -3.97
CA LYS B 9 -11.19 10.03 -4.25
C LYS B 9 -12.41 9.58 -3.43
N SER B 10 -13.18 10.55 -2.91
CA SER B 10 -14.42 10.36 -2.12
C SER B 10 -15.58 9.81 -2.96
N GLY A 1 18.94 -10.37 -3.32
CA GLY A 1 18.17 -9.68 -2.26
C GLY A 1 18.77 -8.32 -1.96
N SER A 2 17.92 -7.31 -1.73
CA SER A 2 18.32 -5.89 -1.63
C SER A 2 17.40 -5.06 -0.71
N SER A 3 17.90 -3.96 -0.19
CA SER A 3 17.23 -3.13 0.83
C SER A 3 17.45 -1.61 0.60
N GLY A 4 16.57 -0.78 1.17
CA GLY A 4 16.57 0.68 1.02
C GLY A 4 17.33 1.41 2.14
N SER A 5 16.86 2.60 2.48
CA SER A 5 17.40 3.47 3.55
C SER A 5 16.30 4.44 4.06
N SER A 6 16.57 5.18 5.13
CA SER A 6 15.55 5.97 5.85
C SER A 6 14.98 7.16 5.05
N GLY A 7 15.74 7.72 4.10
CA GLY A 7 15.29 8.75 3.16
C GLY A 7 14.73 10.02 3.83
N GLU A 8 13.51 10.40 3.45
CA GLU A 8 12.80 11.60 3.92
C GLU A 8 11.28 11.48 3.64
N ILE A 9 10.47 12.31 4.30
CA ILE A 9 9.00 12.33 4.15
C ILE A 9 8.60 13.07 2.86
N SER A 10 7.53 12.60 2.20
CA SER A 10 7.10 13.03 0.86
C SER A 10 6.63 14.50 0.74
N GLY A 11 6.37 15.18 1.85
CA GLY A 11 5.88 16.57 1.89
C GLY A 11 4.39 16.68 1.56
N PHE A 12 3.99 17.80 0.93
CA PHE A 12 2.62 18.05 0.49
C PHE A 12 2.18 17.10 -0.64
N GLY A 13 0.88 16.79 -0.69
CA GLY A 13 0.27 15.78 -1.56
C GLY A 13 -0.57 14.78 -0.77
N GLN A 14 -1.59 14.23 -1.42
CA GLN A 14 -2.59 13.34 -0.81
C GLN A 14 -2.84 12.09 -1.69
N CYS A 15 -1.79 11.58 -2.33
CA CYS A 15 -1.79 10.28 -3.02
C CYS A 15 -1.84 9.10 -2.02
N LEU A 16 -1.89 7.88 -2.56
CA LEU A 16 -1.86 6.63 -1.79
C LEU A 16 -0.82 5.67 -2.39
N VAL A 17 0.03 5.08 -1.55
CA VAL A 17 1.10 4.15 -1.93
C VAL A 17 0.66 2.71 -1.65
N TRP A 18 0.97 1.80 -2.59
CA TRP A 18 0.72 0.36 -2.48
C TRP A 18 1.97 -0.45 -2.84
N VAL A 19 2.08 -1.66 -2.26
CA VAL A 19 3.27 -2.53 -2.32
C VAL A 19 2.90 -3.97 -2.66
N GLN A 20 3.57 -4.56 -3.66
CA GLN A 20 3.36 -5.94 -4.08
C GLN A 20 4.28 -6.89 -3.29
N CYS A 21 3.69 -7.97 -2.76
CA CYS A 21 4.38 -9.06 -2.09
C CYS A 21 5.49 -9.70 -2.96
N SER A 22 6.64 -10.02 -2.35
CA SER A 22 7.80 -10.65 -3.00
C SER A 22 7.54 -12.07 -3.52
N PHE A 23 6.58 -12.80 -2.94
CA PHE A 23 6.24 -14.15 -3.36
C PHE A 23 5.37 -14.17 -4.63
N PRO A 24 5.68 -15.04 -5.61
CA PRO A 24 4.93 -15.17 -6.85
C PRO A 24 3.56 -15.83 -6.63
N ASN A 25 3.46 -16.71 -5.63
CA ASN A 25 2.19 -17.33 -5.19
C ASN A 25 1.28 -16.38 -4.40
N CYS A 26 1.77 -15.18 -4.07
CA CYS A 26 1.01 -14.08 -3.47
C CYS A 26 0.67 -13.04 -4.55
N GLY A 27 1.65 -12.18 -4.87
CA GLY A 27 1.48 -11.05 -5.79
C GLY A 27 0.47 -10.02 -5.28
N LYS A 28 0.10 -10.08 -4.00
CA LYS A 28 -0.93 -9.23 -3.38
C LYS A 28 -0.42 -7.80 -3.18
N TRP A 29 -1.30 -6.82 -3.33
CA TRP A 29 -0.99 -5.41 -3.14
C TRP A 29 -1.55 -4.92 -1.80
N ARG A 30 -0.68 -4.67 -0.82
CA ARG A 30 -1.10 -4.09 0.46
C ARG A 30 -0.94 -2.57 0.44
N ARG A 31 -1.77 -1.91 1.27
CA ARG A 31 -1.90 -0.45 1.35
C ARG A 31 -1.02 0.12 2.48
N LEU A 32 -0.33 1.24 2.22
CA LEU A 32 0.56 1.91 3.19
C LEU A 32 -0.04 3.22 3.74
N CYS A 33 0.74 3.95 4.53
CA CYS A 33 0.41 5.28 5.06
C CYS A 33 1.03 6.40 4.19
N GLY A 34 0.37 7.56 4.11
CA GLY A 34 0.72 8.66 3.19
C GLY A 34 2.05 9.37 3.48
N ASN A 35 2.69 9.09 4.62
CA ASN A 35 4.04 9.57 4.96
C ASN A 35 5.17 8.63 4.51
N ILE A 36 4.85 7.45 3.96
CA ILE A 36 5.82 6.46 3.44
C ILE A 36 6.00 6.66 1.93
N ASP A 37 7.19 6.34 1.41
CA ASP A 37 7.56 6.48 0.00
C ASP A 37 8.19 5.17 -0.53
N PRO A 38 7.86 4.71 -1.75
CA PRO A 38 8.37 3.45 -2.28
C PRO A 38 9.88 3.42 -2.53
N SER A 39 10.58 4.57 -2.48
CA SER A 39 12.05 4.65 -2.51
C SER A 39 12.70 4.32 -1.15
N VAL A 40 11.94 4.26 -0.04
CA VAL A 40 12.44 3.92 1.32
C VAL A 40 12.05 2.50 1.76
N LEU A 41 11.79 1.60 0.78
CA LEU A 41 11.31 0.23 1.00
C LEU A 41 12.25 -0.84 0.39
N PRO A 42 12.26 -2.07 0.95
CA PRO A 42 13.11 -3.17 0.52
C PRO A 42 12.61 -3.84 -0.77
N ASP A 43 13.50 -4.51 -1.49
CA ASP A 43 13.15 -5.30 -2.69
C ASP A 43 12.62 -6.70 -2.35
N ASN A 44 12.79 -7.14 -1.11
CA ASN A 44 12.25 -8.39 -0.56
C ASN A 44 11.01 -8.15 0.32
N TRP A 45 10.34 -7.00 0.15
CA TRP A 45 9.08 -6.67 0.84
C TRP A 45 8.01 -7.74 0.63
N SER A 46 7.30 -8.13 1.68
CA SER A 46 6.23 -9.15 1.67
C SER A 46 5.08 -8.73 2.61
N CYS A 47 3.96 -9.45 2.57
CA CYS A 47 2.83 -9.20 3.47
C CYS A 47 3.25 -9.15 4.96
N ASP A 48 4.28 -9.91 5.36
CA ASP A 48 4.85 -9.92 6.72
C ASP A 48 5.52 -8.58 7.13
N GLN A 49 5.77 -7.70 6.16
CA GLN A 49 6.39 -6.37 6.32
C GLN A 49 5.35 -5.23 6.19
N ASN A 50 4.05 -5.55 6.24
CA ASN A 50 2.96 -4.58 6.16
C ASN A 50 2.81 -3.72 7.43
N THR A 51 2.31 -2.49 7.26
CA THR A 51 1.98 -1.55 8.34
C THR A 51 0.64 -1.85 9.00
N ASP A 52 -0.27 -2.55 8.32
CA ASP A 52 -1.62 -2.85 8.80
C ASP A 52 -1.78 -4.31 9.24
N VAL A 53 -2.15 -4.54 10.49
CA VAL A 53 -2.25 -5.88 11.11
C VAL A 53 -3.40 -6.71 10.53
N GLN A 54 -4.38 -6.07 9.90
CA GLN A 54 -5.50 -6.75 9.24
C GLN A 54 -5.10 -7.45 7.93
N TYR A 55 -3.93 -7.13 7.36
CA TYR A 55 -3.41 -7.72 6.13
C TYR A 55 -1.89 -8.00 6.19
N ASN A 56 -1.36 -8.26 7.39
CA ASN A 56 0.07 -8.47 7.64
C ASN A 56 0.55 -9.93 7.44
N ARG A 57 -0.22 -10.74 6.70
CA ARG A 57 0.06 -12.15 6.40
C ARG A 57 -0.33 -12.53 4.98
N CYS A 58 0.51 -13.34 4.35
CA CYS A 58 0.32 -13.92 3.02
C CYS A 58 -0.89 -14.85 2.87
N ASP A 59 -1.45 -15.32 3.99
CA ASP A 59 -2.61 -16.21 4.04
C ASP A 59 -3.92 -15.41 4.15
N ILE A 60 -3.82 -14.08 4.17
CA ILE A 60 -4.94 -13.15 4.19
C ILE A 60 -5.21 -12.67 2.76
N PRO A 61 -6.48 -12.69 2.30
CA PRO A 61 -6.88 -12.31 0.96
C PRO A 61 -6.58 -10.83 0.67
N GLU A 62 -6.54 -10.49 -0.61
CA GLU A 62 -6.32 -9.12 -1.10
C GLU A 62 -7.55 -8.23 -0.78
N GLU A 63 -7.31 -6.95 -0.49
CA GLU A 63 -8.28 -5.98 0.03
C GLU A 63 -9.10 -5.32 -1.10
N THR A 64 -10.39 -5.04 -0.83
CA THR A 64 -11.26 -4.31 -1.76
C THR A 64 -11.00 -2.80 -1.71
N TRP A 65 -11.01 -2.16 -2.87
CA TRP A 65 -10.73 -0.73 -3.07
C TRP A 65 -11.63 -0.09 -4.15
N THR A 66 -12.71 -0.79 -4.53
CA THR A 66 -13.70 -0.38 -5.54
C THR A 66 -14.63 0.67 -4.95
N GLY A 67 -14.55 1.89 -5.48
CA GLY A 67 -15.42 3.03 -5.15
C GLY A 67 -16.51 3.24 -6.19
N LEU A 68 -16.82 4.51 -6.47
CA LEU A 68 -17.74 4.93 -7.53
C LEU A 68 -17.06 4.76 -8.91
N GLU A 69 -17.66 3.95 -9.79
CA GLU A 69 -17.23 3.66 -11.17
C GLU A 69 -18.37 3.17 -12.08
N ALA B 1 10.69 -5.96 -5.35
CA ALA B 1 9.32 -5.67 -4.85
C ALA B 1 8.68 -4.58 -5.73
N ARG B 2 7.60 -4.90 -6.46
CA ARG B 2 6.85 -3.89 -7.22
C ARG B 2 6.13 -2.91 -6.30
N THR B 3 6.01 -1.68 -6.78
CA THR B 3 5.44 -0.51 -6.10
C THR B 3 4.65 0.33 -7.10
N GLN B 5 1.52 3.98 -7.04
CA GLN B 5 0.72 5.01 -6.39
C GLN B 5 -0.63 5.12 -7.10
N THR B 6 -1.67 5.57 -6.38
CA THR B 6 -3.03 5.76 -6.90
C THR B 6 -3.71 6.98 -6.25
N ALA B 7 -4.89 7.33 -6.76
CA ALA B 7 -5.69 8.47 -6.33
C ALA B 7 -6.78 8.04 -5.31
N ARG B 8 -7.03 8.91 -4.31
CA ARG B 8 -7.96 8.65 -3.21
C ARG B 8 -9.35 9.24 -3.50
N LYS B 9 -10.37 8.38 -3.57
CA LYS B 9 -11.76 8.75 -3.86
C LYS B 9 -12.55 9.03 -2.55
N SER B 10 -12.29 10.20 -1.95
CA SER B 10 -12.91 10.67 -0.69
C SER B 10 -14.39 11.04 -0.87
N GLY A 1 15.58 18.03 16.74
CA GLY A 1 14.71 18.61 17.78
C GLY A 1 13.62 19.47 17.17
N SER A 2 12.35 19.19 17.48
CA SER A 2 11.17 19.90 16.97
C SER A 2 9.91 19.52 17.79
N SER A 3 8.72 19.84 17.29
CA SER A 3 7.41 19.51 17.90
C SER A 3 6.32 19.42 16.82
N GLY A 4 5.31 18.55 17.03
CA GLY A 4 4.28 18.18 16.05
C GLY A 4 4.36 16.68 15.72
N SER A 5 4.23 16.35 14.42
CA SER A 5 4.30 14.97 13.87
C SER A 5 3.05 14.12 14.21
N SER A 6 1.98 14.74 14.72
CA SER A 6 0.73 14.09 15.15
C SER A 6 -0.27 13.82 14.01
N GLY A 7 0.01 14.31 12.79
CA GLY A 7 -0.82 14.17 11.58
C GLY A 7 -0.69 15.33 10.61
N GLU A 8 -1.35 15.24 9.46
CA GLU A 8 -1.34 16.22 8.37
C GLU A 8 -2.71 16.27 7.67
N ILE A 9 -3.15 17.47 7.30
CA ILE A 9 -4.50 17.72 6.74
C ILE A 9 -4.48 17.51 5.22
N SER A 10 -4.52 16.24 4.80
CA SER A 10 -4.56 15.82 3.38
C SER A 10 -5.99 15.91 2.80
N GLY A 11 -6.56 17.13 2.76
CA GLY A 11 -7.94 17.38 2.31
C GLY A 11 -8.12 17.43 0.78
N PHE A 12 -7.02 17.40 0.02
CA PHE A 12 -6.95 17.52 -1.44
C PHE A 12 -5.67 16.88 -1.98
N GLY A 13 -5.68 16.48 -3.26
CA GLY A 13 -4.52 15.83 -3.92
C GLY A 13 -4.17 14.48 -3.29
N GLN A 14 -5.18 13.72 -2.88
CA GLN A 14 -5.05 12.51 -2.06
C GLN A 14 -4.44 11.34 -2.83
N CYS A 15 -3.16 11.06 -2.57
CA CYS A 15 -2.45 9.85 -3.03
C CYS A 15 -2.59 8.69 -2.03
N LEU A 16 -2.17 7.50 -2.47
CA LEU A 16 -2.03 6.29 -1.66
C LEU A 16 -0.90 5.43 -2.24
N VAL A 17 0.07 5.05 -1.42
CA VAL A 17 1.20 4.18 -1.82
C VAL A 17 0.79 2.72 -1.64
N TRP A 18 1.16 1.86 -2.60
CA TRP A 18 0.93 0.42 -2.56
C TRP A 18 2.21 -0.37 -2.88
N VAL A 19 2.30 -1.57 -2.30
CA VAL A 19 3.46 -2.48 -2.37
C VAL A 19 3.00 -3.89 -2.72
N GLN A 20 3.67 -4.54 -3.67
CA GLN A 20 3.39 -5.91 -4.09
C GLN A 20 4.28 -6.90 -3.34
N CYS A 21 3.67 -7.97 -2.83
CA CYS A 21 4.34 -9.09 -2.16
C CYS A 21 5.44 -9.73 -3.03
N SER A 22 6.59 -10.04 -2.43
CA SER A 22 7.74 -10.67 -3.09
C SER A 22 7.49 -12.10 -3.58
N PHE A 23 6.52 -12.82 -2.99
CA PHE A 23 6.17 -14.18 -3.38
C PHE A 23 5.30 -14.21 -4.65
N PRO A 24 5.61 -15.12 -5.61
CA PRO A 24 4.89 -15.24 -6.87
C PRO A 24 3.49 -15.85 -6.70
N ASN A 25 3.33 -16.74 -5.71
CA ASN A 25 2.04 -17.32 -5.31
C ASN A 25 1.15 -16.36 -4.49
N CYS A 26 1.68 -15.19 -4.13
CA CYS A 26 0.94 -14.07 -3.54
C CYS A 26 0.64 -13.04 -4.64
N GLY A 27 1.63 -12.20 -4.96
CA GLY A 27 1.50 -11.08 -5.89
C GLY A 27 0.51 -10.02 -5.41
N LYS A 28 0.11 -10.07 -4.13
CA LYS A 28 -0.91 -9.20 -3.55
C LYS A 28 -0.39 -7.78 -3.35
N TRP A 29 -1.26 -6.79 -3.55
CA TRP A 29 -0.98 -5.40 -3.26
C TRP A 29 -1.58 -5.02 -1.90
N ARG A 30 -0.73 -4.53 -1.00
CA ARG A 30 -1.13 -3.92 0.27
C ARG A 30 -0.84 -2.41 0.20
N ARG A 31 -1.71 -1.61 0.82
CA ARG A 31 -1.59 -0.14 0.91
C ARG A 31 -0.77 0.27 2.16
N LEU A 32 -0.19 1.46 2.12
CA LEU A 32 0.71 2.00 3.16
C LEU A 32 0.29 3.42 3.60
N CYS A 33 0.90 3.90 4.69
CA CYS A 33 0.74 5.28 5.19
C CYS A 33 1.33 6.31 4.21
N GLY A 34 0.68 7.46 4.07
CA GLY A 34 1.10 8.55 3.16
C GLY A 34 2.43 9.22 3.54
N ASN A 35 2.95 8.96 4.74
CA ASN A 35 4.29 9.39 5.20
C ASN A 35 5.41 8.38 4.88
N ILE A 36 5.10 7.26 4.22
CA ILE A 36 6.07 6.27 3.72
C ILE A 36 6.25 6.47 2.21
N ASP A 37 7.45 6.20 1.69
CA ASP A 37 7.82 6.40 0.28
C ASP A 37 8.44 5.11 -0.32
N PRO A 38 8.04 4.70 -1.53
CA PRO A 38 8.55 3.47 -2.15
C PRO A 38 10.05 3.51 -2.47
N SER A 39 10.71 4.67 -2.41
CA SER A 39 12.17 4.79 -2.52
C SER A 39 12.92 4.45 -1.21
N VAL A 40 12.22 4.20 -0.10
CA VAL A 40 12.80 3.77 1.20
C VAL A 40 12.28 2.40 1.69
N LEU A 41 11.82 1.56 0.76
CA LEU A 41 11.30 0.20 1.04
C LEU A 41 12.21 -0.91 0.45
N PRO A 42 12.21 -2.11 1.07
CA PRO A 42 13.12 -3.20 0.74
C PRO A 42 12.76 -3.90 -0.57
N ASP A 43 13.78 -4.44 -1.26
CA ASP A 43 13.62 -5.19 -2.52
C ASP A 43 12.97 -6.58 -2.34
N ASN A 44 12.79 -7.03 -1.09
CA ASN A 44 12.18 -8.30 -0.70
C ASN A 44 10.97 -8.07 0.24
N TRP A 45 10.27 -6.94 0.07
CA TRP A 45 9.03 -6.62 0.77
C TRP A 45 7.96 -7.71 0.55
N SER A 46 7.24 -8.09 1.60
CA SER A 46 6.17 -9.11 1.59
C SER A 46 5.03 -8.70 2.52
N CYS A 47 3.89 -9.40 2.48
CA CYS A 47 2.75 -9.13 3.36
C CYS A 47 3.14 -9.07 4.86
N ASP A 48 4.15 -9.82 5.29
CA ASP A 48 4.70 -9.83 6.65
C ASP A 48 5.37 -8.49 7.06
N GLN A 49 5.65 -7.62 6.09
CA GLN A 49 6.29 -6.31 6.24
C GLN A 49 5.27 -5.15 6.09
N ASN A 50 3.97 -5.45 6.12
CA ASN A 50 2.89 -4.46 6.08
C ASN A 50 2.73 -3.67 7.40
N THR A 51 2.17 -2.46 7.30
CA THR A 51 1.90 -1.56 8.44
C THR A 51 0.51 -1.76 9.04
N ASP A 52 -0.43 -2.34 8.27
CA ASP A 52 -1.80 -2.60 8.71
C ASP A 52 -1.99 -4.07 9.10
N VAL A 53 -2.31 -4.33 10.36
CA VAL A 53 -2.41 -5.68 10.96
C VAL A 53 -3.56 -6.52 10.39
N GLN A 54 -4.52 -5.87 9.73
CA GLN A 54 -5.65 -6.49 9.04
C GLN A 54 -5.23 -7.20 7.75
N TYR A 55 -4.03 -6.92 7.22
CA TYR A 55 -3.49 -7.53 5.99
C TYR A 55 -1.98 -7.82 6.07
N ASN A 56 -1.46 -8.04 7.29
CA ASN A 56 -0.03 -8.26 7.56
C ASN A 56 0.45 -9.72 7.41
N ARG A 57 -0.31 -10.55 6.67
CA ARG A 57 -0.03 -11.97 6.42
C ARG A 57 -0.39 -12.38 4.99
N CYS A 58 0.46 -13.21 4.40
CA CYS A 58 0.28 -13.83 3.09
C CYS A 58 -0.94 -14.76 2.94
N ASP A 59 -1.52 -15.19 4.07
CA ASP A 59 -2.68 -16.06 4.14
C ASP A 59 -3.99 -15.25 4.18
N ILE A 60 -3.87 -13.91 4.14
CA ILE A 60 -4.99 -12.98 4.12
C ILE A 60 -5.23 -12.51 2.67
N PRO A 61 -6.48 -12.54 2.18
CA PRO A 61 -6.84 -12.16 0.83
C PRO A 61 -6.54 -10.68 0.53
N GLU A 62 -6.40 -10.34 -0.76
CA GLU A 62 -6.15 -8.98 -1.23
C GLU A 62 -7.35 -8.06 -0.94
N GLU A 63 -7.10 -6.85 -0.43
CA GLU A 63 -8.16 -5.89 -0.06
C GLU A 63 -8.86 -5.31 -1.31
N THR A 64 -10.19 -5.21 -1.23
CA THR A 64 -11.04 -4.60 -2.26
C THR A 64 -10.97 -3.08 -2.15
N TRP A 65 -10.43 -2.45 -3.18
CA TRP A 65 -10.19 -0.99 -3.26
C TRP A 65 -11.03 -0.30 -4.36
N THR A 66 -12.02 -1.03 -4.90
CA THR A 66 -12.88 -0.64 -6.02
C THR A 66 -13.93 0.37 -5.54
N GLY A 67 -13.62 1.66 -5.66
CA GLY A 67 -14.45 2.81 -5.24
C GLY A 67 -14.45 3.04 -3.73
N LEU A 68 -14.62 1.98 -2.94
CA LEU A 68 -14.65 1.98 -1.48
C LEU A 68 -13.24 2.09 -0.88
N GLU A 69 -13.16 2.57 0.37
CA GLU A 69 -11.92 2.64 1.17
C GLU A 69 -11.35 1.26 1.60
N ALA B 1 10.89 -6.13 -5.37
CA ALA B 1 9.57 -5.75 -4.82
C ALA B 1 8.93 -4.66 -5.70
N ARG B 2 7.78 -4.94 -6.31
CA ARG B 2 7.02 -3.95 -7.09
C ARG B 2 6.34 -2.92 -6.16
N THR B 3 6.18 -1.72 -6.71
CA THR B 3 5.63 -0.53 -6.07
C THR B 3 4.80 0.27 -7.07
N GLN B 5 1.60 3.90 -6.92
CA GLN B 5 0.77 4.88 -6.21
C GLN B 5 -0.56 5.02 -6.96
N THR B 6 -1.66 5.21 -6.22
CA THR B 6 -3.01 5.45 -6.74
C THR B 6 -3.54 6.79 -6.23
N ALA B 7 -4.53 7.35 -6.92
CA ALA B 7 -5.30 8.51 -6.45
C ALA B 7 -6.59 8.02 -5.77
N ARG B 8 -6.84 8.46 -4.53
CA ARG B 8 -8.00 8.05 -3.75
C ARG B 8 -9.32 8.56 -4.35
N LYS B 9 -10.32 7.68 -4.36
CA LYS B 9 -11.70 7.96 -4.81
C LYS B 9 -12.75 7.84 -3.67
N SER B 10 -12.32 7.40 -2.49
CA SER B 10 -13.11 7.27 -1.25
C SER B 10 -13.35 8.60 -0.52
N GLY A 1 -2.07 16.34 9.43
CA GLY A 1 -3.00 16.25 10.58
C GLY A 1 -2.60 15.14 11.55
N SER A 2 -3.56 14.60 12.29
CA SER A 2 -3.45 13.42 13.18
C SER A 2 -2.60 13.63 14.47
N SER A 3 -1.99 14.80 14.67
CA SER A 3 -1.10 15.07 15.82
C SER A 3 -1.86 15.51 17.09
N GLY A 4 -3.00 16.19 16.93
CA GLY A 4 -3.81 16.76 18.01
C GLY A 4 -5.30 16.35 17.99
N SER A 5 -5.66 15.32 17.23
CA SER A 5 -7.07 14.94 16.97
C SER A 5 -7.25 13.41 16.91
N SER A 6 -8.29 12.90 17.57
CA SER A 6 -8.65 11.47 17.59
C SER A 6 -9.53 11.05 16.39
N GLY A 7 -9.69 9.73 16.18
CA GLY A 7 -10.49 9.15 15.10
C GLY A 7 -9.70 8.92 13.82
N GLU A 8 -10.40 8.89 12.68
CA GLU A 8 -9.82 8.62 11.36
C GLU A 8 -10.43 9.59 10.32
N ILE A 9 -9.65 10.59 9.92
CA ILE A 9 -10.05 11.67 8.99
C ILE A 9 -9.28 11.52 7.67
N SER A 10 -9.99 11.51 6.55
CA SER A 10 -9.42 11.32 5.20
C SER A 10 -9.45 12.61 4.36
N GLY A 11 -8.28 13.12 4.00
CA GLY A 11 -8.11 14.27 3.10
C GLY A 11 -8.16 13.87 1.63
N PHE A 12 -8.84 14.67 0.80
CA PHE A 12 -9.08 14.41 -0.62
C PHE A 12 -7.82 14.58 -1.51
N GLY A 13 -6.85 15.39 -1.07
CA GLY A 13 -5.63 15.74 -1.81
C GLY A 13 -4.41 14.89 -1.46
N GLN A 14 -4.58 13.81 -0.69
CA GLN A 14 -3.48 12.94 -0.24
C GLN A 14 -3.03 11.98 -1.35
N CYS A 15 -1.77 11.53 -1.27
CA CYS A 15 -1.23 10.44 -2.07
C CYS A 15 -1.68 9.06 -1.55
N LEU A 16 -1.43 8.00 -2.33
CA LEU A 16 -1.77 6.62 -1.99
C LEU A 16 -0.77 5.66 -2.65
N VAL A 17 -0.07 4.87 -1.83
CA VAL A 17 0.98 3.93 -2.23
C VAL A 17 0.52 2.49 -1.97
N TRP A 18 0.77 1.61 -2.94
CA TRP A 18 0.52 0.18 -2.87
C TRP A 18 1.82 -0.61 -3.15
N VAL A 19 2.03 -1.69 -2.40
CA VAL A 19 3.23 -2.55 -2.46
C VAL A 19 2.87 -3.99 -2.78
N GLN A 20 3.55 -4.60 -3.76
CA GLN A 20 3.33 -5.99 -4.16
C GLN A 20 4.28 -6.93 -3.41
N CYS A 21 3.70 -7.99 -2.83
CA CYS A 21 4.40 -9.07 -2.14
C CYS A 21 5.49 -9.72 -3.03
N SER A 22 6.67 -9.96 -2.46
CA SER A 22 7.81 -10.55 -3.19
C SER A 22 7.58 -12.02 -3.58
N PHE A 23 6.72 -12.75 -2.86
CA PHE A 23 6.38 -14.14 -3.19
C PHE A 23 5.50 -14.24 -4.45
N PRO A 24 5.83 -15.16 -5.37
CA PRO A 24 5.11 -15.35 -6.63
C PRO A 24 3.74 -16.00 -6.44
N ASN A 25 3.60 -16.85 -5.41
CA ASN A 25 2.33 -17.46 -4.98
C ASN A 25 1.41 -16.51 -4.21
N CYS A 26 1.90 -15.29 -3.92
CA CYS A 26 1.13 -14.17 -3.38
C CYS A 26 0.81 -13.18 -4.51
N GLY A 27 1.78 -12.32 -4.85
CA GLY A 27 1.62 -11.23 -5.80
C GLY A 27 0.57 -10.20 -5.35
N LYS A 28 0.16 -10.24 -4.08
CA LYS A 28 -0.88 -9.38 -3.52
C LYS A 28 -0.38 -7.95 -3.34
N TRP A 29 -1.26 -6.97 -3.54
CA TRP A 29 -0.99 -5.57 -3.24
C TRP A 29 -1.55 -5.23 -1.85
N ARG A 30 -0.72 -4.62 -0.99
CA ARG A 30 -1.15 -4.08 0.31
C ARG A 30 -1.01 -2.56 0.31
N ARG A 31 -1.92 -1.90 1.04
CA ARG A 31 -2.01 -0.45 1.15
C ARG A 31 -1.12 0.08 2.27
N LEU A 32 -0.43 1.20 2.04
CA LEU A 32 0.44 1.86 3.03
C LEU A 32 -0.20 3.18 3.53
N CYS A 33 0.58 3.97 4.27
CA CYS A 33 0.22 5.31 4.77
C CYS A 33 1.07 6.39 4.10
N GLY A 34 0.58 7.64 4.08
CA GLY A 34 1.23 8.77 3.40
C GLY A 34 2.58 9.20 3.98
N ASN A 35 2.93 8.71 5.18
CA ASN A 35 4.25 8.91 5.80
C ASN A 35 5.35 7.98 5.21
N ILE A 36 4.98 6.92 4.49
CA ILE A 36 5.89 5.95 3.86
C ILE A 36 6.03 6.26 2.36
N ASP A 37 7.20 5.98 1.78
CA ASP A 37 7.54 6.28 0.38
C ASP A 37 8.18 5.05 -0.30
N PRO A 38 7.76 4.68 -1.52
CA PRO A 38 8.27 3.50 -2.22
C PRO A 38 9.75 3.58 -2.60
N SER A 39 10.38 4.77 -2.53
CA SER A 39 11.83 4.92 -2.72
C SER A 39 12.66 4.47 -1.49
N VAL A 40 12.03 4.22 -0.32
CA VAL A 40 12.70 3.76 0.92
C VAL A 40 12.22 2.37 1.39
N LEU A 41 11.70 1.54 0.48
CA LEU A 41 11.22 0.17 0.77
C LEU A 41 12.11 -0.93 0.15
N PRO A 42 12.16 -2.13 0.77
CA PRO A 42 13.08 -3.20 0.42
C PRO A 42 12.67 -3.94 -0.85
N ASP A 43 13.65 -4.51 -1.56
CA ASP A 43 13.43 -5.31 -2.79
C ASP A 43 12.78 -6.68 -2.51
N ASN A 44 12.77 -7.11 -1.24
CA ASN A 44 12.15 -8.36 -0.76
C ASN A 44 10.99 -8.08 0.20
N TRP A 45 10.33 -6.91 0.06
CA TRP A 45 9.09 -6.58 0.77
C TRP A 45 8.02 -7.67 0.57
N SER A 46 7.30 -8.02 1.62
CA SER A 46 6.24 -9.04 1.61
C SER A 46 5.11 -8.63 2.56
N CYS A 47 3.96 -9.33 2.50
CA CYS A 47 2.83 -9.07 3.40
C CYS A 47 3.22 -9.00 4.89
N ASP A 48 4.25 -9.74 5.31
CA ASP A 48 4.81 -9.74 6.67
C ASP A 48 5.47 -8.39 7.08
N GLN A 49 5.74 -7.52 6.12
CA GLN A 49 6.40 -6.23 6.27
C GLN A 49 5.39 -5.05 6.11
N ASN A 50 4.09 -5.33 6.18
CA ASN A 50 3.02 -4.34 6.06
C ASN A 50 2.86 -3.44 7.30
N THR A 51 2.39 -2.21 7.07
CA THR A 51 2.06 -1.22 8.12
C THR A 51 0.70 -1.47 8.76
N ASP A 52 -0.20 -2.21 8.11
CA ASP A 52 -1.56 -2.47 8.57
C ASP A 52 -1.74 -3.92 9.05
N VAL A 53 -2.15 -4.10 10.31
CA VAL A 53 -2.28 -5.41 10.97
C VAL A 53 -3.43 -6.26 10.41
N GLN A 54 -4.39 -5.63 9.73
CA GLN A 54 -5.50 -6.32 9.06
C GLN A 54 -5.08 -7.08 7.80
N TYR A 55 -3.89 -6.81 7.26
CA TYR A 55 -3.35 -7.46 6.06
C TYR A 55 -1.83 -7.73 6.15
N ASN A 56 -1.33 -7.96 7.36
CA ASN A 56 0.09 -8.16 7.65
C ASN A 56 0.58 -9.62 7.51
N ARG A 57 -0.17 -10.46 6.78
CA ARG A 57 0.12 -11.87 6.53
C ARG A 57 -0.26 -12.30 5.12
N CYS A 58 0.60 -13.13 4.53
CA CYS A 58 0.42 -13.76 3.21
C CYS A 58 -0.80 -14.69 3.09
N ASP A 59 -1.37 -15.12 4.22
CA ASP A 59 -2.53 -16.01 4.31
C ASP A 59 -3.85 -15.23 4.36
N ILE A 60 -3.75 -13.89 4.32
CA ILE A 60 -4.89 -12.97 4.30
C ILE A 60 -5.17 -12.56 2.85
N PRO A 61 -6.43 -12.60 2.41
CA PRO A 61 -6.84 -12.24 1.06
C PRO A 61 -6.57 -10.77 0.74
N GLU A 62 -6.52 -10.43 -0.55
CA GLU A 62 -6.35 -9.07 -1.06
C GLU A 62 -7.59 -8.19 -0.77
N GLU A 63 -7.39 -6.88 -0.60
CA GLU A 63 -8.38 -5.91 -0.11
C GLU A 63 -9.24 -5.35 -1.26
N THR A 64 -10.48 -4.94 -0.97
CA THR A 64 -11.37 -4.28 -1.94
C THR A 64 -11.03 -2.80 -2.10
N TRP A 65 -11.18 -2.28 -3.31
CA TRP A 65 -10.94 -0.87 -3.66
C TRP A 65 -11.73 -0.48 -4.93
N THR A 66 -12.46 0.65 -4.84
CA THR A 66 -13.20 1.24 -5.97
C THR A 66 -12.25 2.01 -6.89
N GLY A 67 -12.53 1.98 -8.19
CA GLY A 67 -11.70 2.59 -9.24
C GLY A 67 -11.96 2.00 -10.64
N LEU A 68 -11.24 2.52 -11.64
CA LEU A 68 -11.30 2.08 -13.04
C LEU A 68 -10.01 1.33 -13.42
N GLU A 69 -10.12 0.42 -14.39
CA GLU A 69 -9.01 -0.39 -14.93
C GLU A 69 -8.04 0.40 -15.86
N ALA B 1 10.04 -7.03 -5.20
CA ALA B 1 8.92 -6.22 -4.68
C ALA B 1 8.57 -5.11 -5.68
N ARG B 2 7.31 -5.06 -6.15
CA ARG B 2 6.81 -4.00 -7.04
C ARG B 2 6.13 -2.89 -6.22
N THR B 3 6.07 -1.69 -6.78
CA THR B 3 5.47 -0.49 -6.19
C THR B 3 4.69 0.27 -7.24
N GLN B 5 1.25 3.60 -7.37
CA GLN B 5 0.38 4.60 -6.73
C GLN B 5 -0.93 4.70 -7.51
N THR B 6 -2.03 5.01 -6.81
CA THR B 6 -3.40 5.00 -7.36
C THR B 6 -4.09 6.32 -7.02
N ALA B 7 -4.94 6.80 -7.91
CA ALA B 7 -5.67 8.06 -7.75
C ALA B 7 -6.95 7.87 -6.91
N ARG B 8 -7.03 8.54 -5.75
CA ARG B 8 -8.25 8.60 -4.92
C ARG B 8 -9.33 9.47 -5.57
N LYS B 9 -10.59 9.07 -5.37
CA LYS B 9 -11.80 9.75 -5.89
C LYS B 9 -13.03 9.39 -5.01
N SER B 10 -13.78 10.40 -4.57
CA SER B 10 -14.99 10.27 -3.72
C SER B 10 -16.24 9.84 -4.50
N GLY A 1 -6.78 28.64 0.46
CA GLY A 1 -8.01 27.88 0.17
C GLY A 1 -9.08 28.10 1.24
N SER A 2 -10.08 27.24 1.29
CA SER A 2 -11.13 27.21 2.34
C SER A 2 -12.13 28.40 2.24
N SER A 3 -12.24 29.04 1.07
CA SER A 3 -13.07 30.25 0.85
C SER A 3 -14.58 29.94 0.71
N GLY A 4 -14.95 28.67 0.51
CA GLY A 4 -16.33 28.19 0.31
C GLY A 4 -16.44 27.19 -0.84
N SER A 5 -17.66 26.99 -1.35
CA SER A 5 -17.95 26.02 -2.42
C SER A 5 -17.31 26.38 -3.77
N SER A 6 -17.00 27.66 -4.01
CA SER A 6 -16.28 28.16 -5.19
C SER A 6 -14.74 28.15 -5.03
N GLY A 7 -14.23 27.82 -3.83
CA GLY A 7 -12.81 27.70 -3.52
C GLY A 7 -12.30 26.26 -3.53
N GLU A 8 -10.99 26.09 -3.33
CA GLU A 8 -10.33 24.79 -3.19
C GLU A 8 -10.01 24.49 -1.72
N ILE A 9 -10.04 23.20 -1.35
CA ILE A 9 -9.87 22.70 0.03
C ILE A 9 -9.04 21.42 -0.01
N SER A 10 -8.00 21.34 0.81
CA SER A 10 -7.06 20.20 0.86
C SER A 10 -7.66 18.93 1.49
N GLY A 11 -7.12 17.76 1.14
CA GLY A 11 -7.49 16.44 1.67
C GLY A 11 -8.49 15.67 0.82
N PHE A 12 -9.27 16.36 -0.02
CA PHE A 12 -10.16 15.75 -1.02
C PHE A 12 -9.33 15.31 -2.24
N GLY A 13 -8.91 14.04 -2.24
CA GLY A 13 -7.94 13.48 -3.19
C GLY A 13 -6.50 13.69 -2.70
N GLN A 14 -5.66 12.66 -2.86
CA GLN A 14 -4.28 12.60 -2.37
C GLN A 14 -3.54 11.40 -3.00
N CYS A 15 -2.21 11.43 -3.01
CA CYS A 15 -1.40 10.26 -3.38
C CYS A 15 -1.49 9.17 -2.30
N LEU A 16 -1.42 7.91 -2.73
CA LEU A 16 -1.61 6.73 -1.90
C LEU A 16 -0.74 5.60 -2.46
N VAL A 17 0.10 4.98 -1.61
CA VAL A 17 1.13 4.02 -2.01
C VAL A 17 0.67 2.59 -1.73
N TRP A 18 0.90 1.71 -2.71
CA TRP A 18 0.67 0.26 -2.62
C TRP A 18 1.96 -0.52 -2.93
N VAL A 19 2.12 -1.68 -2.28
CA VAL A 19 3.31 -2.55 -2.38
C VAL A 19 2.91 -3.98 -2.69
N GLN A 20 3.61 -4.62 -3.64
CA GLN A 20 3.35 -5.99 -4.07
C GLN A 20 4.29 -6.97 -3.36
N CYS A 21 3.71 -8.04 -2.82
CA CYS A 21 4.38 -9.14 -2.13
C CYS A 21 5.49 -9.80 -3.00
N SER A 22 6.64 -10.11 -2.38
CA SER A 22 7.79 -10.73 -3.03
C SER A 22 7.55 -12.18 -3.50
N PHE A 23 6.58 -12.90 -2.90
CA PHE A 23 6.25 -14.27 -3.30
C PHE A 23 5.38 -14.30 -4.57
N PRO A 24 5.70 -15.19 -5.53
CA PRO A 24 4.98 -15.34 -6.79
C PRO A 24 3.60 -15.98 -6.59
N ASN A 25 3.47 -16.85 -5.58
CA ASN A 25 2.18 -17.45 -5.17
C ASN A 25 1.27 -16.47 -4.39
N CYS A 26 1.78 -15.28 -4.06
CA CYS A 26 1.02 -14.16 -3.49
C CYS A 26 0.72 -13.16 -4.60
N GLY A 27 1.70 -12.30 -4.93
CA GLY A 27 1.55 -11.19 -5.85
C GLY A 27 0.52 -10.15 -5.38
N LYS A 28 0.12 -10.21 -4.10
CA LYS A 28 -0.91 -9.34 -3.53
C LYS A 28 -0.38 -7.93 -3.32
N TRP A 29 -1.23 -6.93 -3.53
CA TRP A 29 -0.96 -5.54 -3.19
C TRP A 29 -1.51 -5.24 -1.79
N ARG A 30 -0.68 -4.65 -0.92
CA ARG A 30 -1.12 -4.12 0.38
C ARG A 30 -0.92 -2.60 0.43
N ARG A 31 -1.78 -1.93 1.21
CA ARG A 31 -1.88 -0.48 1.31
C ARG A 31 -0.96 0.06 2.43
N LEU A 32 -0.35 1.23 2.21
CA LEU A 32 0.55 1.89 3.16
C LEU A 32 -0.01 3.24 3.64
N CYS A 33 0.73 3.91 4.53
CA CYS A 33 0.41 5.24 5.07
C CYS A 33 0.99 6.37 4.21
N GLY A 34 0.35 7.54 4.21
CA GLY A 34 0.70 8.70 3.38
C GLY A 34 2.04 9.36 3.71
N ASN A 35 2.67 9.00 4.83
CA ASN A 35 4.00 9.45 5.25
C ASN A 35 5.15 8.49 4.81
N ILE A 36 4.83 7.44 4.06
CA ILE A 36 5.78 6.41 3.56
C ILE A 36 6.00 6.58 2.05
N ASP A 37 7.20 6.27 1.56
CA ASP A 37 7.61 6.45 0.16
C ASP A 37 8.24 5.16 -0.41
N PRO A 38 7.87 4.72 -1.63
CA PRO A 38 8.36 3.47 -2.20
C PRO A 38 9.87 3.47 -2.50
N SER A 39 10.55 4.63 -2.53
CA SER A 39 12.00 4.70 -2.65
C SER A 39 12.76 4.44 -1.33
N VAL A 40 12.06 4.25 -0.19
CA VAL A 40 12.65 3.83 1.10
C VAL A 40 12.15 2.46 1.58
N LEU A 41 11.68 1.60 0.66
CA LEU A 41 11.19 0.25 0.94
C LEU A 41 12.09 -0.86 0.35
N PRO A 42 12.12 -2.06 0.97
CA PRO A 42 13.04 -3.14 0.64
C PRO A 42 12.66 -3.86 -0.66
N ASP A 43 13.67 -4.39 -1.36
CA ASP A 43 13.51 -5.17 -2.60
C ASP A 43 12.87 -6.56 -2.38
N ASN A 44 12.77 -6.99 -1.12
CA ASN A 44 12.19 -8.27 -0.69
C ASN A 44 10.99 -8.07 0.26
N TRP A 45 10.30 -6.92 0.14
CA TRP A 45 9.04 -6.63 0.83
C TRP A 45 7.99 -7.74 0.60
N SER A 46 7.26 -8.12 1.65
CA SER A 46 6.21 -9.15 1.64
C SER A 46 5.06 -8.76 2.57
N CYS A 47 3.94 -9.48 2.54
CA CYS A 47 2.79 -9.24 3.44
C CYS A 47 3.20 -9.18 4.93
N ASP A 48 4.24 -9.92 5.34
CA ASP A 48 4.80 -9.92 6.70
C ASP A 48 5.46 -8.58 7.10
N GLN A 49 5.72 -7.69 6.14
CA GLN A 49 6.33 -6.37 6.29
C GLN A 49 5.29 -5.24 6.16
N ASN A 50 3.99 -5.56 6.22
CA ASN A 50 2.89 -4.59 6.14
C ASN A 50 2.75 -3.72 7.41
N THR A 51 2.14 -2.54 7.22
CA THR A 51 1.87 -1.54 8.29
C THR A 51 0.52 -1.75 8.98
N ASP A 52 -0.35 -2.60 8.41
CA ASP A 52 -1.70 -2.86 8.89
C ASP A 52 -1.91 -4.34 9.23
N VAL A 53 -2.25 -4.62 10.49
CA VAL A 53 -2.37 -5.99 11.06
C VAL A 53 -3.53 -6.80 10.46
N GLN A 54 -4.47 -6.11 9.82
CA GLN A 54 -5.61 -6.69 9.10
C GLN A 54 -5.20 -7.40 7.81
N TYR A 55 -3.99 -7.15 7.29
CA TYR A 55 -3.46 -7.76 6.06
C TYR A 55 -1.94 -8.05 6.14
N ASN A 56 -1.42 -8.28 7.35
CA ASN A 56 0.02 -8.47 7.61
C ASN A 56 0.51 -9.94 7.42
N ARG A 57 -0.25 -10.75 6.68
CA ARG A 57 0.05 -12.17 6.41
C ARG A 57 -0.34 -12.57 5.00
N CYS A 58 0.52 -13.39 4.39
CA CYS A 58 0.33 -13.99 3.07
C CYS A 58 -0.89 -14.93 2.94
N ASP A 59 -1.44 -15.39 4.06
CA ASP A 59 -2.59 -16.28 4.13
C ASP A 59 -3.91 -15.48 4.22
N ILE A 60 -3.82 -14.14 4.21
CA ILE A 60 -4.94 -13.22 4.22
C ILE A 60 -5.21 -12.77 2.78
N PRO A 61 -6.48 -12.81 2.32
CA PRO A 61 -6.87 -12.39 0.99
C PRO A 61 -6.64 -10.90 0.75
N GLU A 62 -6.59 -10.49 -0.52
CA GLU A 62 -6.46 -9.09 -0.93
C GLU A 62 -7.78 -8.31 -0.69
N GLU A 63 -7.67 -7.00 -0.44
CA GLU A 63 -8.77 -6.09 -0.11
C GLU A 63 -9.64 -5.79 -1.35
N THR A 64 -10.93 -5.51 -1.12
CA THR A 64 -11.89 -5.09 -2.14
C THR A 64 -11.78 -3.58 -2.38
N TRP A 65 -10.64 -3.17 -2.95
CA TRP A 65 -10.29 -1.77 -3.22
C TRP A 65 -11.06 -1.12 -4.38
N THR A 66 -11.98 -1.88 -4.98
CA THR A 66 -12.84 -1.54 -6.12
C THR A 66 -14.25 -1.10 -5.70
N GLY A 67 -14.62 -1.28 -4.42
CA GLY A 67 -15.91 -0.88 -3.84
C GLY A 67 -15.79 0.25 -2.81
N LEU A 68 -16.95 0.81 -2.43
CA LEU A 68 -17.08 1.83 -1.37
C LEU A 68 -17.29 1.12 -0.03
N GLU A 69 -16.40 1.37 0.93
CA GLU A 69 -16.35 0.75 2.26
C GLU A 69 -15.68 1.65 3.32
N ALA B 1 10.25 -6.92 -5.14
CA ALA B 1 9.08 -6.19 -4.58
C ALA B 1 8.65 -5.08 -5.55
N ARG B 2 7.44 -5.17 -6.12
CA ARG B 2 6.90 -4.09 -6.96
C ARG B 2 6.25 -2.99 -6.11
N THR B 3 6.18 -1.80 -6.68
CA THR B 3 5.60 -0.59 -6.07
C THR B 3 4.77 0.15 -7.11
N GLN B 5 1.63 3.78 -7.13
CA GLN B 5 0.83 4.83 -6.49
C GLN B 5 -0.52 4.94 -7.19
N THR B 6 -1.54 5.38 -6.45
CA THR B 6 -2.92 5.61 -6.93
C THR B 6 -3.53 6.84 -6.25
N ALA B 7 -4.78 7.13 -6.58
CA ALA B 7 -5.64 8.16 -6.00
C ALA B 7 -7.06 7.62 -5.72
N ARG B 8 -7.17 6.30 -5.45
CA ARG B 8 -8.40 5.53 -5.19
C ARG B 8 -9.39 5.60 -6.36
N LYS B 9 -8.88 5.45 -7.59
CA LYS B 9 -9.67 5.46 -8.84
C LYS B 9 -10.61 4.25 -9.00
N SER B 10 -10.40 3.18 -8.21
CA SER B 10 -11.27 1.98 -8.09
C SER B 10 -11.46 1.24 -9.44
N GLY A 1 -2.83 -0.94 22.56
CA GLY A 1 -3.95 -0.24 21.87
C GLY A 1 -3.85 1.27 22.06
N SER A 2 -4.15 2.05 21.02
CA SER A 2 -4.10 3.53 21.03
C SER A 2 -4.87 4.12 19.82
N SER A 3 -5.27 5.39 19.91
CA SER A 3 -5.92 6.15 18.84
C SER A 3 -5.83 7.66 19.13
N GLY A 4 -5.25 8.44 18.21
CA GLY A 4 -4.99 9.87 18.38
C GLY A 4 -4.75 10.66 17.09
N SER A 5 -5.25 10.17 15.96
CA SER A 5 -5.12 10.84 14.65
C SER A 5 -6.16 11.97 14.48
N SER A 6 -5.86 12.97 13.65
CA SER A 6 -6.70 14.16 13.42
C SER A 6 -6.38 14.84 12.07
N GLY A 7 -7.38 15.56 11.52
CA GLY A 7 -7.34 16.11 10.15
C GLY A 7 -7.71 15.08 9.08
N GLU A 8 -7.97 15.55 7.87
CA GLU A 8 -8.36 14.75 6.71
C GLU A 8 -8.17 15.56 5.40
N ILE A 9 -7.95 14.86 4.28
CA ILE A 9 -7.68 15.43 2.96
C ILE A 9 -8.62 14.81 1.90
N SER A 10 -9.18 15.64 1.03
CA SER A 10 -10.11 15.25 -0.04
C SER A 10 -9.79 16.00 -1.34
N GLY A 11 -10.02 15.36 -2.50
CA GLY A 11 -9.71 15.91 -3.82
C GLY A 11 -8.25 15.68 -4.21
N PHE A 12 -7.56 16.73 -4.67
CA PHE A 12 -6.15 16.70 -5.10
C PHE A 12 -5.18 16.58 -3.92
N GLY A 13 -3.93 16.18 -4.21
CA GLY A 13 -2.81 16.19 -3.25
C GLY A 13 -2.77 15.00 -2.29
N GLN A 14 -3.37 13.86 -2.66
CA GLN A 14 -3.42 12.66 -1.84
C GLN A 14 -2.08 11.90 -1.89
N CYS A 15 -1.55 11.53 -0.72
CA CYS A 15 -0.38 10.65 -0.59
C CYS A 15 -0.85 9.20 -0.32
N LEU A 16 -0.54 8.27 -1.22
CA LEU A 16 -1.00 6.88 -1.20
C LEU A 16 0.01 5.98 -1.91
N VAL A 17 0.48 4.94 -1.21
CA VAL A 17 1.52 4.01 -1.70
C VAL A 17 1.04 2.57 -1.52
N TRP A 18 1.28 1.76 -2.54
CA TRP A 18 0.92 0.34 -2.59
C TRP A 18 2.17 -0.51 -2.89
N VAL A 19 2.28 -1.67 -2.24
CA VAL A 19 3.47 -2.55 -2.27
C VAL A 19 3.06 -3.98 -2.61
N GLN A 20 3.71 -4.57 -3.62
CA GLN A 20 3.46 -5.95 -4.03
C GLN A 20 4.35 -6.94 -3.28
N CYS A 21 3.73 -7.99 -2.73
CA CYS A 21 4.38 -9.11 -2.06
C CYS A 21 5.45 -9.79 -2.95
N SER A 22 6.61 -10.13 -2.37
CA SER A 22 7.73 -10.77 -3.06
C SER A 22 7.44 -12.20 -3.52
N PHE A 23 6.47 -12.89 -2.91
CA PHE A 23 6.08 -14.25 -3.31
C PHE A 23 5.18 -14.25 -4.56
N PRO A 24 5.46 -15.14 -5.53
CA PRO A 24 4.69 -15.27 -6.76
C PRO A 24 3.31 -15.90 -6.53
N ASN A 25 3.20 -16.76 -5.52
CA ASN A 25 1.92 -17.34 -5.06
C ASN A 25 1.04 -16.35 -4.27
N CYS A 26 1.56 -15.15 -3.98
CA CYS A 26 0.85 -14.03 -3.36
C CYS A 26 0.53 -12.98 -4.43
N GLY A 27 1.53 -12.16 -4.79
CA GLY A 27 1.39 -11.04 -5.71
C GLY A 27 0.44 -9.95 -5.21
N LYS A 28 0.11 -9.96 -3.92
CA LYS A 28 -0.89 -9.09 -3.29
C LYS A 28 -0.37 -7.66 -3.10
N TRP A 29 -1.23 -6.65 -3.25
CA TRP A 29 -0.85 -5.25 -3.11
C TRP A 29 -1.42 -4.67 -1.82
N ARG A 30 -0.59 -4.60 -0.78
CA ARG A 30 -0.97 -3.99 0.50
C ARG A 30 -0.77 -2.48 0.45
N ARG A 31 -1.59 -1.77 1.24
CA ARG A 31 -1.69 -0.31 1.28
C ARG A 31 -0.93 0.25 2.49
N LEU A 32 -0.11 1.30 2.27
CA LEU A 32 0.77 1.90 3.28
C LEU A 32 0.33 3.32 3.66
N CYS A 33 0.89 3.82 4.78
CA CYS A 33 0.70 5.19 5.27
C CYS A 33 1.25 6.23 4.29
N GLY A 34 0.57 7.37 4.15
CA GLY A 34 0.97 8.50 3.28
C GLY A 34 2.27 9.20 3.71
N ASN A 35 2.79 8.89 4.91
CA ASN A 35 4.10 9.34 5.40
C ASN A 35 5.28 8.46 4.93
N ILE A 36 5.02 7.37 4.18
CA ILE A 36 6.01 6.41 3.68
C ILE A 36 6.21 6.62 2.17
N ASP A 37 7.39 6.28 1.64
CA ASP A 37 7.77 6.46 0.23
C ASP A 37 8.41 5.18 -0.34
N PRO A 38 8.06 4.74 -1.55
CA PRO A 38 8.59 3.50 -2.13
C PRO A 38 10.09 3.56 -2.45
N SER A 39 10.73 4.74 -2.42
CA SER A 39 12.19 4.88 -2.53
C SER A 39 12.94 4.46 -1.26
N VAL A 40 12.24 4.27 -0.12
CA VAL A 40 12.82 3.81 1.16
C VAL A 40 12.30 2.43 1.61
N LEU A 41 11.82 1.60 0.65
CA LEU A 41 11.31 0.24 0.91
C LEU A 41 12.17 -0.86 0.25
N PRO A 42 12.20 -2.07 0.83
CA PRO A 42 13.11 -3.16 0.46
C PRO A 42 12.70 -3.86 -0.84
N ASP A 43 13.68 -4.41 -1.55
CA ASP A 43 13.49 -5.18 -2.79
C ASP A 43 12.86 -6.58 -2.55
N ASN A 44 12.78 -7.01 -1.29
CA ASN A 44 12.22 -8.29 -0.85
C ASN A 44 11.03 -8.07 0.11
N TRP A 45 10.33 -6.94 -0.01
CA TRP A 45 9.09 -6.64 0.72
C TRP A 45 8.03 -7.75 0.53
N SER A 46 7.32 -8.11 1.59
CA SER A 46 6.26 -9.13 1.63
C SER A 46 5.13 -8.71 2.58
N CYS A 47 4.00 -9.42 2.58
CA CYS A 47 2.88 -9.14 3.48
C CYS A 47 3.31 -9.04 4.97
N ASP A 48 4.33 -9.80 5.37
CA ASP A 48 4.91 -9.79 6.73
C ASP A 48 5.59 -8.45 7.10
N GLN A 49 5.85 -7.59 6.11
CA GLN A 49 6.50 -6.28 6.23
C GLN A 49 5.48 -5.13 6.09
N ASN A 50 4.18 -5.41 6.17
CA ASN A 50 3.10 -4.42 6.12
C ASN A 50 2.96 -3.60 7.42
N THR A 51 2.41 -2.39 7.30
CA THR A 51 2.18 -1.44 8.41
C THR A 51 0.80 -1.59 9.06
N ASP A 52 -0.09 -2.37 8.44
CA ASP A 52 -1.47 -2.58 8.88
C ASP A 52 -1.70 -4.06 9.25
N VAL A 53 -2.01 -4.32 10.52
CA VAL A 53 -2.15 -5.68 11.10
C VAL A 53 -3.33 -6.47 10.54
N GLN A 54 -4.27 -5.77 9.90
CA GLN A 54 -5.43 -6.35 9.21
C GLN A 54 -5.05 -7.08 7.92
N TYR A 55 -3.85 -6.85 7.37
CA TYR A 55 -3.35 -7.48 6.15
C TYR A 55 -1.84 -7.81 6.20
N ASN A 56 -1.29 -8.02 7.41
CA ASN A 56 0.15 -8.24 7.64
C ASN A 56 0.62 -9.70 7.47
N ARG A 57 -0.16 -10.53 6.76
CA ARG A 57 0.10 -11.96 6.51
C ARG A 57 -0.31 -12.38 5.12
N CYS A 58 0.52 -13.22 4.51
CA CYS A 58 0.32 -13.86 3.21
C CYS A 58 -0.91 -14.79 3.12
N ASP A 59 -1.46 -15.19 4.27
CA ASP A 59 -2.63 -16.06 4.38
C ASP A 59 -3.93 -15.25 4.46
N ILE A 60 -3.81 -13.91 4.41
CA ILE A 60 -4.92 -12.96 4.39
C ILE A 60 -5.19 -12.55 2.94
N PRO A 61 -6.45 -12.57 2.48
CA PRO A 61 -6.85 -12.19 1.14
C PRO A 61 -6.58 -10.71 0.86
N GLU A 62 -6.53 -10.34 -0.42
CA GLU A 62 -6.33 -8.96 -0.85
C GLU A 62 -7.55 -8.07 -0.56
N GLU A 63 -7.31 -6.80 -0.24
CA GLU A 63 -8.30 -5.79 0.14
C GLU A 63 -9.18 -5.39 -1.06
N THR A 64 -10.44 -5.04 -0.77
CA THR A 64 -11.48 -4.72 -1.77
C THR A 64 -11.35 -3.26 -2.21
N TRP A 65 -10.27 -2.96 -2.95
CA TRP A 65 -9.89 -1.61 -3.37
C TRP A 65 -10.73 -1.03 -4.54
N THR A 66 -11.73 -1.80 -4.99
CA THR A 66 -12.66 -1.47 -6.08
C THR A 66 -13.70 -0.46 -5.60
N GLY A 67 -13.66 0.75 -6.17
CA GLY A 67 -14.64 1.82 -5.93
C GLY A 67 -15.79 1.79 -6.95
N LEU A 68 -16.39 2.96 -7.20
CA LEU A 68 -17.37 3.16 -8.27
C LEU A 68 -16.66 3.14 -9.64
N GLU A 69 -17.22 2.39 -10.60
CA GLU A 69 -16.66 2.18 -11.96
C GLU A 69 -17.54 2.79 -13.06
N ALA B 1 10.48 -6.43 -5.44
CA ALA B 1 9.21 -5.93 -4.87
C ALA B 1 8.68 -4.77 -5.72
N ARG B 2 7.55 -4.95 -6.43
CA ARG B 2 6.93 -3.85 -7.19
C ARG B 2 6.25 -2.85 -6.27
N THR B 3 6.21 -1.59 -6.73
CA THR B 3 5.64 -0.43 -6.05
C THR B 3 4.85 0.42 -7.04
N GLN B 5 1.57 3.95 -6.90
CA GLN B 5 0.75 4.95 -6.24
C GLN B 5 -0.56 5.10 -7.04
N THR B 6 -1.70 5.33 -6.37
CA THR B 6 -3.01 5.49 -7.01
C THR B 6 -3.70 6.77 -6.53
N ALA B 7 -4.76 7.18 -7.23
CA ALA B 7 -5.61 8.32 -6.89
C ALA B 7 -7.00 7.90 -6.34
N ARG B 8 -7.18 6.60 -6.03
CA ARG B 8 -8.48 5.97 -5.70
C ARG B 8 -9.55 6.24 -6.79
N LYS B 9 -9.12 6.23 -8.05
CA LYS B 9 -9.91 6.53 -9.25
C LYS B 9 -9.30 5.82 -10.49
N SER B 10 -10.15 5.35 -11.41
CA SER B 10 -9.78 4.55 -12.60
C SER B 10 -10.50 5.00 -13.88
N GLY A 1 -0.81 1.42 17.02
CA GLY A 1 -2.15 1.89 16.64
C GLY A 1 -2.69 2.87 17.67
N SER A 2 -2.87 4.14 17.28
CA SER A 2 -3.25 5.25 18.17
C SER A 2 -4.15 6.27 17.45
N SER A 3 -5.04 6.94 18.19
CA SER A 3 -6.07 7.85 17.65
C SER A 3 -5.64 9.34 17.58
N GLY A 4 -4.34 9.62 17.69
CA GLY A 4 -3.75 10.97 17.81
C GLY A 4 -3.70 11.77 16.49
N SER A 5 -4.82 11.80 15.77
CA SER A 5 -5.11 12.63 14.57
C SER A 5 -4.14 12.47 13.37
N SER A 6 -3.35 11.39 13.34
CA SER A 6 -2.42 11.06 12.25
C SER A 6 -3.12 10.80 10.90
N GLY A 7 -2.44 11.11 9.78
CA GLY A 7 -2.97 11.05 8.41
C GLY A 7 -2.81 12.37 7.68
N GLU A 8 -3.85 12.82 6.96
CA GLU A 8 -3.88 14.12 6.28
C GLU A 8 -3.89 15.29 7.28
N ILE A 9 -3.33 16.44 6.86
CA ILE A 9 -3.26 17.68 7.66
C ILE A 9 -3.70 18.88 6.79
N SER A 10 -4.89 18.79 6.21
CA SER A 10 -5.56 19.82 5.39
C SER A 10 -4.96 20.01 3.98
N GLY A 11 -4.05 19.12 3.55
CA GLY A 11 -3.42 19.14 2.22
C GLY A 11 -4.35 18.63 1.13
N PHE A 12 -4.38 19.32 -0.02
CA PHE A 12 -5.29 19.05 -1.14
C PHE A 12 -4.75 18.03 -2.16
N GLY A 13 -3.43 17.74 -2.14
CA GLY A 13 -2.77 16.78 -3.02
C GLY A 13 -2.91 15.36 -2.51
N GLN A 14 -4.04 14.72 -2.81
CA GLN A 14 -4.34 13.35 -2.38
C GLN A 14 -3.46 12.30 -3.09
N CYS A 15 -3.13 11.22 -2.36
CA CYS A 15 -2.25 10.13 -2.78
C CYS A 15 -2.47 8.89 -1.90
N LEU A 16 -2.01 7.73 -2.36
CA LEU A 16 -2.02 6.44 -1.67
C LEU A 16 -0.93 5.54 -2.27
N VAL A 17 -0.03 5.03 -1.43
CA VAL A 17 1.09 4.16 -1.83
C VAL A 17 0.70 2.69 -1.64
N TRP A 18 1.05 1.85 -2.61
CA TRP A 18 0.86 0.40 -2.55
C TRP A 18 2.18 -0.36 -2.79
N VAL A 19 2.28 -1.54 -2.18
CA VAL A 19 3.43 -2.46 -2.26
C VAL A 19 2.95 -3.86 -2.64
N GLN A 20 3.63 -4.49 -3.61
CA GLN A 20 3.35 -5.86 -4.03
C GLN A 20 4.26 -6.85 -3.28
N CYS A 21 3.65 -7.91 -2.75
CA CYS A 21 4.33 -9.03 -2.11
C CYS A 21 5.40 -9.67 -3.01
N SER A 22 6.59 -9.93 -2.44
CA SER A 22 7.73 -10.51 -3.15
C SER A 22 7.51 -11.97 -3.58
N PHE A 23 6.62 -12.71 -2.89
CA PHE A 23 6.27 -14.08 -3.28
C PHE A 23 5.38 -14.13 -4.54
N PRO A 24 5.69 -15.01 -5.50
CA PRO A 24 4.98 -15.14 -6.76
C PRO A 24 3.60 -15.77 -6.59
N ASN A 25 3.44 -16.68 -5.62
CA ASN A 25 2.16 -17.29 -5.23
C ASN A 25 1.25 -16.33 -4.41
N CYS A 26 1.75 -15.15 -4.06
CA CYS A 26 1.01 -14.05 -3.46
C CYS A 26 0.68 -13.01 -4.54
N GLY A 27 1.67 -12.16 -4.86
CA GLY A 27 1.53 -11.04 -5.78
C GLY A 27 0.52 -9.99 -5.32
N LYS A 28 0.14 -10.01 -4.04
CA LYS A 28 -0.89 -9.16 -3.45
C LYS A 28 -0.41 -7.73 -3.25
N TRP A 29 -1.29 -6.76 -3.43
CA TRP A 29 -1.03 -5.34 -3.16
C TRP A 29 -1.65 -4.94 -1.81
N ARG A 30 -0.83 -4.37 -0.93
CA ARG A 30 -1.24 -3.84 0.38
C ARG A 30 -1.02 -2.32 0.42
N ARG A 31 -1.91 -1.59 1.10
CA ARG A 31 -1.82 -0.14 1.32
C ARG A 31 -0.79 0.20 2.42
N LEU A 32 -0.24 1.42 2.34
CA LEU A 32 0.73 1.97 3.29
C LEU A 32 0.35 3.38 3.77
N CYS A 33 0.99 3.82 4.86
CA CYS A 33 0.82 5.14 5.47
C CYS A 33 1.40 6.25 4.56
N GLY A 34 0.78 7.44 4.56
CA GLY A 34 1.15 8.57 3.71
C GLY A 34 2.50 9.22 4.02
N ASN A 35 3.12 8.86 5.15
CA ASN A 35 4.47 9.28 5.54
C ASN A 35 5.60 8.38 4.96
N ILE A 36 5.25 7.30 4.24
CA ILE A 36 6.18 6.32 3.68
C ILE A 36 6.35 6.55 2.17
N ASP A 37 7.55 6.29 1.64
CA ASP A 37 7.91 6.46 0.22
C ASP A 37 8.47 5.15 -0.36
N PRO A 38 8.04 4.71 -1.55
CA PRO A 38 8.50 3.47 -2.15
C PRO A 38 9.99 3.45 -2.53
N SER A 39 10.68 4.59 -2.52
CA SER A 39 12.14 4.68 -2.70
C SER A 39 12.92 4.25 -1.44
N VAL A 40 12.26 4.11 -0.27
CA VAL A 40 12.89 3.66 0.99
C VAL A 40 12.35 2.30 1.49
N LEU A 41 11.82 1.47 0.58
CA LEU A 41 11.29 0.13 0.88
C LEU A 41 12.17 -1.00 0.27
N PRO A 42 12.19 -2.20 0.89
CA PRO A 42 13.09 -3.30 0.56
C PRO A 42 12.68 -4.02 -0.73
N ASP A 43 13.68 -4.58 -1.43
CA ASP A 43 13.49 -5.36 -2.66
C ASP A 43 12.79 -6.72 -2.43
N ASN A 44 12.74 -7.17 -1.18
CA ASN A 44 12.10 -8.42 -0.73
C ASN A 44 10.92 -8.15 0.22
N TRP A 45 10.27 -6.98 0.09
CA TRP A 45 9.03 -6.66 0.80
C TRP A 45 7.95 -7.74 0.61
N SER A 46 7.24 -8.09 1.66
CA SER A 46 6.18 -9.10 1.65
C SER A 46 5.04 -8.68 2.59
N CYS A 47 3.89 -9.37 2.54
CA CYS A 47 2.76 -9.11 3.43
C CYS A 47 3.17 -9.06 4.94
N ASP A 48 4.19 -9.82 5.35
CA ASP A 48 4.75 -9.83 6.71
C ASP A 48 5.42 -8.49 7.12
N GLN A 49 5.70 -7.62 6.16
CA GLN A 49 6.35 -6.31 6.32
C GLN A 49 5.34 -5.15 6.18
N ASN A 50 4.03 -5.44 6.26
CA ASN A 50 2.95 -4.44 6.16
C ASN A 50 2.78 -3.59 7.43
N THR A 51 2.20 -2.39 7.27
CA THR A 51 1.91 -1.42 8.34
C THR A 51 0.53 -1.62 8.97
N ASP A 52 -0.34 -2.40 8.33
CA ASP A 52 -1.72 -2.64 8.75
C ASP A 52 -1.96 -4.10 9.13
N VAL A 53 -2.31 -4.34 10.40
CA VAL A 53 -2.45 -5.70 10.99
C VAL A 53 -3.60 -6.51 10.39
N GLN A 54 -4.53 -5.84 9.72
CA GLN A 54 -5.66 -6.44 9.01
C GLN A 54 -5.23 -7.19 7.74
N TYR A 55 -4.01 -6.95 7.24
CA TYR A 55 -3.46 -7.58 6.03
C TYR A 55 -1.94 -7.88 6.14
N ASN A 56 -1.43 -8.06 7.36
CA ASN A 56 0.01 -8.25 7.64
C ASN A 56 0.50 -9.70 7.50
N ARG A 57 -0.22 -10.54 6.75
CA ARG A 57 0.09 -11.96 6.52
C ARG A 57 -0.27 -12.39 5.10
N CYS A 58 0.60 -13.21 4.53
CA CYS A 58 0.44 -13.86 3.21
C CYS A 58 -0.75 -14.83 3.10
N ASP A 59 -1.32 -15.23 4.24
CA ASP A 59 -2.47 -16.13 4.33
C ASP A 59 -3.80 -15.35 4.37
N ILE A 60 -3.71 -14.01 4.32
CA ILE A 60 -4.84 -13.09 4.27
C ILE A 60 -5.07 -12.67 2.81
N PRO A 61 -6.32 -12.74 2.31
CA PRO A 61 -6.68 -12.39 0.94
C PRO A 61 -6.41 -10.92 0.64
N GLU A 62 -6.30 -10.59 -0.65
CA GLU A 62 -6.07 -9.24 -1.13
C GLU A 62 -7.26 -8.32 -0.79
N GLU A 63 -6.96 -7.10 -0.31
CA GLU A 63 -7.97 -6.11 0.08
C GLU A 63 -8.78 -5.62 -1.12
N THR A 64 -10.10 -5.44 -0.90
CA THR A 64 -11.04 -4.91 -1.89
C THR A 64 -10.77 -3.42 -2.10
N TRP A 65 -10.43 -3.04 -3.33
CA TRP A 65 -10.03 -1.67 -3.71
C TRP A 65 -10.81 -1.10 -4.90
N THR A 66 -11.91 -1.78 -5.28
CA THR A 66 -12.73 -1.53 -6.48
C THR A 66 -14.18 -2.00 -6.26
N GLY A 67 -15.07 -1.64 -7.18
CA GLY A 67 -16.53 -1.84 -7.08
C GLY A 67 -17.27 -0.60 -6.55
N LEU A 68 -18.59 -0.70 -6.43
CA LEU A 68 -19.50 0.38 -6.01
C LEU A 68 -19.89 0.25 -4.53
N GLU A 69 -20.19 1.39 -3.89
CA GLU A 69 -20.63 1.50 -2.49
C GLU A 69 -22.17 1.58 -2.34
N ALA B 1 10.49 -6.33 -5.37
CA ALA B 1 9.18 -5.89 -4.84
C ALA B 1 8.64 -4.72 -5.67
N ARG B 2 7.55 -4.90 -6.41
CA ARG B 2 6.91 -3.80 -7.16
C ARG B 2 6.20 -2.82 -6.22
N THR B 3 6.12 -1.57 -6.68
CA THR B 3 5.50 -0.43 -6.01
C THR B 3 4.73 0.41 -7.03
N GLN B 5 1.50 4.02 -6.99
CA GLN B 5 0.72 5.05 -6.32
C GLN B 5 -0.63 5.19 -7.03
N THR B 6 -1.70 5.45 -6.28
CA THR B 6 -3.07 5.63 -6.81
C THR B 6 -3.67 6.95 -6.28
N ALA B 7 -4.59 7.53 -7.04
CA ALA B 7 -5.40 8.65 -6.59
C ALA B 7 -6.62 8.14 -5.77
N ARG B 8 -6.85 8.73 -4.59
CA ARG B 8 -8.02 8.46 -3.76
C ARG B 8 -9.27 9.19 -4.28
N LYS B 9 -10.40 9.07 -3.56
CA LYS B 9 -11.72 9.59 -3.98
C LYS B 9 -12.58 10.09 -2.79
N SER B 10 -11.96 10.89 -1.92
CA SER B 10 -12.61 11.56 -0.77
C SER B 10 -13.79 12.47 -1.16
N GLY A 1 -4.52 4.83 22.09
CA GLY A 1 -4.51 5.76 20.95
C GLY A 1 -5.74 5.56 20.08
N SER A 2 -5.55 5.43 18.76
CA SER A 2 -6.64 5.12 17.81
C SER A 2 -7.01 3.62 17.81
N SER A 3 -8.13 3.25 17.19
CA SER A 3 -8.54 1.85 17.02
C SER A 3 -7.75 1.10 15.92
N GLY A 4 -7.04 1.85 15.06
CA GLY A 4 -6.06 1.35 14.08
C GLY A 4 -6.64 0.68 12.84
N SER A 5 -7.50 -0.32 13.03
CA SER A 5 -7.96 -1.24 11.97
C SER A 5 -9.44 -1.66 12.16
N SER A 6 -10.34 -0.69 12.37
CA SER A 6 -11.78 -0.90 12.55
C SER A 6 -12.62 0.21 11.89
N GLY A 7 -13.85 -0.11 11.49
CA GLY A 7 -14.71 0.75 10.67
C GLY A 7 -14.35 0.70 9.17
N GLU A 8 -14.85 1.67 8.42
CA GLU A 8 -14.61 1.81 6.96
C GLU A 8 -14.42 3.29 6.59
N ILE A 9 -13.32 3.61 5.92
CA ILE A 9 -12.96 4.97 5.53
C ILE A 9 -13.51 5.27 4.14
N SER A 10 -14.72 5.81 4.05
CA SER A 10 -15.45 6.08 2.80
C SER A 10 -14.98 7.35 2.05
N GLY A 11 -13.99 8.08 2.59
CA GLY A 11 -13.52 9.38 2.09
C GLY A 11 -12.47 9.30 0.96
N PHE A 12 -11.87 10.46 0.67
CA PHE A 12 -10.82 10.64 -0.33
C PHE A 12 -9.45 10.08 0.11
N GLY A 13 -8.50 10.04 -0.82
CA GLY A 13 -7.10 9.69 -0.58
C GLY A 13 -6.22 9.97 -1.80
N GLN A 14 -5.11 10.67 -1.57
CA GLN A 14 -4.15 11.13 -2.58
C GLN A 14 -2.71 10.83 -2.13
N CYS A 15 -1.76 10.74 -3.09
CA CYS A 15 -0.38 10.29 -2.86
C CYS A 15 -0.35 8.89 -2.20
N LEU A 16 -1.35 8.06 -2.53
CA LEU A 16 -1.68 6.80 -1.87
C LEU A 16 -0.77 5.68 -2.41
N VAL A 17 0.14 5.15 -1.58
CA VAL A 17 1.14 4.13 -1.95
C VAL A 17 0.60 2.73 -1.69
N TRP A 18 0.79 1.83 -2.66
CA TRP A 18 0.54 0.39 -2.57
C TRP A 18 1.83 -0.41 -2.86
N VAL A 19 1.95 -1.58 -2.24
CA VAL A 19 3.13 -2.47 -2.29
C VAL A 19 2.75 -3.89 -2.66
N GLN A 20 3.47 -4.51 -3.59
CA GLN A 20 3.25 -5.89 -4.02
C GLN A 20 4.21 -6.86 -3.33
N CYS A 21 3.65 -7.94 -2.79
CA CYS A 21 4.35 -9.04 -2.14
C CYS A 21 5.46 -9.66 -3.02
N SER A 22 6.61 -9.97 -2.41
CA SER A 22 7.77 -10.59 -3.07
C SER A 22 7.53 -12.03 -3.55
N PHE A 23 6.56 -12.76 -2.96
CA PHE A 23 6.26 -14.13 -3.34
C PHE A 23 5.37 -14.19 -4.60
N PRO A 24 5.67 -15.09 -5.55
CA PRO A 24 4.95 -15.23 -6.81
C PRO A 24 3.57 -15.87 -6.62
N ASN A 25 3.42 -16.76 -5.63
CA ASN A 25 2.15 -17.36 -5.21
C ASN A 25 1.25 -16.40 -4.40
N CYS A 26 1.76 -15.21 -4.08
CA CYS A 26 1.01 -14.09 -3.50
C CYS A 26 0.70 -13.07 -4.61
N GLY A 27 1.68 -12.21 -4.93
CA GLY A 27 1.52 -11.09 -5.85
C GLY A 27 0.48 -10.07 -5.38
N LYS A 28 0.08 -10.12 -4.11
CA LYS A 28 -0.97 -9.29 -3.52
C LYS A 28 -0.49 -7.86 -3.31
N TRP A 29 -1.39 -6.89 -3.51
CA TRP A 29 -1.15 -5.50 -3.18
C TRP A 29 -1.73 -5.16 -1.80
N ARG A 30 -0.88 -4.63 -0.91
CA ARG A 30 -1.26 -4.09 0.40
C ARG A 30 -1.05 -2.58 0.42
N ARG A 31 -1.83 -1.90 1.27
CA ARG A 31 -1.92 -0.44 1.37
C ARG A 31 -1.05 0.09 2.52
N LEU A 32 -0.27 1.15 2.28
CA LEU A 32 0.60 1.77 3.29
C LEU A 32 -0.07 2.99 3.96
N CYS A 33 0.66 3.67 4.87
CA CYS A 33 0.18 4.81 5.65
C CYS A 33 0.08 6.13 4.83
N GLY A 34 0.72 6.19 3.66
CA GLY A 34 0.86 7.41 2.84
C GLY A 34 1.98 8.38 3.29
N ASN A 35 2.59 8.09 4.45
CA ASN A 35 3.72 8.84 5.02
C ASN A 35 5.07 8.09 4.84
N ILE A 36 5.09 7.08 3.96
CA ILE A 36 6.26 6.25 3.63
C ILE A 36 6.49 6.31 2.12
N ASP A 37 7.74 6.43 1.69
CA ASP A 37 8.10 6.59 0.27
C ASP A 37 8.60 5.26 -0.33
N PRO A 38 8.11 4.85 -1.53
CA PRO A 38 8.50 3.60 -2.16
C PRO A 38 9.99 3.52 -2.56
N SER A 39 10.73 4.63 -2.56
CA SER A 39 12.18 4.67 -2.76
C SER A 39 13.00 4.22 -1.53
N VAL A 40 12.37 4.10 -0.34
CA VAL A 40 13.02 3.65 0.91
C VAL A 40 12.48 2.29 1.43
N LEU A 41 11.82 1.52 0.56
CA LEU A 41 11.31 0.17 0.88
C LEU A 41 12.25 -0.95 0.35
N PRO A 42 12.24 -2.13 1.00
CA PRO A 42 13.13 -3.24 0.67
C PRO A 42 12.74 -3.93 -0.64
N ASP A 43 13.73 -4.46 -1.36
CA ASP A 43 13.54 -5.24 -2.59
C ASP A 43 12.88 -6.62 -2.35
N ASN A 44 12.79 -7.05 -1.09
CA ASN A 44 12.17 -8.29 -0.64
C ASN A 44 10.98 -8.03 0.31
N TRP A 45 10.29 -6.88 0.14
CA TRP A 45 9.05 -6.57 0.82
C TRP A 45 7.97 -7.65 0.60
N SER A 46 7.24 -8.03 1.64
CA SER A 46 6.20 -9.05 1.62
C SER A 46 5.05 -8.64 2.55
N CYS A 47 3.92 -9.36 2.51
CA CYS A 47 2.76 -9.09 3.38
C CYS A 47 3.15 -9.01 4.89
N ASP A 48 4.18 -9.75 5.32
CA ASP A 48 4.74 -9.73 6.68
C ASP A 48 5.36 -8.38 7.09
N GLN A 49 5.60 -7.49 6.11
CA GLN A 49 6.25 -6.18 6.26
C GLN A 49 5.23 -5.03 6.08
N ASN A 50 3.93 -5.32 6.15
CA ASN A 50 2.84 -4.33 6.08
C ASN A 50 2.68 -3.49 7.36
N THR A 51 2.07 -2.31 7.22
CA THR A 51 1.79 -1.37 8.33
C THR A 51 0.43 -1.59 8.97
N ASP A 52 -0.48 -2.29 8.30
CA ASP A 52 -1.86 -2.55 8.72
C ASP A 52 -2.05 -4.03 9.11
N VAL A 53 -2.40 -4.29 10.37
CA VAL A 53 -2.47 -5.64 10.97
C VAL A 53 -3.60 -6.51 10.38
N GLN A 54 -4.56 -5.86 9.72
CA GLN A 54 -5.66 -6.50 9.01
C GLN A 54 -5.21 -7.24 7.74
N TYR A 55 -4.01 -6.97 7.23
CA TYR A 55 -3.45 -7.60 6.02
C TYR A 55 -1.93 -7.86 6.13
N ASN A 56 -1.42 -8.05 7.35
CA ASN A 56 0.01 -8.22 7.63
C ASN A 56 0.53 -9.66 7.50
N ARG A 57 -0.19 -10.52 6.76
CA ARG A 57 0.12 -11.94 6.53
C ARG A 57 -0.24 -12.40 5.12
N CYS A 58 0.63 -13.21 4.54
CA CYS A 58 0.46 -13.86 3.24
C CYS A 58 -0.74 -14.83 3.13
N ASP A 59 -1.29 -15.26 4.27
CA ASP A 59 -2.43 -16.16 4.35
C ASP A 59 -3.76 -15.39 4.39
N ILE A 60 -3.68 -14.05 4.35
CA ILE A 60 -4.83 -13.14 4.31
C ILE A 60 -5.09 -12.74 2.84
N PRO A 61 -6.36 -12.80 2.38
CA PRO A 61 -6.74 -12.46 1.01
C PRO A 61 -6.50 -10.98 0.69
N GLU A 62 -6.44 -10.65 -0.60
CA GLU A 62 -6.23 -9.31 -1.10
C GLU A 62 -7.42 -8.39 -0.78
N GLU A 63 -7.16 -7.13 -0.40
CA GLU A 63 -8.19 -6.11 -0.15
C GLU A 63 -9.00 -5.81 -1.43
N THR A 64 -10.30 -5.55 -1.28
CA THR A 64 -11.25 -5.24 -2.36
C THR A 64 -11.22 -3.74 -2.61
N TRP A 65 -10.22 -3.28 -3.37
CA TRP A 65 -9.93 -1.87 -3.64
C TRP A 65 -10.74 -1.27 -4.82
N THR A 66 -11.76 -1.99 -5.29
CA THR A 66 -12.55 -1.70 -6.51
C THR A 66 -13.21 -0.31 -6.49
N GLY A 67 -13.30 0.31 -7.67
CA GLY A 67 -13.91 1.63 -7.90
C GLY A 67 -15.31 1.49 -8.50
N LEU A 68 -15.38 1.53 -9.84
CA LEU A 68 -16.62 1.44 -10.63
C LEU A 68 -16.31 0.78 -11.98
N GLU A 69 -17.02 -0.32 -12.27
CA GLU A 69 -16.85 -1.19 -13.46
C GLU A 69 -18.08 -2.08 -13.70
N ALA B 1 10.14 -7.04 -4.97
CA ALA B 1 9.02 -6.18 -4.53
C ALA B 1 8.62 -5.23 -5.67
N ARG B 2 7.32 -4.92 -5.80
CA ARG B 2 6.82 -3.86 -6.70
C ARG B 2 6.13 -2.78 -5.88
N THR B 3 6.08 -1.58 -6.45
CA THR B 3 5.47 -0.37 -5.85
C THR B 3 4.71 0.40 -6.91
N GLN B 5 1.43 3.92 -7.04
CA GLN B 5 0.56 4.91 -6.40
C GLN B 5 -0.78 4.97 -7.13
N THR B 6 -1.83 5.41 -6.41
CA THR B 6 -3.21 5.55 -6.92
C THR B 6 -3.92 6.71 -6.23
N ALA B 7 -5.23 6.83 -6.44
CA ALA B 7 -6.11 7.80 -5.78
C ALA B 7 -7.50 7.18 -5.51
N ARG B 8 -7.98 7.33 -4.26
CA ARG B 8 -9.33 6.95 -3.84
C ARG B 8 -10.38 7.95 -4.34
N LYS B 9 -11.64 7.50 -4.34
CA LYS B 9 -12.83 8.29 -4.72
C LYS B 9 -12.89 8.62 -6.23
N SER B 10 -12.23 7.79 -7.06
CA SER B 10 -12.24 7.84 -8.54
C SER B 10 -13.63 7.56 -9.12
N GLY A 1 -20.71 -0.34 21.27
CA GLY A 1 -19.69 0.33 20.42
C GLY A 1 -20.20 1.68 19.93
N SER A 2 -20.13 1.92 18.62
CA SER A 2 -20.57 3.17 17.95
C SER A 2 -20.80 2.94 16.44
N SER A 3 -21.51 3.86 15.80
CA SER A 3 -21.86 3.83 14.35
C SER A 3 -21.33 5.05 13.58
N GLY A 4 -20.40 5.82 14.17
CA GLY A 4 -19.82 7.03 13.57
C GLY A 4 -18.97 6.71 12.33
N SER A 5 -19.17 7.45 11.26
CA SER A 5 -18.52 7.26 9.96
C SER A 5 -17.37 8.26 9.70
N SER A 6 -16.65 8.11 8.58
CA SER A 6 -15.58 9.02 8.14
C SER A 6 -15.51 9.06 6.61
N GLY A 7 -15.60 10.27 6.04
CA GLY A 7 -15.57 10.53 4.58
C GLY A 7 -14.65 11.72 4.23
N GLU A 8 -14.13 11.72 3.02
CA GLU A 8 -13.25 12.78 2.50
C GLU A 8 -14.08 13.94 1.93
N ILE A 9 -14.63 14.78 2.82
CA ILE A 9 -15.53 15.90 2.47
C ILE A 9 -14.77 16.97 1.68
N SER A 10 -14.95 16.98 0.36
CA SER A 10 -14.28 17.87 -0.61
C SER A 10 -12.75 17.65 -0.70
N GLY A 11 -12.22 16.59 -0.09
CA GLY A 11 -10.79 16.27 -0.02
C GLY A 11 -10.32 15.38 -1.17
N PHE A 12 -9.13 15.66 -1.72
CA PHE A 12 -8.51 14.94 -2.82
C PHE A 12 -6.98 15.13 -2.82
N GLY A 13 -6.26 14.30 -3.60
CA GLY A 13 -4.81 14.43 -3.81
C GLY A 13 -3.93 13.75 -2.75
N GLN A 14 -4.50 12.86 -1.93
CA GLN A 14 -3.78 12.09 -0.91
C GLN A 14 -2.75 11.15 -1.55
N CYS A 15 -1.58 10.97 -0.90
CA CYS A 15 -0.49 10.12 -1.38
C CYS A 15 -0.77 8.64 -1.09
N LEU A 16 -1.68 8.03 -1.87
CA LEU A 16 -2.10 6.64 -1.70
C LEU A 16 -1.09 5.68 -2.37
N VAL A 17 -0.17 5.15 -1.57
CA VAL A 17 0.87 4.18 -1.96
C VAL A 17 0.39 2.75 -1.70
N TRP A 18 0.67 1.85 -2.66
CA TRP A 18 0.46 0.40 -2.56
C TRP A 18 1.75 -0.38 -2.84
N VAL A 19 1.87 -1.55 -2.24
CA VAL A 19 3.07 -2.44 -2.27
C VAL A 19 2.68 -3.86 -2.65
N GLN A 20 3.42 -4.46 -3.59
CA GLN A 20 3.21 -5.85 -4.00
C GLN A 20 4.17 -6.80 -3.27
N CYS A 21 3.61 -7.90 -2.75
CA CYS A 21 4.34 -8.99 -2.12
C CYS A 21 5.44 -9.58 -3.02
N SER A 22 6.62 -9.83 -2.43
CA SER A 22 7.79 -10.39 -3.13
C SER A 22 7.58 -11.86 -3.58
N PHE A 23 6.71 -12.62 -2.90
CA PHE A 23 6.41 -13.99 -3.28
C PHE A 23 5.52 -14.07 -4.53
N PRO A 24 5.88 -14.95 -5.49
CA PRO A 24 5.17 -15.10 -6.76
C PRO A 24 3.80 -15.78 -6.60
N ASN A 25 3.67 -16.68 -5.61
CA ASN A 25 2.41 -17.33 -5.22
C ASN A 25 1.48 -16.41 -4.42
N CYS A 26 1.93 -15.21 -4.07
CA CYS A 26 1.15 -14.12 -3.47
C CYS A 26 0.80 -13.10 -4.56
N GLY A 27 1.75 -12.22 -4.89
CA GLY A 27 1.58 -11.10 -5.81
C GLY A 27 0.52 -10.09 -5.34
N LYS A 28 0.13 -10.14 -4.06
CA LYS A 28 -0.93 -9.32 -3.48
C LYS A 28 -0.49 -7.87 -3.28
N TRP A 29 -1.40 -6.93 -3.47
CA TRP A 29 -1.19 -5.51 -3.19
C TRP A 29 -1.79 -5.16 -1.83
N ARG A 30 -0.95 -4.65 -0.93
CA ARG A 30 -1.36 -4.10 0.37
C ARG A 30 -1.20 -2.57 0.36
N ARG A 31 -2.02 -1.90 1.18
CA ARG A 31 -2.09 -0.44 1.28
C ARG A 31 -1.20 0.07 2.43
N LEU A 32 -0.49 1.18 2.23
CA LEU A 32 0.37 1.81 3.25
C LEU A 32 -0.32 3.02 3.92
N CYS A 33 0.36 3.61 4.92
CA CYS A 33 -0.09 4.81 5.64
C CYS A 33 -0.06 6.10 4.78
N GLY A 34 0.71 6.10 3.68
CA GLY A 34 0.90 7.24 2.77
C GLY A 34 2.07 8.16 3.14
N ASN A 35 2.55 8.08 4.39
CA ASN A 35 3.75 8.80 4.87
C ASN A 35 5.07 8.07 4.51
N ILE A 36 4.99 6.78 4.12
CA ILE A 36 6.14 5.95 3.72
C ILE A 36 6.32 6.07 2.20
N ASP A 37 7.56 6.28 1.76
CA ASP A 37 7.91 6.46 0.34
C ASP A 37 8.42 5.14 -0.29
N PRO A 38 7.93 4.75 -1.48
CA PRO A 38 8.34 3.50 -2.13
C PRO A 38 9.82 3.46 -2.54
N SER A 39 10.54 4.59 -2.56
CA SER A 39 11.98 4.64 -2.81
C SER A 39 12.83 4.20 -1.60
N VAL A 40 12.23 4.06 -0.40
CA VAL A 40 12.93 3.60 0.84
C VAL A 40 12.42 2.24 1.35
N LEU A 41 11.73 1.46 0.51
CA LEU A 41 11.24 0.11 0.83
C LEU A 41 12.19 -1.00 0.30
N PRO A 42 12.20 -2.18 0.95
CA PRO A 42 13.09 -3.29 0.62
C PRO A 42 12.67 -4.00 -0.66
N ASP A 43 13.63 -4.54 -1.41
CA ASP A 43 13.39 -5.32 -2.63
C ASP A 43 12.72 -6.68 -2.36
N ASN A 44 12.74 -7.13 -1.10
CA ASN A 44 12.12 -8.37 -0.61
C ASN A 44 10.91 -8.09 0.31
N TRP A 45 10.27 -6.92 0.16
CA TRP A 45 9.02 -6.59 0.85
C TRP A 45 7.94 -7.66 0.65
N SER A 46 7.21 -8.02 1.69
CA SER A 46 6.16 -9.04 1.66
C SER A 46 5.01 -8.64 2.59
N CYS A 47 3.88 -9.35 2.53
CA CYS A 47 2.73 -9.11 3.41
C CYS A 47 3.12 -9.06 4.92
N ASP A 48 4.16 -9.80 5.33
CA ASP A 48 4.71 -9.80 6.69
C ASP A 48 5.34 -8.46 7.13
N GLN A 49 5.61 -7.57 6.17
CA GLN A 49 6.24 -6.25 6.34
C GLN A 49 5.23 -5.10 6.19
N ASN A 50 3.92 -5.40 6.26
CA ASN A 50 2.84 -4.42 6.15
C ASN A 50 2.67 -3.52 7.39
N THR A 51 2.07 -2.33 7.18
CA THR A 51 1.76 -1.34 8.22
C THR A 51 0.38 -1.51 8.85
N ASP A 52 -0.47 -2.37 8.26
CA ASP A 52 -1.84 -2.64 8.69
C ASP A 52 -2.02 -4.12 9.10
N VAL A 53 -2.40 -4.35 10.36
CA VAL A 53 -2.51 -5.70 10.99
C VAL A 53 -3.63 -6.56 10.39
N GLN A 54 -4.58 -5.92 9.71
CA GLN A 54 -5.68 -6.57 9.01
C GLN A 54 -5.24 -7.34 7.75
N TYR A 55 -4.03 -7.06 7.24
CA TYR A 55 -3.46 -7.70 6.04
C TYR A 55 -1.95 -7.95 6.16
N ASN A 56 -1.44 -8.14 7.38
CA ASN A 56 -0.01 -8.31 7.68
C ASN A 56 0.53 -9.75 7.54
N ARG A 57 -0.18 -10.61 6.78
CA ARG A 57 0.15 -12.02 6.55
C ARG A 57 -0.19 -12.45 5.13
N CYS A 58 0.69 -13.25 4.54
CA CYS A 58 0.55 -13.88 3.23
C CYS A 58 -0.63 -14.88 3.11
N ASP A 59 -1.19 -15.31 4.23
CA ASP A 59 -2.32 -16.24 4.30
C ASP A 59 -3.66 -15.48 4.34
N ILE A 60 -3.61 -14.15 4.32
CA ILE A 60 -4.76 -13.26 4.28
C ILE A 60 -5.02 -12.85 2.82
N PRO A 61 -6.27 -12.94 2.33
CA PRO A 61 -6.65 -12.60 0.97
C PRO A 61 -6.42 -11.13 0.66
N GLU A 62 -6.31 -10.80 -0.63
CA GLU A 62 -6.14 -9.43 -1.11
C GLU A 62 -7.39 -8.58 -0.81
N GLU A 63 -7.19 -7.35 -0.32
CA GLU A 63 -8.27 -6.39 -0.06
C GLU A 63 -9.00 -6.01 -1.36
N THR A 64 -10.33 -5.85 -1.26
CA THR A 64 -11.19 -5.39 -2.35
C THR A 64 -11.02 -3.88 -2.50
N TRP A 65 -10.44 -3.46 -3.62
CA TRP A 65 -10.26 -2.06 -4.02
C TRP A 65 -10.99 -1.77 -5.34
N THR A 66 -11.54 -0.56 -5.47
CA THR A 66 -12.42 -0.16 -6.58
C THR A 66 -11.84 1.06 -7.28
N GLY A 67 -11.43 0.87 -8.53
CA GLY A 67 -10.97 1.94 -9.44
C GLY A 67 -12.10 2.54 -10.27
N LEU A 68 -11.73 3.33 -11.29
CA LEU A 68 -12.65 4.02 -12.19
C LEU A 68 -11.99 4.14 -13.58
N GLU A 69 -12.63 3.58 -14.61
CA GLU A 69 -12.11 3.48 -15.99
C GLU A 69 -12.17 4.81 -16.78
N ALA B 1 10.39 -6.24 -5.26
CA ALA B 1 9.06 -5.79 -4.75
C ALA B 1 8.54 -4.65 -5.62
N ARG B 2 7.43 -4.84 -6.35
CA ARG B 2 6.77 -3.74 -7.08
C ARG B 2 6.05 -2.78 -6.13
N THR B 3 5.94 -1.53 -6.57
CA THR B 3 5.31 -0.41 -5.89
C THR B 3 4.55 0.43 -6.90
N GLN B 5 1.36 4.00 -7.05
CA GLN B 5 0.51 5.04 -6.47
C GLN B 5 -0.81 5.07 -7.25
N THR B 6 -1.90 5.43 -6.58
CA THR B 6 -3.25 5.53 -7.16
C THR B 6 -4.04 6.66 -6.49
N ALA B 7 -5.33 6.78 -6.78
CA ALA B 7 -6.22 7.82 -6.24
C ALA B 7 -7.69 7.37 -6.21
N ARG B 8 -8.40 7.74 -5.15
CA ARG B 8 -9.81 7.37 -4.90
C ARG B 8 -10.81 8.43 -5.43
N LYS B 9 -10.32 9.56 -5.95
CA LYS B 9 -11.07 10.66 -6.57
C LYS B 9 -10.16 11.57 -7.43
N SER B 10 -10.76 12.52 -8.16
CA SER B 10 -10.09 13.44 -9.13
C SER B 10 -10.71 14.84 -9.11
N GLY A 1 -6.49 28.72 -5.86
CA GLY A 1 -5.14 28.17 -5.62
C GLY A 1 -4.40 28.96 -4.55
N SER A 2 -3.07 29.02 -4.65
CA SER A 2 -2.17 29.66 -3.66
C SER A 2 -0.76 29.88 -4.25
N SER A 3 0.11 30.60 -3.53
CA SER A 3 1.46 30.98 -3.95
C SER A 3 2.56 30.43 -3.00
N GLY A 4 3.82 30.47 -3.46
CA GLY A 4 4.98 29.90 -2.74
C GLY A 4 5.24 28.46 -3.16
N SER A 5 4.92 27.51 -2.29
CA SER A 5 4.99 26.07 -2.57
C SER A 5 3.86 25.57 -3.49
N SER A 6 3.97 24.35 -4.02
CA SER A 6 2.96 23.73 -4.89
C SER A 6 1.74 23.23 -4.10
N GLY A 7 0.67 24.03 -4.07
CA GLY A 7 -0.60 23.71 -3.40
C GLY A 7 -1.51 22.82 -4.27
N GLU A 8 -2.06 21.77 -3.66
CA GLU A 8 -3.01 20.86 -4.30
C GLU A 8 -4.47 21.28 -4.02
N ILE A 9 -5.42 20.73 -4.78
CA ILE A 9 -6.86 20.93 -4.57
C ILE A 9 -7.28 20.28 -3.24
N SER A 10 -8.02 21.01 -2.40
CA SER A 10 -8.51 20.55 -1.10
C SER A 10 -9.51 19.37 -1.21
N GLY A 11 -9.39 18.40 -0.31
CA GLY A 11 -10.15 17.14 -0.33
C GLY A 11 -9.35 15.98 -0.93
N PHE A 12 -9.41 15.82 -2.25
CA PHE A 12 -8.89 14.64 -2.96
C PHE A 12 -7.38 14.71 -3.30
N GLY A 13 -6.64 15.69 -2.76
CA GLY A 13 -5.19 15.83 -2.92
C GLY A 13 -4.34 14.85 -2.10
N GLN A 14 -4.95 13.85 -1.46
CA GLN A 14 -4.27 12.84 -0.64
C GLN A 14 -3.66 11.72 -1.51
N CYS A 15 -2.34 11.56 -1.44
CA CYS A 15 -1.59 10.48 -2.08
C CYS A 15 -1.81 9.12 -1.39
N LEU A 16 -1.60 8.03 -2.13
CA LEU A 16 -1.71 6.65 -1.65
C LEU A 16 -0.57 5.81 -2.25
N VAL A 17 0.20 5.11 -1.42
CA VAL A 17 1.30 4.21 -1.85
C VAL A 17 0.84 2.76 -1.66
N TRP A 18 1.14 1.91 -2.64
CA TRP A 18 0.91 0.45 -2.58
C TRP A 18 2.18 -0.33 -2.90
N VAL A 19 2.32 -1.51 -2.30
CA VAL A 19 3.49 -2.41 -2.40
C VAL A 19 3.05 -3.83 -2.71
N GLN A 20 3.75 -4.49 -3.65
CA GLN A 20 3.46 -5.87 -4.05
C GLN A 20 4.35 -6.88 -3.30
N CYS A 21 3.71 -7.94 -2.79
CA CYS A 21 4.35 -9.06 -2.12
C CYS A 21 5.45 -9.74 -2.98
N SER A 22 6.58 -10.05 -2.37
CA SER A 22 7.75 -10.68 -3.03
C SER A 22 7.49 -12.12 -3.49
N PHE A 23 6.53 -12.84 -2.90
CA PHE A 23 6.18 -14.20 -3.28
C PHE A 23 5.32 -14.23 -4.57
N PRO A 24 5.64 -15.13 -5.51
CA PRO A 24 4.95 -15.26 -6.79
C PRO A 24 3.54 -15.86 -6.65
N ASN A 25 3.36 -16.73 -5.66
CA ASN A 25 2.06 -17.30 -5.28
C ASN A 25 1.16 -16.34 -4.47
N CYS A 26 1.69 -15.15 -4.12
CA CYS A 26 0.95 -14.03 -3.54
C CYS A 26 0.69 -13.00 -4.65
N GLY A 27 1.69 -12.16 -4.94
CA GLY A 27 1.60 -11.04 -5.87
C GLY A 27 0.58 -9.98 -5.43
N LYS A 28 0.16 -10.02 -4.15
CA LYS A 28 -0.88 -9.15 -3.60
C LYS A 28 -0.37 -7.73 -3.38
N TRP A 29 -1.23 -6.73 -3.56
CA TRP A 29 -0.93 -5.33 -3.26
C TRP A 29 -1.52 -4.95 -1.90
N ARG A 30 -0.68 -4.42 -1.01
CA ARG A 30 -1.08 -3.84 0.26
C ARG A 30 -0.78 -2.33 0.25
N ARG A 31 -1.65 -1.55 0.89
CA ARG A 31 -1.53 -0.09 1.02
C ARG A 31 -0.67 0.31 2.22
N LEU A 32 -0.04 1.48 2.15
CA LEU A 32 0.86 2.04 3.16
C LEU A 32 0.46 3.47 3.57
N CYS A 33 1.04 3.94 4.67
CA CYS A 33 0.84 5.29 5.22
C CYS A 33 1.44 6.37 4.29
N GLY A 34 0.79 7.55 4.21
CA GLY A 34 1.20 8.66 3.34
C GLY A 34 2.54 9.32 3.72
N ASN A 35 3.08 9.01 4.91
CA ASN A 35 4.41 9.44 5.37
C ASN A 35 5.55 8.52 4.89
N ILE A 36 5.24 7.41 4.20
CA ILE A 36 6.20 6.42 3.68
C ILE A 36 6.40 6.63 2.16
N ASP A 37 7.60 6.38 1.66
CA ASP A 37 7.98 6.55 0.25
C ASP A 37 8.53 5.24 -0.34
N PRO A 38 8.09 4.83 -1.56
CA PRO A 38 8.52 3.57 -2.17
C PRO A 38 10.03 3.52 -2.50
N SER A 39 10.75 4.65 -2.51
CA SER A 39 12.21 4.69 -2.67
C SER A 39 12.98 4.36 -1.38
N VAL A 40 12.30 4.18 -0.23
CA VAL A 40 12.91 3.74 1.05
C VAL A 40 12.39 2.38 1.54
N LEU A 41 11.88 1.53 0.63
CA LEU A 41 11.34 0.19 0.91
C LEU A 41 12.20 -0.94 0.31
N PRO A 42 12.19 -2.14 0.92
CA PRO A 42 13.06 -3.26 0.58
C PRO A 42 12.63 -3.95 -0.71
N ASP A 43 13.61 -4.51 -1.44
CA ASP A 43 13.39 -5.30 -2.66
C ASP A 43 12.74 -6.67 -2.39
N ASN A 44 12.72 -7.09 -1.12
CA ASN A 44 12.13 -8.35 -0.64
C ASN A 44 10.91 -8.10 0.28
N TRP A 45 10.24 -6.95 0.11
CA TRP A 45 8.99 -6.63 0.80
C TRP A 45 7.91 -7.71 0.58
N SER A 46 7.18 -8.08 1.64
CA SER A 46 6.12 -9.10 1.63
C SER A 46 4.96 -8.68 2.55
N CYS A 47 3.83 -9.38 2.50
CA CYS A 47 2.68 -9.11 3.37
C CYS A 47 3.06 -9.02 4.88
N ASP A 48 4.07 -9.78 5.31
CA ASP A 48 4.60 -9.76 6.69
C ASP A 48 5.27 -8.42 7.09
N GLN A 49 5.57 -7.56 6.11
CA GLN A 49 6.21 -6.25 6.26
C GLN A 49 5.19 -5.09 6.10
N ASN A 50 3.89 -5.38 6.17
CA ASN A 50 2.81 -4.40 6.06
C ASN A 50 2.62 -3.53 7.33
N THR A 51 2.05 -2.33 7.14
CA THR A 51 1.75 -1.35 8.20
C THR A 51 0.39 -1.56 8.86
N ASP A 52 -0.46 -2.40 8.27
CA ASP A 52 -1.84 -2.65 8.69
C ASP A 52 -2.08 -4.12 9.03
N VAL A 53 -2.45 -4.40 10.29
CA VAL A 53 -2.60 -5.76 10.85
C VAL A 53 -3.75 -6.57 10.24
N GLN A 54 -4.68 -5.87 9.58
CA GLN A 54 -5.81 -6.46 8.85
C GLN A 54 -5.39 -7.15 7.55
N TYR A 55 -4.18 -6.90 7.05
CA TYR A 55 -3.63 -7.49 5.82
C TYR A 55 -2.12 -7.82 5.93
N ASN A 56 -1.62 -8.06 7.14
CA ASN A 56 -0.19 -8.29 7.43
C ASN A 56 0.27 -9.76 7.24
N ARG A 57 -0.49 -10.56 6.50
CA ARG A 57 -0.23 -11.99 6.24
C ARG A 57 -0.58 -12.38 4.81
N CYS A 58 0.28 -13.22 4.23
CA CYS A 58 0.13 -13.83 2.90
C CYS A 58 -1.11 -14.73 2.73
N ASP A 59 -1.73 -15.16 3.83
CA ASP A 59 -2.91 -16.01 3.86
C ASP A 59 -4.20 -15.19 3.90
N ILE A 60 -4.07 -13.85 3.91
CA ILE A 60 -5.17 -12.89 3.87
C ILE A 60 -5.37 -12.42 2.42
N PRO A 61 -6.62 -12.41 1.92
CA PRO A 61 -6.94 -12.03 0.55
C PRO A 61 -6.58 -10.58 0.24
N GLU A 62 -6.39 -10.27 -1.05
CA GLU A 62 -6.21 -8.91 -1.57
C GLU A 62 -7.48 -8.07 -1.31
N GLU A 63 -7.32 -6.76 -1.09
CA GLU A 63 -8.38 -5.87 -0.58
C GLU A 63 -9.26 -5.21 -1.67
N THR A 64 -10.25 -4.42 -1.24
CA THR A 64 -11.19 -3.66 -2.08
C THR A 64 -10.86 -2.18 -1.98
N TRP A 65 -10.68 -1.53 -3.12
CA TRP A 65 -10.23 -0.14 -3.25
C TRP A 65 -10.94 0.64 -4.39
N THR A 66 -12.02 0.07 -4.92
CA THR A 66 -12.74 0.53 -6.12
C THR A 66 -14.15 -0.07 -6.16
N GLY A 67 -15.10 0.64 -6.76
CA GLY A 67 -16.52 0.29 -6.83
C GLY A 67 -17.27 0.64 -5.53
N LEU A 68 -16.86 0.01 -4.43
CA LEU A 68 -17.36 0.20 -3.07
C LEU A 68 -16.21 0.55 -2.10
N GLU A 69 -16.55 1.09 -0.94
CA GLU A 69 -15.63 1.57 0.12
C GLU A 69 -16.29 1.66 1.51
N ALA B 1 10.36 -6.47 -5.32
CA ALA B 1 9.09 -5.91 -4.77
C ALA B 1 8.62 -4.75 -5.66
N ARG B 2 7.49 -4.90 -6.37
CA ARG B 2 6.92 -3.78 -7.16
C ARG B 2 6.24 -2.74 -6.26
N THR B 3 6.15 -1.53 -6.79
CA THR B 3 5.62 -0.33 -6.16
C THR B 3 4.79 0.46 -7.16
N GLN B 5 1.51 4.01 -7.01
CA GLN B 5 0.69 4.97 -6.28
C GLN B 5 -0.70 5.09 -6.91
N THR B 6 -1.70 5.42 -6.08
CA THR B 6 -3.08 5.74 -6.48
C THR B 6 -3.52 7.05 -5.79
N ALA B 7 -4.77 7.48 -5.97
CA ALA B 7 -5.31 8.74 -5.42
C ALA B 7 -6.60 8.50 -4.64
N ARG B 8 -6.67 9.03 -3.40
CA ARG B 8 -7.82 8.86 -2.51
C ARG B 8 -8.95 9.86 -2.81
N LYS B 9 -10.18 9.36 -2.75
CA LYS B 9 -11.45 10.05 -3.05
C LYS B 9 -12.56 9.65 -2.04
N SER B 10 -13.69 10.36 -2.06
CA SER B 10 -14.87 10.13 -1.19
C SER B 10 -16.13 9.85 -2.01
N GLY A 1 25.94 9.94 -4.71
CA GLY A 1 25.24 11.24 -4.87
C GLY A 1 24.27 11.20 -6.04
N SER A 2 23.18 11.97 -5.96
CA SER A 2 22.07 11.99 -6.93
C SER A 2 21.40 13.38 -6.99
N SER A 3 20.64 13.65 -8.05
CA SER A 3 20.00 14.95 -8.33
C SER A 3 18.84 14.83 -9.33
N GLY A 4 18.10 15.92 -9.58
CA GLY A 4 16.96 15.96 -10.53
C GLY A 4 15.63 15.54 -9.90
N SER A 5 15.35 16.00 -8.68
CA SER A 5 14.09 15.76 -7.96
C SER A 5 12.87 16.41 -8.66
N SER A 6 11.71 15.73 -8.65
CA SER A 6 10.51 16.17 -9.39
C SER A 6 9.56 17.07 -8.56
N GLY A 7 9.56 16.93 -7.23
CA GLY A 7 8.70 17.70 -6.32
C GLY A 7 7.24 17.24 -6.35
N GLU A 8 6.32 18.16 -6.02
CA GLU A 8 4.87 17.93 -6.06
C GLU A 8 4.34 18.02 -7.50
N ILE A 9 3.39 17.15 -7.85
CA ILE A 9 2.76 17.07 -9.19
C ILE A 9 1.50 17.93 -9.25
N SER A 10 1.25 18.59 -10.38
CA SER A 10 0.07 19.45 -10.60
C SER A 10 -1.27 18.66 -10.58
N GLY A 11 -2.33 19.29 -10.08
CA GLY A 11 -3.68 18.70 -9.98
C GLY A 11 -3.93 18.13 -8.59
N PHE A 12 -3.75 16.81 -8.43
CA PHE A 12 -3.99 16.08 -7.17
C PHE A 12 -3.03 16.54 -6.06
N GLY A 13 -3.56 16.68 -4.83
CA GLY A 13 -2.81 17.14 -3.65
C GLY A 13 -2.01 16.05 -2.93
N GLN A 14 -2.28 14.77 -3.22
CA GLN A 14 -1.67 13.59 -2.61
C GLN A 14 -1.96 12.32 -3.44
N CYS A 15 -1.20 11.26 -3.15
CA CYS A 15 -1.38 9.90 -3.68
C CYS A 15 -1.23 8.86 -2.57
N LEU A 16 -1.75 7.66 -2.82
CA LEU A 16 -1.74 6.50 -1.94
C LEU A 16 -0.72 5.48 -2.45
N VAL A 17 0.13 4.96 -1.55
CA VAL A 17 1.20 4.00 -1.89
C VAL A 17 0.71 2.57 -1.65
N TRP A 18 0.99 1.70 -2.62
CA TRP A 18 0.72 0.26 -2.56
C TRP A 18 1.99 -0.55 -2.89
N VAL A 19 2.10 -1.73 -2.28
CA VAL A 19 3.29 -2.61 -2.37
C VAL A 19 2.89 -4.05 -2.68
N GLN A 20 3.59 -4.65 -3.65
CA GLN A 20 3.36 -6.02 -4.09
C GLN A 20 4.32 -7.00 -3.39
N CYS A 21 3.74 -8.07 -2.84
CA CYS A 21 4.44 -9.17 -2.17
C CYS A 21 5.55 -9.80 -3.03
N SER A 22 6.68 -10.13 -2.43
CA SER A 22 7.84 -10.77 -3.07
C SER A 22 7.56 -12.20 -3.56
N PHE A 23 6.59 -12.90 -2.97
CA PHE A 23 6.24 -14.27 -3.36
C PHE A 23 5.34 -14.31 -4.61
N PRO A 24 5.64 -15.21 -5.57
CA PRO A 24 4.91 -15.33 -6.82
C PRO A 24 3.52 -15.96 -6.64
N ASN A 25 3.38 -16.84 -5.64
CA ASN A 25 2.10 -17.43 -5.21
C ASN A 25 1.21 -16.46 -4.40
N CYS A 26 1.73 -15.27 -4.07
CA CYS A 26 0.99 -14.15 -3.49
C CYS A 26 0.67 -13.14 -4.60
N GLY A 27 1.66 -12.29 -4.94
CA GLY A 27 1.50 -11.17 -5.87
C GLY A 27 0.49 -10.13 -5.40
N LYS A 28 0.11 -10.16 -4.13
CA LYS A 28 -0.92 -9.30 -3.53
C LYS A 28 -0.42 -7.88 -3.33
N TRP A 29 -1.30 -6.89 -3.51
CA TRP A 29 -1.03 -5.48 -3.22
C TRP A 29 -1.62 -5.12 -1.86
N ARG A 30 -0.75 -4.73 -0.92
CA ARG A 30 -1.13 -4.18 0.38
C ARG A 30 -0.96 -2.65 0.38
N ARG A 31 -1.78 -1.99 1.20
CA ARG A 31 -1.89 -0.54 1.30
C ARG A 31 -1.03 0.01 2.46
N LEU A 32 -0.32 1.12 2.24
CA LEU A 32 0.57 1.74 3.22
C LEU A 32 0.03 3.09 3.73
N CYS A 33 0.82 3.78 4.55
CA CYS A 33 0.55 5.13 5.06
C CYS A 33 1.12 6.22 4.12
N GLY A 34 0.44 7.36 4.01
CA GLY A 34 0.86 8.50 3.17
C GLY A 34 2.16 9.19 3.63
N ASN A 35 2.65 8.88 4.83
CA ASN A 35 3.95 9.31 5.35
C ASN A 35 5.13 8.44 4.88
N ILE A 36 4.88 7.37 4.12
CA ILE A 36 5.89 6.42 3.59
C ILE A 36 6.08 6.65 2.09
N ASP A 37 7.29 6.41 1.58
CA ASP A 37 7.66 6.56 0.16
C ASP A 37 8.27 5.25 -0.37
N PRO A 38 7.88 4.79 -1.59
CA PRO A 38 8.43 3.58 -2.18
C PRO A 38 9.94 3.65 -2.48
N SER A 39 10.58 4.83 -2.42
CA SER A 39 12.04 4.95 -2.51
C SER A 39 12.80 4.44 -1.27
N VAL A 40 12.12 4.25 -0.12
CA VAL A 40 12.71 3.78 1.16
C VAL A 40 12.19 2.40 1.59
N LEU A 41 11.71 1.58 0.65
CA LEU A 41 11.19 0.23 0.89
C LEU A 41 12.09 -0.88 0.27
N PRO A 42 12.11 -2.09 0.86
CA PRO A 42 13.02 -3.17 0.50
C PRO A 42 12.57 -3.88 -0.79
N ASP A 43 13.54 -4.48 -1.50
CA ASP A 43 13.32 -5.26 -2.72
C ASP A 43 12.82 -6.69 -2.45
N ASN A 44 12.84 -7.11 -1.19
CA ASN A 44 12.26 -8.36 -0.69
C ASN A 44 11.05 -8.09 0.23
N TRP A 45 10.37 -6.94 0.06
CA TRP A 45 9.11 -6.63 0.74
C TRP A 45 8.06 -7.73 0.52
N SER A 46 7.35 -8.12 1.58
CA SER A 46 6.30 -9.15 1.59
C SER A 46 5.16 -8.74 2.53
N CYS A 47 4.02 -9.47 2.51
CA CYS A 47 2.89 -9.20 3.40
C CYS A 47 3.29 -9.11 4.89
N ASP A 48 4.32 -9.85 5.31
CA ASP A 48 4.89 -9.84 6.67
C ASP A 48 5.54 -8.49 7.06
N GLN A 49 5.79 -7.62 6.07
CA GLN A 49 6.41 -6.29 6.20
C GLN A 49 5.37 -5.15 6.04
N ASN A 50 4.07 -5.46 6.09
CA ASN A 50 2.99 -4.48 6.04
C ASN A 50 2.85 -3.66 7.34
N THR A 51 2.30 -2.45 7.22
CA THR A 51 2.03 -1.53 8.35
C THR A 51 0.67 -1.76 8.99
N ASP A 52 -0.23 -2.46 8.31
CA ASP A 52 -1.61 -2.71 8.73
C ASP A 52 -1.82 -4.18 9.12
N VAL A 53 -2.12 -4.44 10.39
CA VAL A 53 -2.23 -5.79 11.00
C VAL A 53 -3.39 -6.62 10.43
N GLN A 54 -4.34 -5.95 9.78
CA GLN A 54 -5.47 -6.56 9.09
C GLN A 54 -5.07 -7.31 7.81
N TYR A 55 -3.86 -7.05 7.27
CA TYR A 55 -3.33 -7.68 6.05
C TYR A 55 -1.81 -7.96 6.12
N ASN A 56 -1.28 -8.17 7.34
CA ASN A 56 0.15 -8.35 7.60
C ASN A 56 0.64 -9.82 7.43
N ARG A 57 -0.12 -10.66 6.72
CA ARG A 57 0.18 -12.08 6.48
C ARG A 57 -0.20 -12.51 5.06
N CYS A 58 0.65 -13.32 4.46
CA CYS A 58 0.46 -13.95 3.15
C CYS A 58 -0.75 -14.90 3.03
N ASP A 59 -1.31 -15.33 4.17
CA ASP A 59 -2.47 -16.22 4.25
C ASP A 59 -3.78 -15.43 4.31
N ILE A 60 -3.69 -14.09 4.29
CA ILE A 60 -4.82 -13.16 4.27
C ILE A 60 -5.09 -12.74 2.82
N PRO A 61 -6.35 -12.79 2.36
CA PRO A 61 -6.74 -12.42 1.00
C PRO A 61 -6.48 -10.94 0.69
N GLU A 62 -6.41 -10.60 -0.59
CA GLU A 62 -6.13 -9.25 -1.07
C GLU A 62 -7.26 -8.26 -0.74
N GLU A 63 -6.90 -7.07 -0.26
CA GLU A 63 -7.86 -5.99 0.04
C GLU A 63 -8.50 -5.44 -1.25
N THR A 64 -9.80 -5.09 -1.18
CA THR A 64 -10.57 -4.54 -2.29
C THR A 64 -10.40 -3.02 -2.37
N TRP A 65 -10.43 -2.49 -3.60
CA TRP A 65 -10.06 -1.10 -3.92
C TRP A 65 -10.87 -0.50 -5.09
N THR A 66 -11.99 -1.12 -5.45
CA THR A 66 -12.91 -0.67 -6.51
C THR A 66 -13.57 0.66 -6.15
N GLY A 67 -13.45 1.65 -7.04
CA GLY A 67 -13.99 3.01 -6.86
C GLY A 67 -15.46 3.17 -7.28
N LEU A 68 -16.10 2.07 -7.71
CA LEU A 68 -17.50 2.00 -8.18
C LEU A 68 -18.21 0.84 -7.46
N GLU A 69 -19.46 1.07 -7.04
CA GLU A 69 -20.25 0.19 -6.17
C GLU A 69 -21.73 0.10 -6.61
N ALA B 1 10.04 -7.34 -5.01
CA ALA B 1 8.96 -6.41 -4.59
C ALA B 1 8.63 -5.47 -5.75
N ARG B 2 7.36 -5.06 -5.88
CA ARG B 2 6.90 -4.01 -6.80
C ARG B 2 6.21 -2.90 -6.03
N THR B 3 6.23 -1.70 -6.59
CA THR B 3 5.68 -0.47 -6.00
C THR B 3 4.90 0.31 -7.04
N GLN B 5 1.64 3.78 -7.07
CA GLN B 5 0.84 4.80 -6.40
C GLN B 5 -0.48 5.00 -7.15
N THR B 6 -1.56 5.30 -6.41
CA THR B 6 -2.90 5.57 -6.96
C THR B 6 -3.41 6.92 -6.46
N ALA B 7 -4.28 7.56 -7.23
CA ALA B 7 -4.98 8.79 -6.83
C ALA B 7 -6.29 8.43 -6.10
N ARG B 8 -6.44 8.87 -4.85
CA ARG B 8 -7.61 8.56 -4.02
C ARG B 8 -8.89 9.21 -4.57
N LYS B 9 -9.97 8.42 -4.67
CA LYS B 9 -11.31 8.86 -5.09
C LYS B 9 -11.35 9.44 -6.54
N SER B 10 -10.49 8.93 -7.43
CA SER B 10 -10.44 9.27 -8.87
C SER B 10 -11.69 8.86 -9.66
N GLY A 1 18.19 1.51 18.36
CA GLY A 1 19.13 2.61 18.69
C GLY A 1 18.41 3.93 18.97
N SER A 2 19.15 4.95 19.39
CA SER A 2 18.59 6.26 19.77
C SER A 2 18.51 7.26 18.58
N SER A 3 19.21 7.00 17.48
CA SER A 3 19.23 7.85 16.27
C SER A 3 17.96 7.72 15.41
N GLY A 4 17.52 8.84 14.82
CA GLY A 4 16.34 8.93 13.95
C GLY A 4 15.07 9.36 14.69
N SER A 5 14.17 10.03 13.98
CA SER A 5 12.90 10.56 14.53
C SER A 5 11.81 9.47 14.65
N SER A 6 10.79 9.71 15.50
CA SER A 6 9.65 8.79 15.68
C SER A 6 8.61 8.85 14.52
N GLY A 7 8.75 9.83 13.61
CA GLY A 7 7.88 10.03 12.44
C GLY A 7 6.68 10.93 12.74
N GLU A 8 5.59 10.72 12.01
CA GLU A 8 4.36 11.51 12.06
C GLU A 8 3.15 10.73 11.53
N ILE A 9 1.94 11.28 11.70
CA ILE A 9 0.67 10.74 11.21
C ILE A 9 0.58 10.90 9.68
N SER A 10 -0.22 10.06 9.03
CA SER A 10 -0.49 9.98 7.58
C SER A 10 -1.22 11.20 6.95
N GLY A 11 -1.15 12.37 7.59
CA GLY A 11 -1.86 13.61 7.21
C GLY A 11 -1.22 14.42 6.08
N PHE A 12 -0.43 13.79 5.21
CA PHE A 12 0.29 14.40 4.08
C PHE A 12 0.24 13.52 2.83
N GLY A 13 0.07 14.15 1.66
CA GLY A 13 -0.04 13.49 0.35
C GLY A 13 -1.49 13.20 -0.04
N GLN A 14 -1.81 13.36 -1.32
CA GLN A 14 -3.14 13.09 -1.92
C GLN A 14 -3.18 11.81 -2.78
N CYS A 15 -2.09 11.02 -2.77
CA CYS A 15 -1.93 9.77 -3.54
C CYS A 15 -1.62 8.60 -2.57
N LEU A 16 -2.25 7.45 -2.78
CA LEU A 16 -2.17 6.28 -1.90
C LEU A 16 -1.08 5.35 -2.42
N VAL A 17 -0.11 5.00 -1.58
CA VAL A 17 1.02 4.13 -1.93
C VAL A 17 0.65 2.67 -1.65
N TRP A 18 0.89 1.82 -2.65
CA TRP A 18 0.60 0.38 -2.61
C TRP A 18 1.88 -0.44 -2.91
N VAL A 19 2.07 -1.51 -2.16
CA VAL A 19 3.25 -2.41 -2.23
C VAL A 19 2.85 -3.84 -2.59
N GLN A 20 3.54 -4.43 -3.56
CA GLN A 20 3.31 -5.81 -3.99
C GLN A 20 4.22 -6.78 -3.24
N CYS A 21 3.62 -7.85 -2.71
CA CYS A 21 4.29 -8.96 -2.05
C CYS A 21 5.42 -9.58 -2.92
N SER A 22 6.56 -9.87 -2.30
CA SER A 22 7.73 -10.46 -2.97
C SER A 22 7.52 -11.90 -3.47
N PHE A 23 6.56 -12.64 -2.91
CA PHE A 23 6.24 -13.99 -3.36
C PHE A 23 5.38 -13.99 -4.63
N PRO A 24 5.72 -14.84 -5.62
CA PRO A 24 5.00 -14.95 -6.89
C PRO A 24 3.63 -15.61 -6.72
N ASN A 25 3.51 -16.53 -5.76
CA ASN A 25 2.24 -17.18 -5.37
C ASN A 25 1.30 -16.25 -4.55
N CYS A 26 1.78 -15.07 -4.15
CA CYS A 26 1.01 -14.00 -3.53
C CYS A 26 0.68 -12.95 -4.59
N GLY A 27 1.65 -12.08 -4.90
CA GLY A 27 1.49 -10.95 -5.82
C GLY A 27 0.50 -9.91 -5.31
N LYS A 28 0.10 -9.98 -4.04
CA LYS A 28 -0.93 -9.15 -3.44
C LYS A 28 -0.44 -7.72 -3.20
N TRP A 29 -1.33 -6.74 -3.37
CA TRP A 29 -1.06 -5.33 -3.08
C TRP A 29 -1.65 -4.95 -1.72
N ARG A 30 -0.83 -4.40 -0.82
CA ARG A 30 -1.28 -3.87 0.48
C ARG A 30 -1.10 -2.34 0.52
N ARG A 31 -2.01 -1.66 1.20
CA ARG A 31 -1.99 -0.20 1.44
C ARG A 31 -0.93 0.19 2.47
N LEU A 32 -0.40 1.41 2.33
CA LEU A 32 0.56 2.02 3.27
C LEU A 32 0.09 3.39 3.78
N CYS A 33 0.77 3.86 4.84
CA CYS A 33 0.56 5.14 5.53
C CYS A 33 0.85 6.41 4.69
N GLY A 34 1.50 6.27 3.52
CA GLY A 34 1.66 7.35 2.53
C GLY A 34 2.77 8.37 2.82
N ASN A 35 3.11 8.61 4.09
CA ASN A 35 4.28 9.41 4.50
C ASN A 35 5.62 8.64 4.38
N ILE A 36 5.56 7.33 4.09
CA ILE A 36 6.70 6.48 3.72
C ILE A 36 6.81 6.45 2.18
N ASP A 37 8.03 6.65 1.68
CA ASP A 37 8.31 6.70 0.24
C ASP A 37 8.70 5.30 -0.32
N PRO A 38 8.13 4.88 -1.46
CA PRO A 38 8.42 3.58 -2.06
C PRO A 38 9.89 3.39 -2.48
N SER A 39 10.68 4.46 -2.59
CA SER A 39 12.12 4.39 -2.88
C SER A 39 12.98 4.05 -1.66
N VAL A 40 12.40 4.03 -0.44
CA VAL A 40 13.08 3.62 0.82
C VAL A 40 12.52 2.31 1.42
N LEU A 41 11.73 1.56 0.64
CA LEU A 41 11.22 0.22 1.02
C LEU A 41 12.12 -0.90 0.48
N PRO A 42 12.14 -2.07 1.16
CA PRO A 42 13.04 -3.19 0.85
C PRO A 42 12.64 -3.89 -0.45
N ASP A 43 13.63 -4.39 -1.19
CA ASP A 43 13.44 -5.15 -2.44
C ASP A 43 12.79 -6.53 -2.22
N ASN A 44 12.70 -6.96 -0.96
CA ASN A 44 12.10 -8.24 -0.51
C ASN A 44 10.87 -8.00 0.41
N TRP A 45 10.22 -6.84 0.28
CA TRP A 45 8.96 -6.54 0.97
C TRP A 45 7.88 -7.62 0.72
N SER A 46 7.18 -8.02 1.77
CA SER A 46 6.13 -9.06 1.73
C SER A 46 4.96 -8.67 2.66
N CYS A 47 3.85 -9.41 2.61
CA CYS A 47 2.70 -9.20 3.50
C CYS A 47 3.11 -9.16 5.00
N ASP A 48 4.15 -9.90 5.40
CA ASP A 48 4.71 -9.92 6.75
C ASP A 48 5.35 -8.59 7.19
N GLN A 49 5.60 -7.68 6.24
CA GLN A 49 6.21 -6.36 6.43
C GLN A 49 5.17 -5.21 6.31
N ASN A 50 3.88 -5.53 6.36
CA ASN A 50 2.78 -4.56 6.30
C ASN A 50 2.61 -3.73 7.58
N THR A 51 2.04 -2.53 7.44
CA THR A 51 1.73 -1.59 8.53
C THR A 51 0.40 -1.88 9.22
N ASP A 52 -0.46 -2.70 8.61
CA ASP A 52 -1.82 -2.99 9.06
C ASP A 52 -2.04 -4.48 9.36
N VAL A 53 -2.40 -4.79 10.61
CA VAL A 53 -2.53 -6.17 11.14
C VAL A 53 -3.68 -6.96 10.50
N GLN A 54 -4.62 -6.26 9.87
CA GLN A 54 -5.73 -6.84 9.13
C GLN A 54 -5.30 -7.52 7.83
N TYR A 55 -4.09 -7.24 7.33
CA TYR A 55 -3.53 -7.81 6.09
C TYR A 55 -2.02 -8.10 6.18
N ASN A 56 -1.50 -8.34 7.40
CA ASN A 56 -0.07 -8.54 7.67
C ASN A 56 0.43 -9.99 7.46
N ARG A 57 -0.31 -10.80 6.69
CA ARG A 57 0.00 -12.20 6.40
C ARG A 57 -0.36 -12.57 4.96
N CYS A 58 0.50 -13.39 4.35
CA CYS A 58 0.35 -13.97 3.02
C CYS A 58 -0.86 -14.93 2.87
N ASP A 59 -1.42 -15.40 3.98
CA ASP A 59 -2.57 -16.30 4.04
C ASP A 59 -3.88 -15.50 4.12
N ILE A 60 -3.79 -14.18 4.12
CA ILE A 60 -4.93 -13.26 4.11
C ILE A 60 -5.17 -12.77 2.68
N PRO A 61 -6.42 -12.82 2.19
CA PRO A 61 -6.79 -12.43 0.84
C PRO A 61 -6.53 -10.95 0.57
N GLU A 62 -6.46 -10.59 -0.72
CA GLU A 62 -6.37 -9.20 -1.17
C GLU A 62 -7.69 -8.44 -0.85
N GLU A 63 -7.57 -7.15 -0.58
CA GLU A 63 -8.63 -6.28 -0.05
C GLU A 63 -9.55 -5.75 -1.17
N THR A 64 -10.82 -5.48 -0.84
CA THR A 64 -11.77 -4.81 -1.74
C THR A 64 -11.53 -3.31 -1.72
N TRP A 65 -11.28 -2.73 -2.89
CA TRP A 65 -11.06 -1.29 -3.10
C TRP A 65 -11.74 -0.82 -4.40
N THR A 66 -12.29 0.41 -4.38
CA THR A 66 -13.15 0.97 -5.44
C THR A 66 -12.83 2.42 -5.82
N GLY A 67 -11.84 3.05 -5.17
CA GLY A 67 -11.41 4.42 -5.46
C GLY A 67 -10.61 4.50 -6.76
N LEU A 68 -11.04 5.37 -7.68
CA LEU A 68 -10.48 5.57 -9.02
C LEU A 68 -10.95 6.92 -9.58
N GLU A 69 -10.07 7.61 -10.32
CA GLU A 69 -10.31 8.95 -10.90
C GLU A 69 -10.39 8.91 -12.45
N ALA B 1 10.40 -6.40 -5.11
CA ALA B 1 9.14 -5.84 -4.54
C ALA B 1 8.64 -4.70 -5.42
N ARG B 2 7.48 -4.85 -6.07
CA ARG B 2 6.89 -3.79 -6.91
C ARG B 2 6.18 -2.75 -6.06
N THR B 3 6.12 -1.53 -6.58
CA THR B 3 5.49 -0.35 -5.96
C THR B 3 4.73 0.44 -7.00
N GLN B 5 1.27 3.75 -7.07
CA GLN B 5 0.37 4.68 -6.40
C GLN B 5 -0.98 4.70 -7.13
N THR B 6 -2.05 5.09 -6.43
CA THR B 6 -3.36 5.36 -7.04
C THR B 6 -3.95 6.67 -6.54
N ALA B 7 -4.86 7.22 -7.35
CA ALA B 7 -5.54 8.49 -7.12
C ALA B 7 -6.75 8.30 -6.19
N ARG B 8 -6.59 8.69 -4.92
CA ARG B 8 -7.62 8.58 -3.89
C ARG B 8 -8.73 9.63 -4.06
N LYS B 9 -9.98 9.19 -3.95
CA LYS B 9 -11.16 10.07 -3.84
C LYS B 9 -11.41 10.47 -2.37
N SER B 10 -12.09 11.60 -2.15
CA SER B 10 -12.40 12.14 -0.80
C SER B 10 -13.37 11.26 0.00
N GLY A 1 -27.72 9.50 -30.01
CA GLY A 1 -26.52 10.35 -30.15
C GLY A 1 -26.67 11.63 -29.34
N SER A 2 -25.92 11.76 -28.24
CA SER A 2 -26.05 12.85 -27.25
C SER A 2 -24.69 13.17 -26.59
N SER A 3 -24.48 14.41 -26.15
CA SER A 3 -23.29 14.80 -25.38
C SER A 3 -23.43 14.39 -23.89
N GLY A 4 -22.42 13.68 -23.36
CA GLY A 4 -22.44 13.13 -21.99
C GLY A 4 -21.29 12.16 -21.71
N SER A 5 -20.05 12.57 -22.04
CA SER A 5 -18.85 11.75 -21.94
C SER A 5 -18.54 11.30 -20.49
N SER A 6 -18.23 10.02 -20.29
CA SER A 6 -17.89 9.40 -19.00
C SER A 6 -16.37 9.37 -18.73
N GLY A 7 -15.97 8.87 -17.55
CA GLY A 7 -14.56 8.71 -17.16
C GLY A 7 -13.98 9.93 -16.45
N GLU A 8 -14.63 10.36 -15.35
CA GLU A 8 -14.15 11.42 -14.47
C GLU A 8 -12.85 10.99 -13.74
N ILE A 9 -11.97 11.95 -13.43
CA ILE A 9 -10.61 11.72 -12.93
C ILE A 9 -10.43 12.38 -11.55
N SER A 10 -9.84 11.65 -10.60
CA SER A 10 -9.65 12.10 -9.21
C SER A 10 -8.65 13.29 -9.08
N GLY A 11 -7.64 13.36 -9.96
CA GLY A 11 -6.62 14.41 -9.96
C GLY A 11 -5.63 14.28 -8.80
N PHE A 12 -5.10 15.41 -8.35
CA PHE A 12 -4.19 15.50 -7.20
C PHE A 12 -4.95 15.87 -5.91
N GLY A 13 -4.58 15.26 -4.78
CA GLY A 13 -5.26 15.41 -3.50
C GLY A 13 -4.71 14.46 -2.43
N GLN A 14 -5.56 13.60 -1.88
CA GLN A 14 -5.16 12.55 -0.94
C GLN A 14 -4.24 11.53 -1.64
N CYS A 15 -3.11 11.19 -1.00
CA CYS A 15 -2.15 10.21 -1.50
C CYS A 15 -2.35 8.80 -0.91
N LEU A 16 -1.72 7.82 -1.54
CA LEU A 16 -1.70 6.40 -1.16
C LEU A 16 -0.46 5.75 -1.80
N VAL A 17 0.17 4.81 -1.09
CA VAL A 17 1.26 3.96 -1.61
C VAL A 17 0.88 2.50 -1.38
N TRP A 18 0.89 1.69 -2.45
CA TRP A 18 0.70 0.25 -2.40
C TRP A 18 2.02 -0.49 -2.67
N VAL A 19 2.21 -1.64 -2.02
CA VAL A 19 3.39 -2.52 -2.14
C VAL A 19 2.97 -3.93 -2.49
N GLN A 20 3.62 -4.54 -3.49
CA GLN A 20 3.34 -5.90 -3.95
C GLN A 20 4.29 -6.91 -3.29
N CYS A 21 3.71 -7.98 -2.75
CA CYS A 21 4.39 -9.09 -2.09
C CYS A 21 5.46 -9.75 -3.00
N SER A 22 6.61 -10.09 -2.42
CA SER A 22 7.75 -10.70 -3.12
C SER A 22 7.48 -12.14 -3.60
N PHE A 23 6.54 -12.86 -2.99
CA PHE A 23 6.17 -14.21 -3.40
C PHE A 23 5.28 -14.21 -4.65
N PRO A 24 5.57 -15.08 -5.64
CA PRO A 24 4.81 -15.21 -6.88
C PRO A 24 3.43 -15.85 -6.65
N ASN A 25 3.33 -16.73 -5.64
CA ASN A 25 2.07 -17.33 -5.19
C ASN A 25 1.18 -16.37 -4.38
N CYS A 26 1.69 -15.16 -4.05
CA CYS A 26 0.96 -14.06 -3.45
C CYS A 26 0.63 -13.03 -4.54
N GLY A 27 1.60 -12.16 -4.86
CA GLY A 27 1.43 -11.02 -5.76
C GLY A 27 0.42 -10.00 -5.22
N LYS A 28 0.05 -10.09 -3.94
CA LYS A 28 -0.95 -9.23 -3.32
C LYS A 28 -0.42 -7.81 -3.10
N TRP A 29 -1.28 -6.81 -3.24
CA TRP A 29 -0.97 -5.43 -2.92
C TRP A 29 -1.49 -5.10 -1.51
N ARG A 30 -0.62 -4.57 -0.64
CA ARG A 30 -1.02 -4.06 0.68
C ARG A 30 -0.85 -2.54 0.73
N ARG A 31 -1.75 -1.91 1.49
CA ARG A 31 -1.94 -0.46 1.59
C ARG A 31 -1.11 0.11 2.75
N LEU A 32 -0.28 1.11 2.46
CA LEU A 32 0.62 1.77 3.43
C LEU A 32 0.07 3.11 3.93
N CYS A 33 0.69 3.63 4.99
CA CYS A 33 0.37 4.90 5.66
C CYS A 33 0.59 6.18 4.83
N GLY A 34 1.11 6.09 3.59
CA GLY A 34 1.21 7.19 2.62
C GLY A 34 2.38 8.16 2.84
N ASN A 35 2.78 8.38 4.10
CA ASN A 35 3.92 9.20 4.48
C ASN A 35 5.29 8.48 4.29
N ILE A 36 5.26 7.16 4.08
CA ILE A 36 6.43 6.32 3.77
C ILE A 36 6.63 6.31 2.24
N ASP A 37 7.86 6.56 1.79
CA ASP A 37 8.20 6.63 0.38
C ASP A 37 8.67 5.27 -0.18
N PRO A 38 8.16 4.82 -1.35
CA PRO A 38 8.56 3.55 -1.95
C PRO A 38 10.04 3.47 -2.36
N SER A 39 10.76 4.60 -2.42
CA SER A 39 12.22 4.62 -2.64
C SER A 39 13.04 4.22 -1.38
N VAL A 40 12.40 4.11 -0.21
CA VAL A 40 13.03 3.65 1.06
C VAL A 40 12.46 2.32 1.56
N LEU A 41 11.81 1.53 0.68
CA LEU A 41 11.29 0.19 0.96
C LEU A 41 12.13 -0.92 0.28
N PRO A 42 12.18 -2.13 0.88
CA PRO A 42 13.08 -3.21 0.48
C PRO A 42 12.65 -3.89 -0.82
N ASP A 43 13.63 -4.39 -1.58
CA ASP A 43 13.41 -5.15 -2.82
C ASP A 43 12.80 -6.54 -2.59
N ASN A 44 12.77 -7.00 -1.33
CA ASN A 44 12.21 -8.28 -0.88
C ASN A 44 11.03 -8.07 0.09
N TRP A 45 10.33 -6.93 0.00
CA TRP A 45 9.10 -6.66 0.74
C TRP A 45 8.04 -7.76 0.53
N SER A 46 7.35 -8.16 1.59
CA SER A 46 6.31 -9.18 1.61
C SER A 46 5.19 -8.79 2.58
N CYS A 47 4.06 -9.51 2.57
CA CYS A 47 2.94 -9.26 3.49
C CYS A 47 3.38 -9.21 4.98
N ASP A 48 4.43 -9.95 5.36
CA ASP A 48 5.03 -9.96 6.70
C ASP A 48 5.69 -8.62 7.11
N GLN A 49 5.91 -7.73 6.15
CA GLN A 49 6.56 -6.42 6.30
C GLN A 49 5.54 -5.25 6.21
N ASN A 50 4.24 -5.55 6.35
CA ASN A 50 3.15 -4.57 6.27
C ASN A 50 3.00 -3.67 7.51
N THR A 51 2.48 -2.45 7.29
CA THR A 51 2.15 -1.46 8.33
C THR A 51 0.82 -1.75 9.04
N ASP A 52 -0.05 -2.58 8.46
CA ASP A 52 -1.37 -2.91 8.99
C ASP A 52 -1.48 -4.38 9.42
N VAL A 53 -1.85 -4.62 10.68
CA VAL A 53 -1.94 -5.97 11.28
C VAL A 53 -3.10 -6.82 10.73
N GLN A 54 -4.11 -6.17 10.13
CA GLN A 54 -5.24 -6.86 9.49
C GLN A 54 -4.89 -7.53 8.16
N TYR A 55 -3.74 -7.20 7.57
CA TYR A 55 -3.25 -7.77 6.30
C TYR A 55 -1.74 -8.07 6.33
N ASN A 56 -1.18 -8.35 7.51
CA ASN A 56 0.26 -8.59 7.72
C ASN A 56 0.71 -10.05 7.46
N ARG A 57 -0.10 -10.83 6.74
CA ARG A 57 0.17 -12.24 6.40
C ARG A 57 -0.28 -12.59 4.98
N CYS A 58 0.55 -13.38 4.31
CA CYS A 58 0.32 -13.93 2.97
C CYS A 58 -0.93 -14.82 2.81
N ASP A 59 -1.45 -15.35 3.94
CA ASP A 59 -2.62 -16.23 3.98
C ASP A 59 -3.92 -15.42 4.15
N ILE A 60 -3.79 -14.09 4.23
CA ILE A 60 -4.91 -13.15 4.30
C ILE A 60 -5.21 -12.63 2.89
N PRO A 61 -6.48 -12.63 2.46
CA PRO A 61 -6.91 -12.21 1.14
C PRO A 61 -6.61 -10.73 0.89
N GLU A 62 -6.56 -10.35 -0.39
CA GLU A 62 -6.34 -8.97 -0.85
C GLU A 62 -7.56 -8.07 -0.48
N GLU A 63 -7.29 -6.79 -0.20
CA GLU A 63 -8.25 -5.82 0.35
C GLU A 63 -9.16 -5.23 -0.73
N THR A 64 -10.42 -4.89 -0.37
CA THR A 64 -11.36 -4.20 -1.28
C THR A 64 -11.09 -2.70 -1.29
N TRP A 65 -11.16 -2.11 -2.49
CA TRP A 65 -10.87 -0.70 -2.77
C TRP A 65 -11.81 -0.09 -3.84
N THR A 66 -12.97 -0.74 -4.04
CA THR A 66 -14.06 -0.27 -4.91
C THR A 66 -14.80 0.94 -4.31
N GLY A 67 -15.61 1.61 -5.12
CA GLY A 67 -16.36 2.82 -4.74
C GLY A 67 -17.08 3.45 -5.94
N LEU A 68 -17.20 4.77 -5.93
CA LEU A 68 -17.78 5.55 -7.04
C LEU A 68 -16.77 5.62 -8.20
N GLU A 69 -17.04 4.87 -9.27
CA GLU A 69 -16.16 4.71 -10.45
C GLU A 69 -16.87 5.13 -11.75
N ALA B 1 10.22 -6.62 -5.37
CA ALA B 1 9.03 -5.97 -4.75
C ALA B 1 8.55 -4.81 -5.64
N ARG B 2 7.36 -4.94 -6.26
CA ARG B 2 6.74 -3.85 -7.02
C ARG B 2 6.11 -2.82 -6.08
N THR B 3 6.00 -1.59 -6.58
CA THR B 3 5.36 -0.42 -5.95
C THR B 3 4.49 0.31 -6.96
N GLN B 5 1.20 3.85 -6.80
CA GLN B 5 0.36 4.81 -6.10
C GLN B 5 -0.99 4.93 -6.84
N THR B 6 -2.05 5.30 -6.10
CA THR B 6 -3.42 5.42 -6.62
C THR B 6 -4.05 6.72 -6.14
N ALA B 7 -4.73 7.44 -7.03
CA ALA B 7 -5.41 8.70 -6.71
C ALA B 7 -6.66 8.44 -5.85
N ARG B 8 -6.66 8.97 -4.62
CA ARG B 8 -7.67 8.72 -3.60
C ARG B 8 -8.76 9.80 -3.55
N LYS B 9 -9.99 9.39 -3.22
CA LYS B 9 -11.21 10.20 -3.23
C LYS B 9 -12.28 9.71 -2.21
N SER B 10 -13.40 10.42 -2.10
CA SER B 10 -14.48 10.22 -1.11
C SER B 10 -15.84 10.81 -1.55
N GLY A 1 27.73 12.79 -10.03
CA GLY A 1 26.64 13.68 -10.44
C GLY A 1 25.52 13.68 -9.40
N SER A 2 24.39 13.03 -9.72
CA SER A 2 23.21 12.91 -8.83
C SER A 2 22.31 11.74 -9.28
N SER A 3 21.33 11.36 -8.46
CA SER A 3 20.39 10.27 -8.76
C SER A 3 19.11 10.81 -9.43
N GLY A 4 18.83 10.36 -10.66
CA GLY A 4 17.66 10.78 -11.45
C GLY A 4 16.40 9.94 -11.19
N SER A 5 15.33 10.26 -11.90
CA SER A 5 14.03 9.57 -11.83
C SER A 5 13.20 9.83 -13.11
N SER A 6 12.23 8.96 -13.40
CA SER A 6 11.42 8.98 -14.63
C SER A 6 10.01 8.43 -14.37
N GLY A 7 8.99 9.01 -15.04
CA GLY A 7 7.57 8.73 -14.81
C GLY A 7 6.97 9.66 -13.75
N GLU A 8 5.72 10.07 -13.97
CA GLU A 8 4.96 10.98 -13.09
C GLU A 8 4.08 10.21 -12.07
N ILE A 9 3.75 10.87 -10.96
CA ILE A 9 2.86 10.32 -9.92
C ILE A 9 1.42 10.31 -10.45
N SER A 10 0.77 9.14 -10.44
CA SER A 10 -0.63 8.99 -10.89
C SER A 10 -1.62 9.30 -9.74
N GLY A 11 -2.59 10.17 -10.01
CA GLY A 11 -3.63 10.60 -9.05
C GLY A 11 -4.32 11.92 -9.43
N PHE A 12 -5.44 12.19 -8.77
CA PHE A 12 -6.33 13.34 -9.05
C PHE A 12 -6.53 14.29 -7.85
N GLY A 13 -5.93 13.99 -6.68
CA GLY A 13 -6.00 14.83 -5.48
C GLY A 13 -5.69 14.13 -4.15
N GLN A 14 -5.80 12.80 -4.11
CA GLN A 14 -5.36 11.98 -2.97
C GLN A 14 -4.25 11.02 -3.44
N CYS A 15 -3.05 11.14 -2.86
CA CYS A 15 -1.96 10.18 -3.03
C CYS A 15 -2.16 8.96 -2.11
N LEU A 16 -1.74 7.78 -2.61
CA LEU A 16 -1.89 6.49 -1.94
C LEU A 16 -0.90 5.50 -2.57
N VAL A 17 0.04 5.00 -1.76
CA VAL A 17 1.12 4.10 -2.16
C VAL A 17 0.68 2.65 -1.93
N TRP A 18 0.98 1.79 -2.91
CA TRP A 18 0.72 0.35 -2.88
C TRP A 18 2.02 -0.44 -3.10
N VAL A 19 2.16 -1.57 -2.41
CA VAL A 19 3.32 -2.47 -2.49
C VAL A 19 2.90 -3.91 -2.77
N GLN A 20 3.61 -4.56 -3.69
CA GLN A 20 3.35 -5.94 -4.09
C GLN A 20 4.28 -6.90 -3.34
N CYS A 21 3.69 -7.96 -2.77
CA CYS A 21 4.38 -9.05 -2.09
C CYS A 21 5.47 -9.70 -2.96
N SER A 22 6.63 -10.00 -2.35
CA SER A 22 7.78 -10.63 -3.01
C SER A 22 7.53 -12.09 -3.44
N PHE A 23 6.57 -12.80 -2.83
CA PHE A 23 6.24 -14.17 -3.18
C PHE A 23 5.35 -14.23 -4.44
N PRO A 24 5.67 -15.13 -5.39
CA PRO A 24 4.95 -15.28 -6.65
C PRO A 24 3.55 -15.89 -6.46
N ASN A 25 3.39 -16.77 -5.48
CA ASN A 25 2.11 -17.36 -5.07
C ASN A 25 1.21 -16.39 -4.26
N CYS A 26 1.74 -15.21 -3.92
CA CYS A 26 0.99 -14.09 -3.33
C CYS A 26 0.67 -13.08 -4.44
N GLY A 27 1.65 -12.24 -4.79
CA GLY A 27 1.50 -11.14 -5.74
C GLY A 27 0.50 -10.08 -5.29
N LYS A 28 0.12 -10.09 -4.02
CA LYS A 28 -0.91 -9.22 -3.44
C LYS A 28 -0.42 -7.78 -3.26
N TRP A 29 -1.32 -6.82 -3.44
CA TRP A 29 -1.06 -5.40 -3.20
C TRP A 29 -1.66 -4.97 -1.87
N ARG A 30 -0.81 -4.41 -1.00
CA ARG A 30 -1.19 -3.83 0.30
C ARG A 30 -0.95 -2.30 0.29
N ARG A 31 -1.79 -1.58 1.04
CA ARG A 31 -1.78 -0.11 1.20
C ARG A 31 -0.79 0.32 2.29
N LEU A 32 -0.17 1.50 2.14
CA LEU A 32 0.81 2.05 3.09
C LEU A 32 0.40 3.42 3.68
N CYS A 33 1.06 3.78 4.77
CA CYS A 33 0.89 5.07 5.49
C CYS A 33 1.50 6.25 4.71
N GLY A 34 0.95 7.45 4.89
CA GLY A 34 1.37 8.69 4.20
C GLY A 34 2.76 9.19 4.61
N ASN A 35 3.35 8.63 5.68
CA ASN A 35 4.72 8.91 6.13
C ASN A 35 5.79 8.03 5.43
N ILE A 36 5.40 7.15 4.50
CA ILE A 36 6.27 6.16 3.83
C ILE A 36 6.33 6.45 2.32
N ASP A 37 7.49 6.19 1.71
CA ASP A 37 7.77 6.43 0.29
C ASP A 37 8.34 5.16 -0.38
N PRO A 38 7.87 4.78 -1.59
CA PRO A 38 8.31 3.55 -2.25
C PRO A 38 9.78 3.56 -2.66
N SER A 39 10.47 4.71 -2.64
CA SER A 39 11.92 4.80 -2.89
C SER A 39 12.77 4.35 -1.69
N VAL A 40 12.17 4.19 -0.49
CA VAL A 40 12.86 3.74 0.74
C VAL A 40 12.40 2.36 1.26
N LEU A 41 11.82 1.53 0.39
CA LEU A 41 11.32 0.18 0.72
C LEU A 41 12.21 -0.94 0.12
N PRO A 42 12.24 -2.12 0.77
CA PRO A 42 13.14 -3.22 0.43
C PRO A 42 12.71 -3.95 -0.84
N ASP A 43 13.68 -4.49 -1.58
CA ASP A 43 13.45 -5.31 -2.79
C ASP A 43 12.82 -6.68 -2.48
N ASN A 44 12.78 -7.07 -1.21
CA ASN A 44 12.19 -8.32 -0.70
C ASN A 44 11.02 -8.04 0.27
N TRP A 45 10.35 -6.89 0.12
CA TRP A 45 9.11 -6.56 0.83
C TRP A 45 8.03 -7.65 0.62
N SER A 46 7.30 -8.00 1.67
CA SER A 46 6.24 -9.01 1.68
C SER A 46 5.10 -8.58 2.62
N CYS A 47 3.96 -9.29 2.58
CA CYS A 47 2.82 -9.01 3.47
C CYS A 47 3.21 -8.93 4.96
N ASP A 48 4.23 -9.68 5.39
CA ASP A 48 4.79 -9.67 6.75
C ASP A 48 5.47 -8.34 7.14
N GLN A 49 5.74 -7.49 6.16
CA GLN A 49 6.39 -6.18 6.30
C GLN A 49 5.38 -5.01 6.14
N ASN A 50 4.06 -5.31 6.17
CA ASN A 50 3.00 -4.31 6.12
C ASN A 50 2.83 -3.54 7.45
N THR A 51 2.31 -2.31 7.37
CA THR A 51 2.01 -1.46 8.53
C THR A 51 0.63 -1.75 9.12
N ASP A 52 -0.30 -2.22 8.29
CA ASP A 52 -1.70 -2.44 8.65
C ASP A 52 -1.95 -3.89 9.05
N VAL A 53 -2.28 -4.11 10.31
CA VAL A 53 -2.44 -5.45 10.95
C VAL A 53 -3.59 -6.28 10.35
N GLN A 54 -4.52 -5.60 9.67
CA GLN A 54 -5.63 -6.20 8.95
C GLN A 54 -5.19 -6.99 7.71
N TYR A 55 -3.96 -6.76 7.22
CA TYR A 55 -3.39 -7.43 6.03
C TYR A 55 -1.89 -7.73 6.16
N ASN A 56 -1.37 -7.86 7.38
CA ASN A 56 0.06 -8.04 7.67
C ASN A 56 0.57 -9.50 7.58
N ARG A 57 -0.16 -10.37 6.85
CA ARG A 57 0.15 -11.78 6.65
C ARG A 57 -0.20 -12.24 5.24
N CYS A 58 0.67 -13.08 4.68
CA CYS A 58 0.50 -13.75 3.39
C CYS A 58 -0.69 -14.72 3.29
N ASP A 59 -1.26 -15.10 4.44
CA ASP A 59 -2.41 -16.00 4.56
C ASP A 59 -3.73 -15.20 4.57
N ILE A 60 -3.64 -13.88 4.46
CA ILE A 60 -4.79 -12.96 4.40
C ILE A 60 -5.02 -12.55 2.93
N PRO A 61 -6.28 -12.62 2.45
CA PRO A 61 -6.66 -12.27 1.08
C PRO A 61 -6.38 -10.79 0.77
N GLU A 62 -6.28 -10.46 -0.52
CA GLU A 62 -6.10 -9.09 -1.00
C GLU A 62 -7.33 -8.22 -0.69
N GLU A 63 -7.13 -6.97 -0.26
CA GLU A 63 -8.24 -6.04 -0.01
C GLU A 63 -8.99 -5.71 -1.31
N THR A 64 -10.32 -5.64 -1.22
CA THR A 64 -11.22 -5.20 -2.30
C THR A 64 -11.03 -3.70 -2.56
N TRP A 65 -10.24 -3.38 -3.58
CA TRP A 65 -9.89 -1.99 -3.98
C TRP A 65 -10.72 -1.47 -5.18
N THR A 66 -11.71 -2.26 -5.61
CA THR A 66 -12.65 -1.98 -6.71
C THR A 66 -14.05 -1.79 -6.11
N GLY A 67 -14.85 -0.88 -6.69
CA GLY A 67 -16.19 -0.50 -6.21
C GLY A 67 -16.32 0.95 -5.74
N LEU A 68 -15.22 1.71 -5.76
CA LEU A 68 -15.19 3.16 -5.54
C LEU A 68 -14.05 3.78 -6.36
N GLU A 69 -14.38 4.78 -7.18
CA GLU A 69 -13.50 5.45 -8.15
C GLU A 69 -14.08 6.81 -8.60
N ALA B 1 10.13 -6.99 -5.19
CA ALA B 1 8.99 -6.22 -4.64
C ALA B 1 8.62 -5.08 -5.60
N ARG B 2 7.40 -5.09 -6.15
CA ARG B 2 6.90 -4.01 -7.02
C ARG B 2 6.23 -2.92 -6.21
N THR B 3 6.25 -1.70 -6.75
CA THR B 3 5.68 -0.47 -6.18
C THR B 3 4.89 0.28 -7.24
N GLN B 5 1.48 3.70 -7.28
CA GLN B 5 0.58 4.64 -6.61
C GLN B 5 -0.75 4.66 -7.38
N THR B 6 -1.86 4.58 -6.65
CA THR B 6 -3.22 4.48 -7.22
C THR B 6 -4.21 5.04 -6.21
N ALA B 7 -5.09 5.92 -6.69
CA ALA B 7 -5.99 6.77 -5.89
C ALA B 7 -7.28 6.06 -5.43
N ARG B 8 -8.11 6.80 -4.67
CA ARG B 8 -9.45 6.41 -4.20
C ARG B 8 -10.57 7.31 -4.75
N LYS B 9 -10.21 8.34 -5.53
CA LYS B 9 -11.15 9.31 -6.14
C LYS B 9 -10.61 10.01 -7.40
N SER B 10 -11.49 10.75 -8.09
CA SER B 10 -11.17 11.70 -9.18
C SER B 10 -11.37 13.16 -8.72
N GLY A 1 -24.37 22.12 -11.01
CA GLY A 1 -24.54 21.23 -9.85
C GLY A 1 -23.89 21.82 -8.61
N SER A 2 -22.89 21.15 -8.06
CA SER A 2 -22.14 21.57 -6.85
C SER A 2 -20.79 20.82 -6.75
N SER A 3 -19.93 21.22 -5.81
CA SER A 3 -18.59 20.66 -5.59
C SER A 3 -18.07 20.98 -4.17
N GLY A 4 -17.40 20.00 -3.54
CA GLY A 4 -16.91 20.06 -2.15
C GLY A 4 -15.51 19.50 -1.94
N SER A 5 -14.69 19.46 -2.99
CA SER A 5 -13.37 18.82 -3.01
C SER A 5 -12.36 19.67 -3.81
N SER A 6 -11.10 19.70 -3.39
CA SER A 6 -10.01 20.44 -4.05
C SER A 6 -8.97 19.47 -4.64
N GLY A 7 -8.66 19.65 -5.93
CA GLY A 7 -7.67 18.87 -6.69
C GLY A 7 -6.88 19.72 -7.67
N GLU A 8 -5.64 19.30 -7.95
CA GLU A 8 -4.70 19.98 -8.85
C GLU A 8 -3.84 18.93 -9.56
N ILE A 9 -3.55 19.14 -10.85
CA ILE A 9 -2.84 18.18 -11.71
C ILE A 9 -1.40 18.01 -11.22
N SER A 10 -1.12 16.89 -10.55
CA SER A 10 0.16 16.57 -9.88
C SER A 10 0.53 17.58 -8.75
N GLY A 11 -0.45 18.36 -8.25
CA GLY A 11 -0.24 19.48 -7.32
C GLY A 11 -0.22 19.10 -5.83
N PHE A 12 -0.28 17.81 -5.51
CA PHE A 12 -0.27 17.26 -4.14
C PHE A 12 0.57 15.99 -4.06
N GLY A 13 1.37 15.86 -3.00
CA GLY A 13 2.29 14.73 -2.76
C GLY A 13 1.69 13.57 -1.95
N GLN A 14 0.38 13.59 -1.69
CA GLN A 14 -0.33 12.65 -0.80
C GLN A 14 -0.85 11.40 -1.54
N CYS A 15 -0.39 11.13 -2.77
CA CYS A 15 -0.77 9.98 -3.58
C CYS A 15 -0.48 8.65 -2.85
N LEU A 16 -1.55 7.88 -2.60
CA LEU A 16 -1.58 6.67 -1.78
C LEU A 16 -0.62 5.61 -2.32
N VAL A 17 0.17 5.01 -1.44
CA VAL A 17 1.26 4.09 -1.77
C VAL A 17 0.84 2.65 -1.52
N TRP A 18 1.21 1.76 -2.44
CA TRP A 18 0.92 0.33 -2.39
C TRP A 18 2.17 -0.49 -2.74
N VAL A 19 2.31 -1.66 -2.11
CA VAL A 19 3.49 -2.55 -2.21
C VAL A 19 3.08 -3.98 -2.52
N GLN A 20 3.70 -4.57 -3.55
CA GLN A 20 3.43 -5.96 -3.93
C GLN A 20 4.36 -6.94 -3.20
N CYS A 21 3.76 -7.99 -2.66
CA CYS A 21 4.43 -9.12 -2.02
C CYS A 21 5.50 -9.77 -2.94
N SER A 22 6.66 -10.10 -2.39
CA SER A 22 7.78 -10.73 -3.11
C SER A 22 7.49 -12.16 -3.58
N PHE A 23 6.52 -12.86 -2.99
CA PHE A 23 6.14 -14.21 -3.41
C PHE A 23 5.21 -14.19 -4.63
N PRO A 24 5.47 -15.05 -5.63
CA PRO A 24 4.69 -15.15 -6.86
C PRO A 24 3.30 -15.77 -6.62
N ASN A 25 3.20 -16.68 -5.64
CA ASN A 25 1.94 -17.28 -5.19
C ASN A 25 1.07 -16.32 -4.34
N CYS A 26 1.60 -15.15 -3.98
CA CYS A 26 0.90 -14.06 -3.32
C CYS A 26 0.53 -12.99 -4.37
N GLY A 27 1.52 -12.16 -4.75
CA GLY A 27 1.35 -11.03 -5.66
C GLY A 27 0.39 -9.96 -5.12
N LYS A 28 0.10 -9.99 -3.82
CA LYS A 28 -0.87 -9.12 -3.15
C LYS A 28 -0.33 -7.70 -2.96
N TRP A 29 -1.19 -6.69 -3.11
CA TRP A 29 -0.82 -5.28 -2.93
C TRP A 29 -1.36 -4.77 -1.59
N ARG A 30 -0.49 -4.66 -0.59
CA ARG A 30 -0.88 -4.08 0.70
C ARG A 30 -0.76 -2.56 0.66
N ARG A 31 -1.66 -1.90 1.38
CA ARG A 31 -1.85 -0.44 1.44
C ARG A 31 -0.99 0.16 2.57
N LEU A 32 -0.26 1.24 2.29
CA LEU A 32 0.66 1.89 3.24
C LEU A 32 0.19 3.29 3.66
N CYS A 33 0.79 3.81 4.73
CA CYS A 33 0.59 5.17 5.24
C CYS A 33 1.15 6.22 4.26
N GLY A 34 0.47 7.36 4.13
CA GLY A 34 0.87 8.49 3.26
C GLY A 34 2.16 9.20 3.68
N ASN A 35 2.71 8.89 4.85
CA ASN A 35 4.01 9.35 5.34
C ASN A 35 5.19 8.45 4.91
N ILE A 36 4.93 7.34 4.19
CA ILE A 36 5.93 6.38 3.70
C ILE A 36 6.16 6.61 2.19
N ASP A 37 7.36 6.30 1.69
CA ASP A 37 7.76 6.48 0.29
C ASP A 37 8.38 5.19 -0.28
N PRO A 38 7.99 4.75 -1.49
CA PRO A 38 8.49 3.50 -2.08
C PRO A 38 9.98 3.53 -2.43
N SER A 39 10.64 4.69 -2.42
CA SER A 39 12.09 4.82 -2.58
C SER A 39 12.88 4.42 -1.30
N VAL A 40 12.20 4.27 -0.15
CA VAL A 40 12.81 3.81 1.13
C VAL A 40 12.34 2.42 1.58
N LEU A 41 11.86 1.60 0.63
CA LEU A 41 11.36 0.23 0.88
C LEU A 41 12.23 -0.86 0.21
N PRO A 42 12.27 -2.08 0.79
CA PRO A 42 13.20 -3.14 0.41
C PRO A 42 12.78 -3.86 -0.88
N ASP A 43 13.77 -4.40 -1.60
CA ASP A 43 13.57 -5.16 -2.85
C ASP A 43 12.94 -6.55 -2.64
N ASN A 44 12.87 -7.01 -1.38
CA ASN A 44 12.28 -8.29 -0.96
C ASN A 44 11.14 -8.08 0.06
N TRP A 45 10.43 -6.95 -0.06
CA TRP A 45 9.21 -6.66 0.71
C TRP A 45 8.15 -7.76 0.52
N SER A 46 7.48 -8.16 1.61
CA SER A 46 6.43 -9.19 1.64
C SER A 46 5.32 -8.80 2.63
N CYS A 47 4.20 -9.53 2.64
CA CYS A 47 3.09 -9.29 3.58
C CYS A 47 3.57 -9.23 5.06
N ASP A 48 4.62 -9.99 5.42
CA ASP A 48 5.24 -10.01 6.75
C ASP A 48 5.93 -8.68 7.13
N GLN A 49 6.15 -7.79 6.16
CA GLN A 49 6.77 -6.47 6.31
C GLN A 49 5.73 -5.33 6.23
N ASN A 50 4.43 -5.66 6.31
CA ASN A 50 3.34 -4.67 6.30
C ASN A 50 3.23 -3.86 7.61
N THR A 51 2.73 -2.62 7.48
CA THR A 51 2.44 -1.72 8.60
C THR A 51 1.14 -2.03 9.31
N ASP A 52 0.19 -2.71 8.65
CA ASP A 52 -1.15 -2.98 9.17
C ASP A 52 -1.32 -4.46 9.58
N VAL A 53 -1.62 -4.71 10.85
CA VAL A 53 -1.73 -6.06 11.43
C VAL A 53 -2.91 -6.87 10.90
N GLN A 54 -3.90 -6.20 10.30
CA GLN A 54 -5.04 -6.84 9.66
C GLN A 54 -4.71 -7.52 8.32
N TYR A 55 -3.54 -7.21 7.74
CA TYR A 55 -3.06 -7.79 6.47
C TYR A 55 -1.55 -8.08 6.48
N ASN A 56 -0.96 -8.33 7.66
CA ASN A 56 0.48 -8.55 7.85
C ASN A 56 0.94 -10.01 7.63
N ARG A 57 0.14 -10.82 6.92
CA ARG A 57 0.40 -12.23 6.63
C ARG A 57 -0.02 -12.62 5.21
N CYS A 58 0.79 -13.43 4.57
CA CYS A 58 0.55 -14.03 3.25
C CYS A 58 -0.66 -14.96 3.17
N ASP A 59 -1.17 -15.41 4.31
CA ASP A 59 -2.34 -16.29 4.43
C ASP A 59 -3.64 -15.49 4.57
N ILE A 60 -3.53 -14.15 4.56
CA ILE A 60 -4.65 -13.21 4.59
C ILE A 60 -4.95 -12.74 3.16
N PRO A 61 -6.23 -12.78 2.74
CA PRO A 61 -6.66 -12.34 1.41
C PRO A 61 -6.44 -10.84 1.20
N GLU A 62 -6.46 -10.40 -0.05
CA GLU A 62 -6.30 -9.00 -0.40
C GLU A 62 -7.54 -8.17 -0.05
N GLU A 63 -7.33 -6.92 0.40
CA GLU A 63 -8.34 -5.95 0.82
C GLU A 63 -9.19 -5.46 -0.36
N THR A 64 -10.47 -5.12 -0.09
CA THR A 64 -11.37 -4.46 -1.05
C THR A 64 -10.85 -3.07 -1.37
N TRP A 65 -10.67 -2.77 -2.66
CA TRP A 65 -10.23 -1.47 -3.16
C TRP A 65 -10.98 -1.08 -4.45
N THR A 66 -11.13 0.23 -4.65
CA THR A 66 -11.95 0.85 -5.72
C THR A 66 -11.33 2.17 -6.18
N GLY A 67 -10.02 2.12 -6.47
CA GLY A 67 -9.20 3.25 -6.92
C GLY A 67 -9.31 3.49 -8.43
N LEU A 68 -8.18 3.84 -9.06
CA LEU A 68 -8.08 4.10 -10.51
C LEU A 68 -6.68 3.76 -11.03
N GLU A 69 -6.59 3.35 -12.30
CA GLU A 69 -5.37 2.86 -12.97
C GLU A 69 -4.94 3.75 -14.16
N ALA B 1 10.45 -6.50 -5.45
CA ALA B 1 9.19 -5.99 -4.86
C ALA B 1 8.65 -4.83 -5.71
N ARG B 2 7.51 -5.02 -6.40
CA ARG B 2 6.88 -3.93 -7.16
C ARG B 2 6.23 -2.91 -6.22
N THR B 3 6.20 -1.66 -6.70
CA THR B 3 5.66 -0.48 -6.02
C THR B 3 4.85 0.33 -7.02
N GLN B 5 1.67 3.95 -6.93
CA GLN B 5 0.85 4.95 -6.27
C GLN B 5 -0.48 5.11 -7.02
N THR B 6 -1.54 5.49 -6.30
CA THR B 6 -2.87 5.81 -6.87
C THR B 6 -3.33 7.19 -6.41
N ALA B 7 -4.30 7.74 -7.12
CA ALA B 7 -4.75 9.13 -7.02
C ALA B 7 -5.85 9.38 -5.96
N ARG B 8 -6.16 8.41 -5.09
CA ARG B 8 -7.22 8.49 -4.06
C ARG B 8 -8.59 8.89 -4.67
N LYS B 9 -8.88 8.34 -5.86
CA LYS B 9 -10.13 8.53 -6.64
C LYS B 9 -10.34 9.97 -7.19
N SER B 10 -9.31 10.82 -7.19
CA SER B 10 -9.32 12.18 -7.76
C SER B 10 -9.65 12.19 -9.26
N GLY A 1 10.07 12.01 19.07
CA GLY A 1 9.97 11.60 20.49
C GLY A 1 9.05 10.40 20.67
N SER A 2 8.93 9.90 21.90
CA SER A 2 8.19 8.66 22.22
C SER A 2 6.66 8.80 22.23
N SER A 3 6.14 10.04 22.20
CA SER A 3 4.71 10.38 22.29
C SER A 3 3.94 10.23 20.95
N GLY A 4 4.37 9.32 20.07
CA GLY A 4 3.84 9.07 18.73
C GLY A 4 2.50 8.32 18.72
N SER A 5 1.55 8.78 19.52
CA SER A 5 0.24 8.15 19.77
C SER A 5 -0.86 8.58 18.76
N SER A 6 -0.49 9.19 17.64
CA SER A 6 -1.39 9.70 16.60
C SER A 6 -0.72 9.64 15.22
N GLY A 7 -1.48 9.22 14.19
CA GLY A 7 -1.01 9.00 12.81
C GLY A 7 -1.97 9.53 11.75
N GLU A 8 -2.04 8.85 10.60
CA GLU A 8 -2.93 9.16 9.47
C GLU A 8 -2.58 10.51 8.79
N ILE A 9 -1.30 10.90 8.84
CA ILE A 9 -0.79 12.16 8.27
C ILE A 9 -0.54 11.98 6.77
N SER A 10 -1.24 12.74 5.93
CA SER A 10 -1.14 12.66 4.46
C SER A 10 0.04 13.45 3.88
N GLY A 11 0.49 14.51 4.56
CA GLY A 11 1.60 15.38 4.12
C GLY A 11 1.24 16.28 2.94
N PHE A 12 2.25 16.64 2.13
CA PHE A 12 2.07 17.44 0.90
C PHE A 12 1.44 16.58 -0.22
N GLY A 13 0.17 16.86 -0.52
CA GLY A 13 -0.66 16.11 -1.48
C GLY A 13 -1.18 14.79 -0.91
N GLN A 14 -2.47 14.51 -1.08
CA GLN A 14 -3.10 13.28 -0.61
C GLN A 14 -2.96 12.18 -1.66
N CYS A 15 -1.82 11.48 -1.65
CA CYS A 15 -1.56 10.26 -2.42
C CYS A 15 -1.79 9.01 -1.56
N LEU A 16 -1.80 7.84 -2.21
CA LEU A 16 -1.89 6.52 -1.57
C LEU A 16 -0.88 5.58 -2.21
N VAL A 17 0.08 5.09 -1.43
CA VAL A 17 1.17 4.20 -1.86
C VAL A 17 0.75 2.75 -1.62
N TRP A 18 0.96 1.91 -2.64
CA TRP A 18 0.68 0.47 -2.60
C TRP A 18 1.97 -0.34 -2.86
N VAL A 19 2.13 -1.44 -2.12
CA VAL A 19 3.30 -2.35 -2.18
C VAL A 19 2.88 -3.76 -2.54
N GLN A 20 3.57 -4.38 -3.51
CA GLN A 20 3.31 -5.74 -3.95
C GLN A 20 4.23 -6.74 -3.24
N CYS A 21 3.63 -7.80 -2.70
CA CYS A 21 4.30 -8.92 -2.05
C CYS A 21 5.39 -9.57 -2.94
N SER A 22 6.54 -9.90 -2.35
CA SER A 22 7.68 -10.53 -3.03
C SER A 22 7.41 -11.96 -3.54
N PHE A 23 6.44 -12.69 -2.95
CA PHE A 23 6.09 -14.03 -3.38
C PHE A 23 5.22 -14.03 -4.64
N PRO A 24 5.52 -14.90 -5.62
CA PRO A 24 4.76 -15.02 -6.86
C PRO A 24 3.39 -15.66 -6.65
N ASN A 25 3.26 -16.53 -5.66
CA ASN A 25 1.99 -17.13 -5.22
C ASN A 25 1.09 -16.17 -4.41
N CYS A 26 1.60 -14.98 -4.07
CA CYS A 26 0.87 -13.88 -3.46
C CYS A 26 0.55 -12.84 -4.55
N GLY A 27 1.55 -11.98 -4.88
CA GLY A 27 1.41 -10.86 -5.78
C GLY A 27 0.41 -9.80 -5.29
N LYS A 28 0.02 -9.86 -4.01
CA LYS A 28 -0.99 -9.00 -3.41
C LYS A 28 -0.47 -7.58 -3.19
N TRP A 29 -1.35 -6.60 -3.37
CA TRP A 29 -1.07 -5.19 -3.07
C TRP A 29 -1.66 -4.82 -1.71
N ARG A 30 -0.81 -4.27 -0.82
CA ARG A 30 -1.21 -3.75 0.50
C ARG A 30 -0.99 -2.23 0.54
N ARG A 31 -1.84 -1.53 1.29
CA ARG A 31 -1.76 -0.08 1.55
C ARG A 31 -0.65 0.24 2.56
N LEU A 32 -0.08 1.44 2.44
CA LEU A 32 0.84 2.05 3.41
C LEU A 32 0.26 3.36 3.97
N CYS A 33 0.98 3.96 4.93
CA CYS A 33 0.58 5.17 5.68
C CYS A 33 0.48 6.46 4.84
N GLY A 34 0.94 6.46 3.58
CA GLY A 34 0.89 7.59 2.64
C GLY A 34 2.09 8.53 2.74
N ASN A 35 2.64 8.71 3.94
CA ASN A 35 3.87 9.48 4.21
C ASN A 35 5.17 8.64 4.10
N ILE A 36 5.06 7.34 3.84
CA ILE A 36 6.20 6.42 3.58
C ILE A 36 6.48 6.40 2.07
N ASP A 37 7.75 6.48 1.70
CA ASP A 37 8.19 6.59 0.30
C ASP A 37 8.69 5.25 -0.26
N PRO A 38 8.26 4.82 -1.46
CA PRO A 38 8.65 3.55 -2.05
C PRO A 38 10.15 3.42 -2.36
N SER A 39 10.91 4.53 -2.41
CA SER A 39 12.36 4.51 -2.57
C SER A 39 13.13 4.25 -1.26
N VAL A 40 12.45 4.11 -0.11
CA VAL A 40 13.05 3.70 1.18
C VAL A 40 12.51 2.35 1.70
N LEU A 41 11.99 1.51 0.79
CA LEU A 41 11.46 0.16 1.09
C LEU A 41 12.36 -0.96 0.52
N PRO A 42 12.34 -2.16 1.13
CA PRO A 42 13.21 -3.28 0.78
C PRO A 42 12.77 -3.94 -0.54
N ASP A 43 13.75 -4.46 -1.30
CA ASP A 43 13.52 -5.20 -2.55
C ASP A 43 12.86 -6.57 -2.35
N ASN A 44 12.77 -7.04 -1.10
CA ASN A 44 12.16 -8.31 -0.68
C ASN A 44 10.97 -8.08 0.27
N TRP A 45 10.31 -6.91 0.19
CA TRP A 45 9.07 -6.60 0.90
C TRP A 45 7.97 -7.67 0.66
N SER A 46 7.26 -8.05 1.71
CA SER A 46 6.19 -9.05 1.69
C SER A 46 5.05 -8.65 2.64
N CYS A 47 3.92 -9.35 2.61
CA CYS A 47 2.80 -9.10 3.52
C CYS A 47 3.23 -9.07 5.01
N ASP A 48 4.26 -9.85 5.39
CA ASP A 48 4.83 -9.90 6.75
C ASP A 48 5.54 -8.59 7.17
N GLN A 49 5.80 -7.69 6.21
CA GLN A 49 6.45 -6.39 6.39
C GLN A 49 5.44 -5.22 6.29
N ASN A 50 4.13 -5.50 6.34
CA ASN A 50 3.07 -4.50 6.26
C ASN A 50 2.89 -3.67 7.54
N THR A 51 2.45 -2.42 7.38
CA THR A 51 2.13 -1.50 8.48
C THR A 51 0.74 -1.75 9.09
N ASP A 52 -0.16 -2.40 8.36
CA ASP A 52 -1.53 -2.68 8.80
C ASP A 52 -1.72 -4.14 9.24
N VAL A 53 -2.11 -4.35 10.49
CA VAL A 53 -2.24 -5.69 11.12
C VAL A 53 -3.39 -6.52 10.54
N GLN A 54 -4.37 -5.86 9.90
CA GLN A 54 -5.49 -6.51 9.24
C GLN A 54 -5.11 -7.21 7.92
N TYR A 55 -3.93 -6.92 7.37
CA TYR A 55 -3.42 -7.53 6.13
C TYR A 55 -1.91 -7.85 6.21
N ASN A 56 -1.38 -8.09 7.41
CA ASN A 56 0.05 -8.32 7.67
C ASN A 56 0.51 -9.79 7.46
N ARG A 57 -0.26 -10.59 6.73
CA ARG A 57 0.01 -12.00 6.45
C ARG A 57 -0.38 -12.39 5.02
N CYS A 58 0.46 -13.21 4.40
CA CYS A 58 0.27 -13.81 3.09
C CYS A 58 -0.95 -14.75 2.95
N ASP A 59 -1.51 -15.18 4.08
CA ASP A 59 -2.68 -16.06 4.16
C ASP A 59 -3.98 -15.24 4.25
N ILE A 60 -3.86 -13.91 4.25
CA ILE A 60 -4.97 -12.97 4.25
C ILE A 60 -5.21 -12.49 2.82
N PRO A 61 -6.48 -12.52 2.33
CA PRO A 61 -6.84 -12.14 0.98
C PRO A 61 -6.55 -10.66 0.69
N GLU A 62 -6.46 -10.33 -0.60
CA GLU A 62 -6.28 -8.97 -1.08
C GLU A 62 -7.53 -8.10 -0.78
N GLU A 63 -7.31 -6.84 -0.38
CA GLU A 63 -8.39 -5.86 -0.14
C GLU A 63 -9.19 -5.59 -1.43
N THR A 64 -10.50 -5.33 -1.26
CA THR A 64 -11.43 -4.95 -2.35
C THR A 64 -11.29 -3.46 -2.61
N TRP A 65 -10.36 -3.08 -3.48
CA TRP A 65 -10.00 -1.70 -3.81
C TRP A 65 -10.82 -1.11 -4.98
N THR A 66 -11.96 -1.71 -5.32
CA THR A 66 -12.80 -1.43 -6.50
C THR A 66 -13.47 -0.05 -6.50
N GLY A 67 -13.53 0.64 -5.36
CA GLY A 67 -14.08 2.00 -5.22
C GLY A 67 -15.59 2.05 -4.98
N LEU A 68 -16.24 0.91 -4.70
CA LEU A 68 -17.68 0.78 -4.44
C LEU A 68 -17.94 0.10 -3.09
N GLU A 69 -19.12 0.36 -2.51
CA GLU A 69 -19.57 -0.16 -1.21
C GLU A 69 -19.97 -1.66 -1.25
N ALA B 1 10.21 -6.73 -5.07
CA ALA B 1 9.08 -5.97 -4.50
C ALA B 1 8.67 -4.85 -5.47
N ARG B 2 7.43 -4.88 -5.99
CA ARG B 2 6.90 -3.80 -6.85
C ARG B 2 6.21 -2.73 -6.00
N THR B 3 6.18 -1.51 -6.53
CA THR B 3 5.62 -0.31 -5.89
C THR B 3 4.88 0.52 -6.92
N GLN B 5 1.54 3.96 -6.90
CA GLN B 5 0.69 4.92 -6.21
C GLN B 5 -0.65 5.03 -6.94
N THR B 6 -1.70 5.48 -6.23
CA THR B 6 -3.02 5.80 -6.81
C THR B 6 -3.50 7.16 -6.31
N ALA B 7 -4.52 7.69 -7.01
CA ALA B 7 -5.12 9.00 -6.74
C ALA B 7 -6.33 8.86 -5.80
N ARG B 8 -6.19 9.36 -4.56
CA ARG B 8 -7.28 9.43 -3.58
C ARG B 8 -8.33 10.48 -3.95
N LYS B 9 -9.58 10.17 -3.61
CA LYS B 9 -10.77 10.95 -3.99
C LYS B 9 -12.01 10.58 -3.15
N SER B 10 -12.79 11.60 -2.76
CA SER B 10 -13.98 11.51 -1.90
C SER B 10 -15.22 10.96 -2.64
N GLY A 1 20.98 22.40 13.85
CA GLY A 1 19.50 22.35 13.88
C GLY A 1 19.02 21.02 14.43
N SER A 2 18.25 20.26 13.64
CA SER A 2 17.63 18.99 14.03
C SER A 2 17.16 18.17 12.81
N SER A 3 16.84 16.89 13.01
CA SER A 3 16.38 15.96 11.97
C SER A 3 15.67 14.74 12.60
N GLY A 4 14.80 14.06 11.82
CA GLY A 4 13.97 12.94 12.29
C GLY A 4 12.63 12.87 11.55
N SER A 5 11.55 12.64 12.28
CA SER A 5 10.18 12.60 11.73
C SER A 5 9.63 14.00 11.39
N SER A 6 8.40 14.07 10.87
CA SER A 6 7.72 15.29 10.38
C SER A 6 6.19 15.11 10.37
N GLY A 7 5.45 16.23 10.33
CA GLY A 7 3.98 16.25 10.27
C GLY A 7 3.42 15.85 8.90
N GLU A 8 2.10 15.64 8.85
CA GLU A 8 1.36 15.11 7.69
C GLU A 8 0.21 16.03 7.24
N ILE A 9 0.33 17.33 7.54
CA ILE A 9 -0.68 18.35 7.21
C ILE A 9 -0.54 18.73 5.72
N SER A 10 -1.41 18.18 4.88
CA SER A 10 -1.42 18.36 3.43
C SER A 10 -2.77 17.95 2.83
N GLY A 11 -3.37 18.83 2.01
CA GLY A 11 -4.65 18.60 1.32
C GLY A 11 -4.44 17.90 -0.02
N PHE A 12 -4.44 18.67 -1.10
CA PHE A 12 -4.13 18.20 -2.46
C PHE A 12 -2.60 18.08 -2.66
N GLY A 13 -2.19 17.15 -3.54
CA GLY A 13 -0.78 16.91 -3.90
C GLY A 13 -0.15 15.69 -3.22
N GLN A 14 -0.83 15.06 -2.26
CA GLN A 14 -0.45 13.75 -1.70
C GLN A 14 -1.13 12.59 -2.44
N CYS A 15 -0.72 11.36 -2.16
CA CYS A 15 -1.19 10.12 -2.79
C CYS A 15 -1.11 8.92 -1.85
N LEU A 16 -1.73 7.81 -2.25
CA LEU A 16 -1.71 6.53 -1.52
C LEU A 16 -0.70 5.59 -2.21
N VAL A 17 0.25 5.08 -1.44
CA VAL A 17 1.30 4.14 -1.91
C VAL A 17 0.85 2.70 -1.71
N TRP A 18 1.00 1.87 -2.75
CA TRP A 18 0.73 0.43 -2.71
C TRP A 18 2.00 -0.38 -3.02
N VAL A 19 2.17 -1.51 -2.35
CA VAL A 19 3.34 -2.41 -2.45
C VAL A 19 2.91 -3.84 -2.77
N GLN A 20 3.60 -4.47 -3.70
CA GLN A 20 3.33 -5.86 -4.11
C GLN A 20 4.26 -6.84 -3.36
N CYS A 21 3.67 -7.91 -2.82
CA CYS A 21 4.36 -9.00 -2.14
C CYS A 21 5.47 -9.62 -3.01
N SER A 22 6.63 -9.91 -2.40
CA SER A 22 7.79 -10.50 -3.10
C SER A 22 7.53 -11.96 -3.56
N PHE A 23 6.63 -12.69 -2.89
CA PHE A 23 6.29 -14.06 -3.28
C PHE A 23 5.42 -14.10 -4.56
N PRO A 24 5.76 -14.99 -5.51
CA PRO A 24 5.06 -15.14 -6.78
C PRO A 24 3.68 -15.79 -6.60
N ASN A 25 3.54 -16.68 -5.61
CA ASN A 25 2.27 -17.30 -5.21
C ASN A 25 1.32 -16.33 -4.44
N CYS A 26 1.81 -15.14 -4.10
CA CYS A 26 1.03 -14.05 -3.52
C CYS A 26 0.72 -13.02 -4.62
N GLY A 27 1.70 -12.16 -4.94
CA GLY A 27 1.57 -11.06 -5.87
C GLY A 27 0.55 -10.01 -5.41
N LYS A 28 0.19 -10.02 -4.12
CA LYS A 28 -0.86 -9.17 -3.56
C LYS A 28 -0.38 -7.74 -3.36
N TRP A 29 -1.27 -6.76 -3.60
CA TRP A 29 -1.01 -5.36 -3.31
C TRP A 29 -1.62 -4.99 -1.94
N ARG A 30 -0.80 -4.38 -1.07
CA ARG A 30 -1.21 -3.83 0.22
C ARG A 30 -0.93 -2.32 0.25
N ARG A 31 -1.81 -1.56 0.92
CA ARG A 31 -1.69 -0.10 1.11
C ARG A 31 -0.72 0.25 2.25
N LEU A 32 -0.17 1.46 2.19
CA LEU A 32 0.78 2.01 3.17
C LEU A 32 0.39 3.44 3.62
N CYS A 33 1.02 3.90 4.69
CA CYS A 33 0.90 5.26 5.21
C CYS A 33 1.49 6.31 4.24
N GLY A 34 0.84 7.49 4.14
CA GLY A 34 1.29 8.60 3.28
C GLY A 34 2.62 9.24 3.71
N ASN A 35 3.14 8.90 4.89
CA ASN A 35 4.48 9.27 5.37
C ASN A 35 5.61 8.38 4.81
N ILE A 36 5.28 7.33 4.05
CA ILE A 36 6.24 6.34 3.50
C ILE A 36 6.42 6.56 1.99
N ASP A 37 7.62 6.27 1.47
CA ASP A 37 7.98 6.43 0.07
C ASP A 37 8.54 5.11 -0.49
N PRO A 38 8.12 4.67 -1.70
CA PRO A 38 8.58 3.41 -2.27
C PRO A 38 10.08 3.36 -2.61
N SER A 39 10.78 4.50 -2.62
CA SER A 39 12.24 4.57 -2.77
C SER A 39 13.01 4.18 -1.49
N VAL A 40 12.33 4.07 -0.33
CA VAL A 40 12.94 3.66 0.97
C VAL A 40 12.39 2.33 1.51
N LEU A 41 11.86 1.47 0.63
CA LEU A 41 11.33 0.13 0.97
C LEU A 41 12.22 -1.00 0.42
N PRO A 42 12.22 -2.18 1.09
CA PRO A 42 13.08 -3.32 0.77
C PRO A 42 12.63 -4.04 -0.50
N ASP A 43 13.57 -4.65 -1.22
CA ASP A 43 13.29 -5.39 -2.46
C ASP A 43 12.72 -6.81 -2.21
N ASN A 44 12.76 -7.26 -0.95
CA ASN A 44 12.12 -8.49 -0.46
C ASN A 44 10.90 -8.15 0.44
N TRP A 45 10.28 -6.98 0.26
CA TRP A 45 9.02 -6.62 0.91
C TRP A 45 7.94 -7.69 0.69
N SER A 46 7.18 -8.04 1.72
CA SER A 46 6.11 -9.04 1.68
C SER A 46 4.96 -8.62 2.59
N CYS A 47 3.82 -9.32 2.51
CA CYS A 47 2.65 -9.04 3.37
C CYS A 47 3.00 -8.98 4.87
N ASP A 48 4.02 -9.72 5.33
CA ASP A 48 4.53 -9.72 6.70
C ASP A 48 5.19 -8.38 7.13
N GLN A 49 5.50 -7.51 6.17
CA GLN A 49 6.16 -6.22 6.34
C GLN A 49 5.17 -5.04 6.16
N ASN A 50 3.86 -5.32 6.21
CA ASN A 50 2.78 -4.33 6.08
C ASN A 50 2.58 -3.46 7.34
N THR A 51 2.07 -2.24 7.14
CA THR A 51 1.74 -1.28 8.20
C THR A 51 0.32 -1.44 8.77
N ASP A 52 -0.52 -2.21 8.07
CA ASP A 52 -1.94 -2.43 8.42
C ASP A 52 -2.18 -3.88 8.85
N VAL A 53 -2.58 -4.08 10.11
CA VAL A 53 -2.74 -5.40 10.75
C VAL A 53 -3.88 -6.23 10.14
N GLN A 54 -4.79 -5.58 9.42
CA GLN A 54 -5.89 -6.19 8.69
C GLN A 54 -5.44 -6.99 7.46
N TYR A 55 -4.20 -6.76 6.99
CA TYR A 55 -3.63 -7.43 5.80
C TYR A 55 -2.12 -7.73 5.96
N ASN A 56 -1.64 -7.91 7.20
CA ASN A 56 -0.22 -8.11 7.53
C ASN A 56 0.27 -9.58 7.42
N ARG A 57 -0.46 -10.42 6.66
CA ARG A 57 -0.15 -11.83 6.43
C ARG A 57 -0.48 -12.27 5.01
N CYS A 58 0.40 -13.10 4.45
CA CYS A 58 0.27 -13.73 3.14
C CYS A 58 -0.94 -14.69 2.98
N ASP A 59 -1.54 -15.09 4.10
CA ASP A 59 -2.71 -15.98 4.15
C ASP A 59 -4.02 -15.18 4.15
N ILE A 60 -3.92 -13.85 4.11
CA ILE A 60 -5.05 -12.93 4.04
C ILE A 60 -5.25 -12.50 2.57
N PRO A 61 -6.49 -12.56 2.06
CA PRO A 61 -6.83 -12.20 0.69
C PRO A 61 -6.53 -10.72 0.38
N GLU A 62 -6.37 -10.39 -0.91
CA GLU A 62 -6.12 -9.04 -1.37
C GLU A 62 -7.34 -8.12 -1.10
N GLU A 63 -7.09 -6.88 -0.66
CA GLU A 63 -8.14 -5.90 -0.36
C GLU A 63 -8.87 -5.48 -1.64
N THR A 64 -10.21 -5.33 -1.53
CA THR A 64 -11.09 -4.83 -2.59
C THR A 64 -10.95 -3.31 -2.71
N TRP A 65 -9.95 -2.86 -3.46
CA TRP A 65 -9.64 -1.44 -3.67
C TRP A 65 -10.47 -0.78 -4.79
N THR A 66 -11.34 -1.56 -5.42
CA THR A 66 -12.17 -1.21 -6.57
C THR A 66 -13.61 -0.93 -6.13
N GLY A 67 -14.15 0.20 -6.59
CA GLY A 67 -15.50 0.66 -6.26
C GLY A 67 -15.88 1.99 -6.94
N LEU A 68 -17.12 2.43 -6.72
CA LEU A 68 -17.73 3.62 -7.33
C LEU A 68 -18.90 4.10 -6.46
N GLU A 69 -19.16 5.42 -6.45
CA GLU A 69 -20.15 6.11 -5.60
C GLU A 69 -20.94 7.22 -6.33
N ALA B 1 10.65 -6.37 -5.25
CA ALA B 1 9.37 -5.83 -4.72
C ALA B 1 8.83 -4.76 -5.66
N ARG B 2 7.67 -5.00 -6.28
CA ARG B 2 6.95 -4.00 -7.10
C ARG B 2 6.28 -2.95 -6.22
N THR B 3 6.13 -1.76 -6.79
CA THR B 3 5.63 -0.53 -6.16
C THR B 3 4.81 0.28 -7.15
N GLN B 5 1.64 3.93 -6.99
CA GLN B 5 0.84 4.94 -6.30
C GLN B 5 -0.53 5.06 -7.00
N THR B 6 -1.55 5.55 -6.28
CA THR B 6 -2.90 5.79 -6.83
C THR B 6 -3.46 7.14 -6.37
N ALA B 7 -4.51 7.59 -7.06
CA ALA B 7 -5.12 8.93 -6.92
C ALA B 7 -5.95 9.14 -5.63
N ARG B 8 -6.07 8.10 -4.78
CA ARG B 8 -6.65 8.18 -3.44
C ARG B 8 -5.92 9.24 -2.59
N LYS B 9 -6.69 10.13 -1.96
CA LYS B 9 -6.20 11.22 -1.09
C LYS B 9 -6.74 11.17 0.36
N SER B 10 -7.70 10.28 0.63
CA SER B 10 -8.27 9.95 1.96
C SER B 10 -8.80 11.19 2.72
N GLY A 1 -0.06 24.16 25.32
CA GLY A 1 -1.10 23.12 25.40
C GLY A 1 -0.98 22.13 24.26
N SER A 2 -2.01 22.01 23.43
CA SER A 2 -2.07 21.09 22.27
C SER A 2 -1.27 21.60 21.05
N SER A 3 -0.02 22.03 21.27
CA SER A 3 0.85 22.66 20.27
C SER A 3 1.29 21.67 19.17
N GLY A 4 1.02 22.00 17.91
CA GLY A 4 1.30 21.13 16.76
C GLY A 4 0.67 21.63 15.46
N SER A 5 0.99 22.87 15.06
CA SER A 5 0.52 23.49 13.82
C SER A 5 1.23 22.91 12.57
N SER A 6 0.45 22.54 11.55
CA SER A 6 0.90 21.88 10.31
C SER A 6 -0.21 21.86 9.25
N GLY A 7 0.13 21.54 8.00
CA GLY A 7 -0.84 21.42 6.90
C GLY A 7 -1.70 20.16 7.03
N GLU A 8 -3.01 20.30 6.86
CA GLU A 8 -3.99 19.20 6.94
C GLU A 8 -4.20 18.58 5.55
N ILE A 9 -3.97 17.28 5.42
CA ILE A 9 -4.14 16.52 4.17
C ILE A 9 -5.63 16.19 3.97
N SER A 10 -6.38 17.18 3.48
CA SER A 10 -7.83 17.07 3.23
C SER A 10 -8.12 16.84 1.74
N GLY A 11 -8.70 15.68 1.41
CA GLY A 11 -9.12 15.32 0.05
C GLY A 11 -9.66 13.89 -0.06
N PHE A 12 -10.90 13.75 -0.54
CA PHE A 12 -11.58 12.45 -0.71
C PHE A 12 -10.94 11.58 -1.80
N GLY A 13 -10.31 12.20 -2.80
CA GLY A 13 -9.67 11.56 -3.96
C GLY A 13 -8.14 11.50 -3.87
N GLN A 14 -7.56 11.60 -2.67
CA GLN A 14 -6.10 11.64 -2.46
C GLN A 14 -5.39 10.36 -2.93
N CYS A 15 -4.09 10.49 -3.23
CA CYS A 15 -3.21 9.36 -3.56
C CYS A 15 -2.75 8.59 -2.32
N LEU A 16 -2.30 7.34 -2.54
CA LEU A 16 -1.71 6.46 -1.54
C LEU A 16 -0.72 5.50 -2.21
N VAL A 17 0.25 5.02 -1.42
CA VAL A 17 1.33 4.12 -1.86
C VAL A 17 0.89 2.67 -1.63
N TRP A 18 1.12 1.83 -2.65
CA TRP A 18 0.84 0.40 -2.62
C TRP A 18 2.11 -0.40 -2.94
N VAL A 19 2.26 -1.54 -2.26
CA VAL A 19 3.43 -2.44 -2.35
C VAL A 19 2.98 -3.87 -2.68
N GLN A 20 3.65 -4.49 -3.65
CA GLN A 20 3.38 -5.88 -4.05
C GLN A 20 4.28 -6.86 -3.29
N CYS A 21 3.66 -7.92 -2.76
CA CYS A 21 4.32 -9.04 -2.10
C CYS A 21 5.41 -9.71 -2.97
N SER A 22 6.56 -10.02 -2.37
CA SER A 22 7.70 -10.65 -3.04
C SER A 22 7.43 -12.09 -3.52
N PHE A 23 6.45 -12.80 -2.94
CA PHE A 23 6.09 -14.15 -3.35
C PHE A 23 5.23 -14.16 -4.61
N PRO A 24 5.54 -15.05 -5.59
CA PRO A 24 4.80 -15.19 -6.84
C PRO A 24 3.42 -15.81 -6.63
N ASN A 25 3.28 -16.69 -5.64
CA ASN A 25 2.01 -17.28 -5.21
C ASN A 25 1.09 -16.31 -4.42
N CYS A 26 1.61 -15.12 -4.08
CA CYS A 26 0.87 -14.02 -3.48
C CYS A 26 0.57 -12.98 -4.57
N GLY A 27 1.56 -12.14 -4.90
CA GLY A 27 1.44 -11.02 -5.82
C GLY A 27 0.45 -9.96 -5.33
N LYS A 28 0.06 -10.00 -4.05
CA LYS A 28 -0.95 -9.13 -3.46
C LYS A 28 -0.42 -7.70 -3.25
N TRP A 29 -1.27 -6.70 -3.42
CA TRP A 29 -0.95 -5.30 -3.17
C TRP A 29 -1.53 -4.87 -1.82
N ARG A 30 -0.70 -4.30 -0.94
CA ARG A 30 -1.12 -3.78 0.37
C ARG A 30 -0.87 -2.26 0.43
N ARG A 31 -1.74 -1.56 1.15
CA ARG A 31 -1.65 -0.11 1.41
C ARG A 31 -0.56 0.22 2.42
N LEU A 32 -0.03 1.44 2.33
CA LEU A 32 0.94 2.02 3.27
C LEU A 32 0.52 3.42 3.75
N CYS A 33 1.14 3.87 4.84
CA CYS A 33 0.97 5.22 5.39
C CYS A 33 1.50 6.29 4.44
N GLY A 34 0.83 7.45 4.36
CA GLY A 34 1.20 8.58 3.49
C GLY A 34 2.53 9.26 3.85
N ASN A 35 3.11 8.93 5.01
CA ASN A 35 4.45 9.36 5.43
C ASN A 35 5.59 8.45 4.91
N ILE A 36 5.27 7.36 4.19
CA ILE A 36 6.23 6.38 3.65
C ILE A 36 6.38 6.60 2.13
N ASP A 37 7.59 6.37 1.60
CA ASP A 37 7.94 6.55 0.19
C ASP A 37 8.48 5.25 -0.43
N PRO A 38 8.03 4.85 -1.63
CA PRO A 38 8.46 3.59 -2.25
C PRO A 38 9.94 3.53 -2.60
N SER A 39 10.67 4.66 -2.63
CA SER A 39 12.12 4.69 -2.82
C SER A 39 12.92 4.36 -1.54
N VAL A 40 12.27 4.19 -0.37
CA VAL A 40 12.92 3.75 0.90
C VAL A 40 12.41 2.38 1.40
N LEU A 41 11.90 1.53 0.50
CA LEU A 41 11.38 0.19 0.80
C LEU A 41 12.25 -0.95 0.21
N PRO A 42 12.23 -2.15 0.84
CA PRO A 42 13.08 -3.28 0.47
C PRO A 42 12.59 -3.97 -0.81
N ASP A 43 13.53 -4.59 -1.54
CA ASP A 43 13.26 -5.39 -2.74
C ASP A 43 12.60 -6.74 -2.46
N ASN A 44 12.67 -7.17 -1.21
CA ASN A 44 12.13 -8.41 -0.65
C ASN A 44 10.93 -8.13 0.28
N TRP A 45 10.29 -6.96 0.13
CA TRP A 45 9.04 -6.62 0.80
C TRP A 45 7.95 -7.70 0.60
N SER A 46 7.23 -8.07 1.65
CA SER A 46 6.17 -9.08 1.64
C SER A 46 5.02 -8.66 2.57
N CYS A 47 3.88 -9.37 2.53
CA CYS A 47 2.73 -9.10 3.41
C CYS A 47 3.13 -9.03 4.91
N ASP A 48 4.15 -9.80 5.33
CA ASP A 48 4.70 -9.80 6.70
C ASP A 48 5.37 -8.47 7.10
N GLN A 49 5.67 -7.60 6.14
CA GLN A 49 6.30 -6.29 6.30
C GLN A 49 5.29 -5.13 6.18
N ASN A 50 3.99 -5.43 6.24
CA ASN A 50 2.91 -4.44 6.13
C ASN A 50 2.72 -3.58 7.39
N THR A 51 2.18 -2.37 7.21
CA THR A 51 1.88 -1.40 8.28
C THR A 51 0.46 -1.52 8.83
N ASP A 52 -0.41 -2.27 8.17
CA ASP A 52 -1.81 -2.51 8.57
C ASP A 52 -2.02 -3.97 8.98
N VAL A 53 -2.37 -4.19 10.26
CA VAL A 53 -2.50 -5.54 10.87
C VAL A 53 -3.65 -6.37 10.29
N GLN A 54 -4.59 -5.70 9.62
CA GLN A 54 -5.73 -6.29 8.90
C GLN A 54 -5.32 -7.02 7.62
N TYR A 55 -4.11 -6.79 7.10
CA TYR A 55 -3.58 -7.43 5.89
C TYR A 55 -2.07 -7.75 5.99
N ASN A 56 -1.57 -7.98 7.21
CA ASN A 56 -0.14 -8.22 7.50
C ASN A 56 0.33 -9.68 7.33
N ARG A 57 -0.42 -10.50 6.58
CA ARG A 57 -0.16 -11.91 6.33
C ARG A 57 -0.53 -12.32 4.91
N CYS A 58 0.31 -13.17 4.33
CA CYS A 58 0.15 -13.79 3.01
C CYS A 58 -1.09 -14.71 2.88
N ASP A 59 -1.67 -15.12 4.00
CA ASP A 59 -2.85 -16.00 4.05
C ASP A 59 -4.15 -15.17 4.11
N ILE A 60 -4.02 -13.84 4.10
CA ILE A 60 -5.12 -12.88 4.07
C ILE A 60 -5.35 -12.43 2.62
N PRO A 61 -6.61 -12.45 2.15
CA PRO A 61 -6.97 -12.09 0.78
C PRO A 61 -6.65 -10.62 0.47
N GLU A 62 -6.55 -10.29 -0.81
CA GLU A 62 -6.40 -8.93 -1.32
C GLU A 62 -7.70 -8.13 -1.08
N GLU A 63 -7.58 -6.80 -0.92
CA GLU A 63 -8.67 -5.91 -0.51
C GLU A 63 -9.59 -5.55 -1.69
N THR A 64 -10.87 -5.23 -1.38
CA THR A 64 -11.89 -4.78 -2.35
C THR A 64 -11.71 -3.29 -2.66
N TRP A 65 -10.68 -2.96 -3.44
CA TRP A 65 -10.32 -1.60 -3.83
C TRP A 65 -11.12 -1.04 -5.03
N THR A 66 -12.15 -1.77 -5.46
CA THR A 66 -12.98 -1.52 -6.64
C THR A 66 -14.41 -1.16 -6.23
N GLY A 67 -14.85 0.05 -6.59
CA GLY A 67 -16.22 0.55 -6.34
C GLY A 67 -17.19 0.31 -7.50
N LEU A 68 -16.72 -0.24 -8.61
CA LEU A 68 -17.51 -0.52 -9.83
C LEU A 68 -18.30 -1.84 -9.64
N GLU A 69 -19.64 -1.74 -9.62
CA GLU A 69 -20.58 -2.87 -9.37
C GLU A 69 -20.96 -3.68 -10.62
N ALA B 1 10.14 -6.59 -5.34
CA ALA B 1 8.94 -5.93 -4.76
C ALA B 1 8.50 -4.77 -5.64
N ARG B 2 7.38 -4.91 -6.39
CA ARG B 2 6.83 -3.79 -7.17
C ARG B 2 6.16 -2.75 -6.26
N THR B 3 6.13 -1.52 -6.75
CA THR B 3 5.54 -0.34 -6.10
C THR B 3 4.75 0.48 -7.11
N GLN B 5 1.35 3.91 -7.07
CA GLN B 5 0.43 4.83 -6.39
C GLN B 5 -0.89 4.89 -7.16
N THR B 6 -2.01 4.95 -6.44
CA THR B 6 -3.35 5.14 -7.01
C THR B 6 -4.11 6.21 -6.22
N ALA B 7 -5.07 6.86 -6.88
CA ALA B 7 -5.96 7.85 -6.28
C ALA B 7 -7.29 7.20 -5.83
N ARG B 8 -7.77 7.59 -4.64
CA ARG B 8 -9.06 7.14 -4.11
C ARG B 8 -10.24 7.53 -5.02
N LYS B 9 -11.29 6.70 -5.02
CA LYS B 9 -12.51 6.87 -5.83
C LYS B 9 -13.70 6.13 -5.17
N SER B 10 -14.83 6.83 -5.00
CA SER B 10 -16.06 6.34 -4.35
C SER B 10 -16.78 5.24 -5.15
N GLY A 1 0.09 5.93 20.20
CA GLY A 1 -0.79 7.12 20.26
C GLY A 1 -0.74 7.91 18.96
N SER A 2 -0.71 9.24 19.03
CA SER A 2 -0.76 10.12 17.84
C SER A 2 0.58 10.20 17.10
N SER A 3 1.71 10.25 17.83
CA SER A 3 3.12 10.34 17.39
C SER A 3 3.52 11.54 16.50
N GLY A 4 2.56 12.27 15.92
CA GLY A 4 2.75 13.43 15.05
C GLY A 4 3.03 14.73 15.81
N SER A 5 3.92 14.70 16.79
CA SER A 5 4.33 15.84 17.63
C SER A 5 5.38 16.76 16.97
N SER A 6 5.77 16.46 15.73
CA SER A 6 6.75 17.20 14.91
C SER A 6 6.52 16.89 13.41
N GLY A 7 7.31 17.50 12.52
CA GLY A 7 7.20 17.29 11.06
C GLY A 7 7.54 15.86 10.67
N GLU A 8 6.64 15.23 9.90
CA GLU A 8 6.73 13.84 9.44
C GLU A 8 6.25 13.72 7.98
N ILE A 9 6.92 14.47 7.11
CA ILE A 9 6.63 14.61 5.67
C ILE A 9 7.94 14.50 4.89
N SER A 10 8.01 13.60 3.91
CA SER A 10 9.23 13.31 3.12
C SER A 10 9.28 14.07 1.78
N GLY A 11 8.37 15.03 1.57
CA GLY A 11 8.20 15.78 0.32
C GLY A 11 7.18 15.10 -0.58
N PHE A 12 7.67 14.37 -1.59
CA PHE A 12 6.87 13.55 -2.50
C PHE A 12 6.26 12.33 -1.79
N GLY A 13 5.25 11.70 -2.41
CA GLY A 13 4.65 10.44 -1.93
C GLY A 13 3.50 10.60 -0.93
N GLN A 14 2.85 11.76 -0.87
CA GLN A 14 1.68 12.02 -0.02
C GLN A 14 0.39 11.35 -0.54
N CYS A 15 0.41 10.84 -1.78
CA CYS A 15 -0.62 9.99 -2.37
C CYS A 15 -0.63 8.57 -1.74
N LEU A 16 -1.60 7.74 -2.12
CA LEU A 16 -1.74 6.37 -1.61
C LEU A 16 -0.71 5.46 -2.30
N VAL A 17 0.30 5.02 -1.54
CA VAL A 17 1.33 4.09 -1.99
C VAL A 17 0.85 2.66 -1.75
N TRP A 18 0.96 1.82 -2.80
CA TRP A 18 0.65 0.40 -2.76
C TRP A 18 1.92 -0.43 -3.03
N VAL A 19 2.06 -1.56 -2.33
CA VAL A 19 3.23 -2.45 -2.39
C VAL A 19 2.81 -3.88 -2.73
N GLN A 20 3.49 -4.49 -3.71
CA GLN A 20 3.27 -5.88 -4.08
C GLN A 20 4.20 -6.82 -3.30
N CYS A 21 3.62 -7.90 -2.75
CA CYS A 21 4.32 -8.98 -2.10
C CYS A 21 5.42 -9.59 -2.99
N SER A 22 6.61 -9.83 -2.41
CA SER A 22 7.76 -10.41 -3.12
C SER A 22 7.52 -11.88 -3.57
N PHE A 23 6.65 -12.62 -2.89
CA PHE A 23 6.32 -13.99 -3.28
C PHE A 23 5.41 -14.05 -4.53
N PRO A 24 5.74 -14.92 -5.50
CA PRO A 24 5.02 -15.03 -6.76
C PRO A 24 3.63 -15.69 -6.60
N ASN A 25 3.51 -16.62 -5.64
CA ASN A 25 2.23 -17.25 -5.26
C ASN A 25 1.31 -16.32 -4.43
N CYS A 26 1.79 -15.15 -4.05
CA CYS A 26 1.03 -14.07 -3.43
C CYS A 26 0.67 -13.03 -4.51
N GLY A 27 1.63 -12.17 -4.86
CA GLY A 27 1.46 -11.07 -5.80
C GLY A 27 0.45 -10.02 -5.31
N LYS A 28 0.11 -10.03 -4.03
CA LYS A 28 -0.93 -9.19 -3.43
C LYS A 28 -0.46 -7.75 -3.23
N TRP A 29 -1.36 -6.79 -3.41
CA TRP A 29 -1.10 -5.38 -3.18
C TRP A 29 -1.73 -4.94 -1.85
N ARG A 30 -0.90 -4.41 -0.95
CA ARG A 30 -1.32 -3.86 0.34
C ARG A 30 -1.12 -2.33 0.35
N ARG A 31 -1.99 -1.62 1.06
CA ARG A 31 -1.92 -0.16 1.28
C ARG A 31 -0.89 0.22 2.34
N LEU A 32 -0.36 1.44 2.24
CA LEU A 32 0.62 2.02 3.17
C LEU A 32 0.19 3.40 3.71
N CYS A 33 0.85 3.83 4.78
CA CYS A 33 0.76 5.17 5.36
C CYS A 33 1.39 6.24 4.43
N GLY A 34 0.90 7.48 4.50
CA GLY A 34 1.43 8.61 3.72
C GLY A 34 2.83 9.08 4.14
N ASN A 35 3.31 8.67 5.32
CA ASN A 35 4.68 8.91 5.80
C ASN A 35 5.67 7.82 5.34
N ILE A 36 5.41 7.18 4.19
CA ILE A 36 6.24 6.12 3.59
C ILE A 36 6.36 6.37 2.08
N ASP A 37 7.53 6.07 1.51
CA ASP A 37 7.85 6.31 0.10
C ASP A 37 8.45 5.04 -0.54
N PRO A 38 8.04 4.66 -1.76
CA PRO A 38 8.48 3.42 -2.38
C PRO A 38 9.98 3.37 -2.72
N SER A 39 10.69 4.51 -2.70
CA SER A 39 12.15 4.55 -2.84
C SER A 39 12.91 4.27 -1.53
N VAL A 40 12.22 4.12 -0.39
CA VAL A 40 12.83 3.71 0.91
C VAL A 40 12.34 2.34 1.41
N LEU A 41 11.77 1.51 0.52
CA LEU A 41 11.27 0.16 0.84
C LEU A 41 12.18 -0.96 0.26
N PRO A 42 12.20 -2.15 0.91
CA PRO A 42 13.08 -3.26 0.56
C PRO A 42 12.65 -3.97 -0.72
N ASP A 43 13.62 -4.50 -1.47
CA ASP A 43 13.38 -5.28 -2.70
C ASP A 43 12.72 -6.65 -2.43
N ASN A 44 12.70 -7.07 -1.16
CA ASN A 44 12.10 -8.32 -0.66
C ASN A 44 10.89 -8.06 0.26
N TRP A 45 10.27 -6.87 0.16
CA TRP A 45 9.01 -6.54 0.84
C TRP A 45 7.94 -7.63 0.63
N SER A 46 7.23 -7.99 1.69
CA SER A 46 6.18 -9.01 1.68
C SER A 46 5.04 -8.62 2.62
N CYS A 47 3.92 -9.33 2.57
CA CYS A 47 2.78 -9.10 3.46
C CYS A 47 3.18 -9.06 4.96
N ASP A 48 4.22 -9.82 5.37
CA ASP A 48 4.78 -9.84 6.73
C ASP A 48 5.44 -8.50 7.15
N GLN A 49 5.71 -7.61 6.19
CA GLN A 49 6.33 -6.30 6.36
C GLN A 49 5.30 -5.15 6.23
N ASN A 50 4.00 -5.47 6.26
CA ASN A 50 2.92 -4.48 6.22
C ASN A 50 2.74 -3.72 7.54
N THR A 51 2.25 -2.47 7.45
CA THR A 51 1.92 -1.62 8.61
C THR A 51 0.53 -1.89 9.19
N ASP A 52 -0.36 -2.52 8.41
CA ASP A 52 -1.75 -2.75 8.78
C ASP A 52 -1.98 -4.22 9.17
N VAL A 53 -2.35 -4.47 10.42
CA VAL A 53 -2.52 -5.81 11.02
C VAL A 53 -3.66 -6.62 10.39
N GLN A 54 -4.58 -5.93 9.71
CA GLN A 54 -5.69 -6.54 8.98
C GLN A 54 -5.22 -7.31 7.72
N TYR A 55 -4.00 -7.04 7.24
CA TYR A 55 -3.43 -7.68 6.03
C TYR A 55 -1.91 -7.95 6.16
N ASN A 56 -1.41 -8.12 7.38
CA ASN A 56 0.03 -8.29 7.68
C ASN A 56 0.55 -9.74 7.55
N ARG A 57 -0.16 -10.59 6.80
CA ARG A 57 0.17 -12.01 6.56
C ARG A 57 -0.17 -12.43 5.13
N CYS A 58 0.71 -13.25 4.55
CA CYS A 58 0.55 -13.88 3.25
C CYS A 58 -0.63 -14.88 3.14
N ASP A 59 -1.19 -15.29 4.28
CA ASP A 59 -2.32 -16.21 4.37
C ASP A 59 -3.66 -15.43 4.42
N ILE A 60 -3.59 -14.11 4.34
CA ILE A 60 -4.74 -13.20 4.29
C ILE A 60 -4.97 -12.78 2.83
N PRO A 61 -6.22 -12.89 2.34
CA PRO A 61 -6.59 -12.53 0.97
C PRO A 61 -6.34 -11.06 0.66
N GLU A 62 -6.26 -10.72 -0.63
CA GLU A 62 -6.08 -9.35 -1.09
C GLU A 62 -7.30 -8.48 -0.74
N GLU A 63 -7.06 -7.26 -0.23
CA GLU A 63 -8.10 -6.30 0.15
C GLU A 63 -8.91 -5.86 -1.09
N THR A 64 -10.23 -5.75 -0.91
CA THR A 64 -11.16 -5.23 -1.92
C THR A 64 -10.90 -3.75 -2.15
N TRP A 65 -10.63 -3.37 -3.40
CA TRP A 65 -10.25 -2.01 -3.82
C TRP A 65 -11.02 -1.52 -5.06
N THR A 66 -12.13 -2.19 -5.39
CA THR A 66 -12.94 -2.00 -6.61
C THR A 66 -14.41 -1.84 -6.26
N GLY A 67 -15.04 -0.81 -6.85
CA GLY A 67 -16.42 -0.38 -6.62
C GLY A 67 -17.25 -0.24 -7.90
N LEU A 68 -16.88 -0.98 -8.96
CA LEU A 68 -17.42 -0.83 -10.31
C LEU A 68 -17.57 -2.23 -10.95
N GLU A 69 -18.82 -2.60 -11.29
CA GLU A 69 -19.21 -3.94 -11.79
C GLU A 69 -18.68 -4.26 -13.20
N ALA B 1 10.32 -6.39 -5.31
CA ALA B 1 9.05 -5.88 -4.77
C ALA B 1 8.52 -4.74 -5.65
N ARG B 2 7.43 -4.95 -6.41
CA ARG B 2 6.80 -3.88 -7.21
C ARG B 2 6.07 -2.88 -6.32
N THR B 3 5.96 -1.65 -6.84
CA THR B 3 5.37 -0.47 -6.19
C THR B 3 4.60 0.34 -7.21
N GLN B 5 1.25 3.82 -7.24
CA GLN B 5 0.50 4.89 -6.57
C GLN B 5 -0.81 5.09 -7.33
N THR B 6 -1.95 4.75 -6.70
CA THR B 6 -3.28 4.68 -7.34
C THR B 6 -4.40 5.15 -6.40
N ALA B 7 -5.54 5.55 -6.97
CA ALA B 7 -6.66 6.18 -6.27
C ALA B 7 -7.21 5.38 -5.08
N ARG B 8 -7.72 6.08 -4.07
CA ARG B 8 -8.11 5.52 -2.76
C ARG B 8 -9.56 4.97 -2.70
N LYS B 9 -10.19 4.74 -3.86
CA LYS B 9 -11.58 4.30 -4.00
C LYS B 9 -11.86 2.96 -3.27
N SER B 10 -13.03 2.88 -2.61
CA SER B 10 -13.54 1.69 -1.88
C SER B 10 -13.76 0.48 -2.78
#